data_7IBE
# 
_entry.id   7IBE 
# 
_audit_conform.dict_name       mmcif_pdbx.dic 
_audit_conform.dict_version    5.408 
_audit_conform.dict_location   http://mmcif.pdb.org/dictionaries/ascii/mmcif_pdbx.dic 
# 
loop_
_database_2.database_id 
_database_2.database_code 
_database_2.pdbx_database_accession 
_database_2.pdbx_DOI 
PDB   7IBE         pdb_00007ibe 10.2210/pdb7ibe/pdb 
WWPDB D_1001408553 ?            ?                   
# 
loop_
_pdbx_audit_revision_history.ordinal 
_pdbx_audit_revision_history.data_content_type 
_pdbx_audit_revision_history.major_revision 
_pdbx_audit_revision_history.minor_revision 
_pdbx_audit_revision_history.revision_date 
_pdbx_audit_revision_history.part_number 
1 'Structure model' 1 0 2025-10-22 ? 
2 'Structure model' 1 1 2025-12-10 ? 
# 
_pdbx_audit_revision_details.ordinal             1 
_pdbx_audit_revision_details.revision_ordinal    1 
_pdbx_audit_revision_details.data_content_type   'Structure model' 
_pdbx_audit_revision_details.provider            repository 
_pdbx_audit_revision_details.type                'Initial release' 
_pdbx_audit_revision_details.description         ? 
_pdbx_audit_revision_details.details             ? 
# 
_pdbx_audit_revision_group.ordinal             1 
_pdbx_audit_revision_group.revision_ordinal    2 
_pdbx_audit_revision_group.data_content_type   'Structure model' 
_pdbx_audit_revision_group.group               'Database references' 
# 
_pdbx_audit_revision_category.ordinal             1 
_pdbx_audit_revision_category.revision_ordinal    2 
_pdbx_audit_revision_category.data_content_type   'Structure model' 
_pdbx_audit_revision_category.category            citation 
# 
loop_
_pdbx_audit_revision_item.ordinal 
_pdbx_audit_revision_item.revision_ordinal 
_pdbx_audit_revision_item.data_content_type 
_pdbx_audit_revision_item.item 
1 2 'Structure model' '_citation.journal_volume' 
2 2 'Structure model' '_citation.page_first'     
3 2 'Structure model' '_citation.page_last'      
# 
_pdbx_database_status.entry_id                        7IBE 
_pdbx_database_status.status_code                     REL 
_pdbx_database_status.status_code_sf                  REL 
_pdbx_database_status.status_code_mr                  ? 
_pdbx_database_status.status_code_cs                  ? 
_pdbx_database_status.recvd_initial_deposition_date   2025-05-27 
_pdbx_database_status.status_code_nmr_data            ? 
_pdbx_database_status.deposit_site                    RCSB 
_pdbx_database_status.process_site                    RCSB 
_pdbx_database_status.SG_entry                        ? 
_pdbx_database_status.pdb_format_compatible           N 
_pdbx_database_status.methods_development_category    ? 
# 
_pdbx_contact_author.id                 2 
_pdbx_contact_author.name_last          Weiss 
_pdbx_contact_author.name_first         Manfred 
_pdbx_contact_author.name_mi            S. 
_pdbx_contact_author.email              manfred.weiss@helmholtz-berlin.de 
_pdbx_contact_author.identifier_ORCID   0000-0002-2362-7047 
_pdbx_contact_author.role               'principal investigator/group leader' 
# 
loop_
_audit_author.pdbx_ordinal 
_audit_author.name 
_audit_author.identifier_ORCID 
1 'Lennartz, F.' 0000-0001-5617-5502 
2 'Weiss, M.S.'  0000-0002-2362-7047 
# 
_citation.id                        primary 
_citation.title                     
;Crystallographic fragment screening against SARS-CoV-2 nonstructural protein 1 using the F2X-Entry Screen and a newly developed fragment library.
;
_citation.journal_abbrev            'Acta Crystallogr D Struct Biol' 
_citation.journal_volume            81 
_citation.page_first                630 
_citation.page_last                 645 
_citation.year                      2025 
_citation.journal_id_ASTM           ? 
_citation.country                   ? 
_citation.journal_id_ISSN           2059-7983 
_citation.journal_id_CSD            ? 
_citation.book_publisher            ? 
_citation.pdbx_database_id_PubMed   41081353 
_citation.pdbx_database_id_DOI      10.1107/S2059798325008563 
# 
loop_
_citation_author.ordinal 
_citation_author.citation_id 
_citation_author.name 
_citation_author.identifier_ORCID 
1  primary 'Lennartz, F.'    ?                   
2  primary 'Wollenhaupt, J.' 0000-0002-3418-5213 
3  primary 'Oelker, M.'      0000-0001-7301-8445 
4  primary 'Froling, P.'     ?                   
5  primary 'Mueller, U.'     0000-0002-7139-0718 
6  primary 'Deckers, A.'     ?                   
7  primary 'Grathwol, C.'    ?                   
8  primary 'Brase, S.'       ?                   
9  primary 'Jung, N.'        0000-0001-9513-2468 
10 primary 'Weiss, M.S.'     0000-0002-2362-7047 
# 
loop_
_entity.id 
_entity.type 
_entity.src_method 
_entity.pdbx_description 
_entity.formula_weight 
_entity.pdbx_number_of_molecules 
_entity.pdbx_ec 
_entity.pdbx_mutation 
_entity.pdbx_fragment 
_entity.details 
1 polymer     man 'Host translation inhibitor nsp1'                          12863.854 1  ? ? ? ? 
2 non-polymer syn '2,2,2-trifluoro-1-(1-methyl-1H-imidazol-2-yl)ethan-1-one' 178.112   1  ? ? ? ? 
3 water       nat water                                                      18.015    81 ? ? ? ? 
# 
_entity_name_com.entity_id   1 
_entity_name_com.name        'Leader protein,Non-structural protein 1,nsp1' 
# 
_entity_poly.entity_id                      1 
_entity_poly.type                           'polypeptide(L)' 
_entity_poly.nstd_linkage                   no 
_entity_poly.nstd_monomer                   no 
_entity_poly.pdbx_seq_one_letter_code       
;EKTHVQLSLPVLQVRDVLVRGFGDSVEEVLSEARQHLKDGTCGLVEVEKGVLPQLEQPYVFIKRSDARTAPHGHVMVELV
AELEGIQYGRSGETLGVLVPHVGEIPVAYRKVLLRK
;
_entity_poly.pdbx_seq_one_letter_code_can   
;EKTHVQLSLPVLQVRDVLVRGFGDSVEEVLSEARQHLKDGTCGLVEVEKGVLPQLEQPYVFIKRSDARTAPHGHVMVELV
AELEGIQYGRSGETLGVLVPHVGEIPVAYRKVLLRK
;
_entity_poly.pdbx_strand_id                 A 
_entity_poly.pdbx_target_identifier         ? 
# 
loop_
_pdbx_entity_nonpoly.entity_id 
_pdbx_entity_nonpoly.name 
_pdbx_entity_nonpoly.comp_id 
2 '2,2,2-trifluoro-1-(1-methyl-1H-imidazol-2-yl)ethan-1-one' A1CRB 
3 water                                                      HOH   
# 
loop_
_entity_poly_seq.entity_id 
_entity_poly_seq.num 
_entity_poly_seq.mon_id 
_entity_poly_seq.hetero 
1 1   GLU n 
1 2   LYS n 
1 3   THR n 
1 4   HIS n 
1 5   VAL n 
1 6   GLN n 
1 7   LEU n 
1 8   SER n 
1 9   LEU n 
1 10  PRO n 
1 11  VAL n 
1 12  LEU n 
1 13  GLN n 
1 14  VAL n 
1 15  ARG n 
1 16  ASP n 
1 17  VAL n 
1 18  LEU n 
1 19  VAL n 
1 20  ARG n 
1 21  GLY n 
1 22  PHE n 
1 23  GLY n 
1 24  ASP n 
1 25  SER n 
1 26  VAL n 
1 27  GLU n 
1 28  GLU n 
1 29  VAL n 
1 30  LEU n 
1 31  SER n 
1 32  GLU n 
1 33  ALA n 
1 34  ARG n 
1 35  GLN n 
1 36  HIS n 
1 37  LEU n 
1 38  LYS n 
1 39  ASP n 
1 40  GLY n 
1 41  THR n 
1 42  CYS n 
1 43  GLY n 
1 44  LEU n 
1 45  VAL n 
1 46  GLU n 
1 47  VAL n 
1 48  GLU n 
1 49  LYS n 
1 50  GLY n 
1 51  VAL n 
1 52  LEU n 
1 53  PRO n 
1 54  GLN n 
1 55  LEU n 
1 56  GLU n 
1 57  GLN n 
1 58  PRO n 
1 59  TYR n 
1 60  VAL n 
1 61  PHE n 
1 62  ILE n 
1 63  LYS n 
1 64  ARG n 
1 65  SER n 
1 66  ASP n 
1 67  ALA n 
1 68  ARG n 
1 69  THR n 
1 70  ALA n 
1 71  PRO n 
1 72  HIS n 
1 73  GLY n 
1 74  HIS n 
1 75  VAL n 
1 76  MET n 
1 77  VAL n 
1 78  GLU n 
1 79  LEU n 
1 80  VAL n 
1 81  ALA n 
1 82  GLU n 
1 83  LEU n 
1 84  GLU n 
1 85  GLY n 
1 86  ILE n 
1 87  GLN n 
1 88  TYR n 
1 89  GLY n 
1 90  ARG n 
1 91  SER n 
1 92  GLY n 
1 93  GLU n 
1 94  THR n 
1 95  LEU n 
1 96  GLY n 
1 97  VAL n 
1 98  LEU n 
1 99  VAL n 
1 100 PRO n 
1 101 HIS n 
1 102 VAL n 
1 103 GLY n 
1 104 GLU n 
1 105 ILE n 
1 106 PRO n 
1 107 VAL n 
1 108 ALA n 
1 109 TYR n 
1 110 ARG n 
1 111 LYS n 
1 112 VAL n 
1 113 LEU n 
1 114 LEU n 
1 115 ARG n 
1 116 LYS n 
# 
_entity_src_gen.entity_id                          1 
_entity_src_gen.pdbx_src_id                        1 
_entity_src_gen.pdbx_alt_source_flag               sample 
_entity_src_gen.pdbx_seq_type                      'Biological sequence' 
_entity_src_gen.pdbx_beg_seq_num                   1 
_entity_src_gen.pdbx_end_seq_num                   116 
_entity_src_gen.gene_src_common_name               ? 
_entity_src_gen.gene_src_genus                     ? 
_entity_src_gen.pdbx_gene_src_gene                 'rep, 1a-1b' 
_entity_src_gen.gene_src_species                   ? 
_entity_src_gen.gene_src_strain                    ? 
_entity_src_gen.gene_src_tissue                    ? 
_entity_src_gen.gene_src_tissue_fraction           ? 
_entity_src_gen.gene_src_details                   ? 
_entity_src_gen.pdbx_gene_src_fragment             ? 
_entity_src_gen.pdbx_gene_src_scientific_name      'Severe acute respiratory syndrome coronavirus 2' 
_entity_src_gen.pdbx_gene_src_ncbi_taxonomy_id     2697049 
_entity_src_gen.pdbx_gene_src_variant              ? 
_entity_src_gen.pdbx_gene_src_cell_line            ? 
_entity_src_gen.pdbx_gene_src_atcc                 ? 
_entity_src_gen.pdbx_gene_src_organ                ? 
_entity_src_gen.pdbx_gene_src_organelle            ? 
_entity_src_gen.pdbx_gene_src_cell                 ? 
_entity_src_gen.pdbx_gene_src_cellular_location    ? 
_entity_src_gen.host_org_common_name               ? 
_entity_src_gen.pdbx_host_org_scientific_name      'Escherichia coli BL21(DE3)' 
_entity_src_gen.pdbx_host_org_ncbi_taxonomy_id     469008 
_entity_src_gen.host_org_genus                     ? 
_entity_src_gen.pdbx_host_org_gene                 ? 
_entity_src_gen.pdbx_host_org_organ                ? 
_entity_src_gen.host_org_species                   ? 
_entity_src_gen.pdbx_host_org_tissue               ? 
_entity_src_gen.pdbx_host_org_tissue_fraction      ? 
_entity_src_gen.pdbx_host_org_strain               ? 
_entity_src_gen.pdbx_host_org_variant              ? 
_entity_src_gen.pdbx_host_org_cell_line            ? 
_entity_src_gen.pdbx_host_org_atcc                 ? 
_entity_src_gen.pdbx_host_org_culture_collection   ? 
_entity_src_gen.pdbx_host_org_cell                 ? 
_entity_src_gen.pdbx_host_org_organelle            ? 
_entity_src_gen.pdbx_host_org_cellular_location    ? 
_entity_src_gen.pdbx_host_org_vector_type          plasmid 
_entity_src_gen.pdbx_host_org_vector               ? 
_entity_src_gen.host_org_details                   ? 
_entity_src_gen.expression_system_id               ? 
_entity_src_gen.plasmid_name                       pET15b 
_entity_src_gen.plasmid_details                    ? 
_entity_src_gen.pdbx_description                   ? 
# 
loop_
_chem_comp.id 
_chem_comp.type 
_chem_comp.mon_nstd_flag 
_chem_comp.name 
_chem_comp.pdbx_synonyms 
_chem_comp.formula 
_chem_comp.formula_weight 
A1CRB non-polymer         . '2,2,2-trifluoro-1-(1-methyl-1H-imidazol-2-yl)ethan-1-one' ? 'C6 H5 F3 N2 O'  178.112 
ALA   'L-peptide linking' y ALANINE                                                    ? 'C3 H7 N O2'     89.093  
ARG   'L-peptide linking' y ARGININE                                                   ? 'C6 H15 N4 O2 1' 175.209 
ASP   'L-peptide linking' y 'ASPARTIC ACID'                                            ? 'C4 H7 N O4'     133.103 
CYS   'L-peptide linking' y CYSTEINE                                                   ? 'C3 H7 N O2 S'   121.158 
GLN   'L-peptide linking' y GLUTAMINE                                                  ? 'C5 H10 N2 O3'   146.144 
GLU   'L-peptide linking' y 'GLUTAMIC ACID'                                            ? 'C5 H9 N O4'     147.129 
GLY   'peptide linking'   y GLYCINE                                                    ? 'C2 H5 N O2'     75.067  
HIS   'L-peptide linking' y HISTIDINE                                                  ? 'C6 H10 N3 O2 1' 156.162 
HOH   non-polymer         . WATER                                                      ? 'H2 O'           18.015  
ILE   'L-peptide linking' y ISOLEUCINE                                                 ? 'C6 H13 N O2'    131.173 
LEU   'L-peptide linking' y LEUCINE                                                    ? 'C6 H13 N O2'    131.173 
LYS   'L-peptide linking' y LYSINE                                                     ? 'C6 H15 N2 O2 1' 147.195 
MET   'L-peptide linking' y METHIONINE                                                 ? 'C5 H11 N O2 S'  149.211 
PHE   'L-peptide linking' y PHENYLALANINE                                              ? 'C9 H11 N O2'    165.189 
PRO   'L-peptide linking' y PROLINE                                                    ? 'C5 H9 N O2'     115.130 
SER   'L-peptide linking' y SERINE                                                     ? 'C3 H7 N O3'     105.093 
THR   'L-peptide linking' y THREONINE                                                  ? 'C4 H9 N O3'     119.119 
TYR   'L-peptide linking' y TYROSINE                                                   ? 'C9 H11 N O3'    181.189 
VAL   'L-peptide linking' y VALINE                                                     ? 'C5 H11 N O2'    117.146 
# 
loop_
_pdbx_poly_seq_scheme.asym_id 
_pdbx_poly_seq_scheme.entity_id 
_pdbx_poly_seq_scheme.seq_id 
_pdbx_poly_seq_scheme.mon_id 
_pdbx_poly_seq_scheme.ndb_seq_num 
_pdbx_poly_seq_scheme.pdb_seq_num 
_pdbx_poly_seq_scheme.auth_seq_num 
_pdbx_poly_seq_scheme.pdb_mon_id 
_pdbx_poly_seq_scheme.auth_mon_id 
_pdbx_poly_seq_scheme.pdb_strand_id 
_pdbx_poly_seq_scheme.pdb_ins_code 
_pdbx_poly_seq_scheme.hetero 
A 1 1   GLU 1   10  ?   ?   ?   A . n 
A 1 2   LYS 2   11  11  LYS LYS A . n 
A 1 3   THR 3   12  12  THR THR A . n 
A 1 4   HIS 4   13  13  HIS HIS A . n 
A 1 5   VAL 5   14  14  VAL VAL A . n 
A 1 6   GLN 6   15  15  GLN GLN A . n 
A 1 7   LEU 7   16  16  LEU LEU A . n 
A 1 8   SER 8   17  17  SER SER A . n 
A 1 9   LEU 9   18  18  LEU LEU A . n 
A 1 10  PRO 10  19  19  PRO PRO A . n 
A 1 11  VAL 11  20  20  VAL VAL A . n 
A 1 12  LEU 12  21  21  LEU LEU A . n 
A 1 13  GLN 13  22  22  GLN GLN A . n 
A 1 14  VAL 14  23  23  VAL VAL A . n 
A 1 15  ARG 15  24  24  ARG ARG A . n 
A 1 16  ASP 16  25  25  ASP ASP A . n 
A 1 17  VAL 17  26  26  VAL VAL A . n 
A 1 18  LEU 18  27  27  LEU LEU A . n 
A 1 19  VAL 19  28  28  VAL VAL A . n 
A 1 20  ARG 20  29  29  ARG ARG A . n 
A 1 21  GLY 21  30  30  GLY GLY A . n 
A 1 22  PHE 22  31  31  PHE PHE A . n 
A 1 23  GLY 23  32  32  GLY GLY A . n 
A 1 24  ASP 24  33  33  ASP ASP A . n 
A 1 25  SER 25  34  34  SER SER A . n 
A 1 26  VAL 26  35  35  VAL VAL A . n 
A 1 27  GLU 27  36  36  GLU GLU A . n 
A 1 28  GLU 28  37  37  GLU GLU A . n 
A 1 29  VAL 29  38  38  VAL VAL A . n 
A 1 30  LEU 30  39  39  LEU LEU A . n 
A 1 31  SER 31  40  40  SER SER A . n 
A 1 32  GLU 32  41  41  GLU GLU A . n 
A 1 33  ALA 33  42  42  ALA ALA A . n 
A 1 34  ARG 34  43  43  ARG ARG A . n 
A 1 35  GLN 35  44  44  GLN GLN A . n 
A 1 36  HIS 36  45  45  HIS HIS A . n 
A 1 37  LEU 37  46  46  LEU LEU A . n 
A 1 38  LYS 38  47  47  LYS LYS A . n 
A 1 39  ASP 39  48  48  ASP ASP A . n 
A 1 40  GLY 40  49  49  GLY GLY A . n 
A 1 41  THR 41  50  50  THR THR A . n 
A 1 42  CYS 42  51  51  CYS CYS A . n 
A 1 43  GLY 43  52  52  GLY GLY A . n 
A 1 44  LEU 44  53  53  LEU LEU A . n 
A 1 45  VAL 45  54  54  VAL VAL A . n 
A 1 46  GLU 46  55  55  GLU GLU A . n 
A 1 47  VAL 47  56  56  VAL VAL A . n 
A 1 48  GLU 48  57  57  GLU GLU A . n 
A 1 49  LYS 49  58  58  LYS LYS A . n 
A 1 50  GLY 50  59  59  GLY GLY A . n 
A 1 51  VAL 51  60  60  VAL VAL A . n 
A 1 52  LEU 52  61  61  LEU LEU A . n 
A 1 53  PRO 53  62  62  PRO PRO A . n 
A 1 54  GLN 54  63  63  GLN GLN A . n 
A 1 55  LEU 55  64  64  LEU LEU A . n 
A 1 56  GLU 56  65  65  GLU GLU A . n 
A 1 57  GLN 57  66  66  GLN GLN A . n 
A 1 58  PRO 58  67  67  PRO PRO A . n 
A 1 59  TYR 59  68  68  TYR TYR A . n 
A 1 60  VAL 60  69  69  VAL VAL A . n 
A 1 61  PHE 61  70  70  PHE PHE A . n 
A 1 62  ILE 62  71  71  ILE ILE A . n 
A 1 63  LYS 63  72  72  LYS LYS A . n 
A 1 64  ARG 64  73  73  ARG ARG A . n 
A 1 65  SER 65  74  74  SER SER A . n 
A 1 66  ASP 66  75  75  ASP ASP A . n 
A 1 67  ALA 67  76  76  ALA ALA A . n 
A 1 68  ARG 68  77  ?   ?   ?   A . n 
A 1 69  THR 69  78  ?   ?   ?   A . n 
A 1 70  ALA 70  79  79  ALA ALA A . n 
A 1 71  PRO 71  80  80  PRO PRO A . n 
A 1 72  HIS 72  81  81  HIS HIS A . n 
A 1 73  GLY 73  82  82  GLY GLY A . n 
A 1 74  HIS 74  83  83  HIS HIS A . n 
A 1 75  VAL 75  84  84  VAL VAL A . n 
A 1 76  MET 76  85  85  MET MET A . n 
A 1 77  VAL 77  86  86  VAL VAL A . n 
A 1 78  GLU 78  87  87  GLU GLU A . n 
A 1 79  LEU 79  88  88  LEU LEU A . n 
A 1 80  VAL 80  89  89  VAL VAL A . n 
A 1 81  ALA 81  90  90  ALA ALA A . n 
A 1 82  GLU 82  91  91  GLU GLU A . n 
A 1 83  LEU 83  92  92  LEU LEU A . n 
A 1 84  GLU 84  93  93  GLU GLU A . n 
A 1 85  GLY 85  94  94  GLY GLY A . n 
A 1 86  ILE 86  95  95  ILE ILE A . n 
A 1 87  GLN 87  96  96  GLN GLN A . n 
A 1 88  TYR 88  97  97  TYR TYR A . n 
A 1 89  GLY 89  98  98  GLY GLY A . n 
A 1 90  ARG 90  99  99  ARG ARG A . n 
A 1 91  SER 91  100 100 SER SER A . n 
A 1 92  GLY 92  101 101 GLY GLY A . n 
A 1 93  GLU 93  102 102 GLU GLU A . n 
A 1 94  THR 94  103 103 THR THR A . n 
A 1 95  LEU 95  104 104 LEU LEU A . n 
A 1 96  GLY 96  105 105 GLY GLY A . n 
A 1 97  VAL 97  106 106 VAL VAL A . n 
A 1 98  LEU 98  107 107 LEU LEU A . n 
A 1 99  VAL 99  108 108 VAL VAL A . n 
A 1 100 PRO 100 109 109 PRO PRO A . n 
A 1 101 HIS 101 110 110 HIS HIS A . n 
A 1 102 VAL 102 111 111 VAL VAL A . n 
A 1 103 GLY 103 112 112 GLY GLY A . n 
A 1 104 GLU 104 113 113 GLU GLU A . n 
A 1 105 ILE 105 114 114 ILE ILE A . n 
A 1 106 PRO 106 115 115 PRO PRO A . n 
A 1 107 VAL 107 116 116 VAL VAL A . n 
A 1 108 ALA 108 117 117 ALA ALA A . n 
A 1 109 TYR 109 118 118 TYR TYR A . n 
A 1 110 ARG 110 119 119 ARG ARG A . n 
A 1 111 LYS 111 120 120 LYS LYS A . n 
A 1 112 VAL 112 121 121 VAL VAL A . n 
A 1 113 LEU 113 122 122 LEU LEU A . n 
A 1 114 LEU 114 123 123 LEU LEU A . n 
A 1 115 ARG 115 124 124 ARG ARG A . n 
A 1 116 LYS 116 125 125 LYS LYS A . n 
# 
_pdbx_entity_instance_feature.ordinal        1 
_pdbx_entity_instance_feature.comp_id        A1CRB 
_pdbx_entity_instance_feature.asym_id        ? 
_pdbx_entity_instance_feature.seq_num        ? 
_pdbx_entity_instance_feature.auth_comp_id   A1CRB 
_pdbx_entity_instance_feature.auth_asym_id   ? 
_pdbx_entity_instance_feature.auth_seq_num   ? 
_pdbx_entity_instance_feature.feature_type   'SUBJECT OF INVESTIGATION' 
_pdbx_entity_instance_feature.details        ? 
# 
loop_
_pdbx_nonpoly_scheme.asym_id 
_pdbx_nonpoly_scheme.entity_id 
_pdbx_nonpoly_scheme.mon_id 
_pdbx_nonpoly_scheme.ndb_seq_num 
_pdbx_nonpoly_scheme.pdb_seq_num 
_pdbx_nonpoly_scheme.auth_seq_num 
_pdbx_nonpoly_scheme.pdb_mon_id 
_pdbx_nonpoly_scheme.auth_mon_id 
_pdbx_nonpoly_scheme.pdb_strand_id 
_pdbx_nonpoly_scheme.pdb_ins_code 
B 2 A1CRB 1  201 210 A1CRB LIG A . 
C 3 HOH   1  301 42  HOH   HOH A . 
C 3 HOH   2  302 68  HOH   HOH A . 
C 3 HOH   3  303 66  HOH   HOH A . 
C 3 HOH   4  304 72  HOH   HOH A . 
C 3 HOH   5  305 30  HOH   HOH A . 
C 3 HOH   6  306 16  HOH   HOH A . 
C 3 HOH   7  307 44  HOH   HOH A . 
C 3 HOH   8  308 56  HOH   HOH A . 
C 3 HOH   9  309 28  HOH   HOH A . 
C 3 HOH   10 310 43  HOH   HOH A . 
C 3 HOH   11 311 19  HOH   HOH A . 
C 3 HOH   12 312 40  HOH   HOH A . 
C 3 HOH   13 313 35  HOH   HOH A . 
C 3 HOH   14 314 37  HOH   HOH A . 
C 3 HOH   15 315 25  HOH   HOH A . 
C 3 HOH   16 316 46  HOH   HOH A . 
C 3 HOH   17 317 6   HOH   HOH A . 
C 3 HOH   18 318 73  HOH   HOH A . 
C 3 HOH   19 319 76  HOH   HOH A . 
C 3 HOH   20 320 15  HOH   HOH A . 
C 3 HOH   21 321 64  HOH   HOH A . 
C 3 HOH   22 322 3   HOH   HOH A . 
C 3 HOH   23 323 55  HOH   HOH A . 
C 3 HOH   24 324 77  HOH   HOH A . 
C 3 HOH   25 325 26  HOH   HOH A . 
C 3 HOH   26 326 36  HOH   HOH A . 
C 3 HOH   27 327 78  HOH   HOH A . 
C 3 HOH   28 328 9   HOH   HOH A . 
C 3 HOH   29 329 50  HOH   HOH A . 
C 3 HOH   30 330 17  HOH   HOH A . 
C 3 HOH   31 331 10  HOH   HOH A . 
C 3 HOH   32 332 80  HOH   HOH A . 
C 3 HOH   33 333 21  HOH   HOH A . 
C 3 HOH   34 334 23  HOH   HOH A . 
C 3 HOH   35 335 1   HOH   HOH A . 
C 3 HOH   36 336 18  HOH   HOH A . 
C 3 HOH   37 337 12  HOH   HOH A . 
C 3 HOH   38 338 69  HOH   HOH A . 
C 3 HOH   39 339 22  HOH   HOH A . 
C 3 HOH   40 340 48  HOH   HOH A . 
C 3 HOH   41 341 20  HOH   HOH A . 
C 3 HOH   42 342 74  HOH   HOH A . 
C 3 HOH   43 343 51  HOH   HOH A . 
C 3 HOH   44 344 2   HOH   HOH A . 
C 3 HOH   45 345 14  HOH   HOH A . 
C 3 HOH   46 346 7   HOH   HOH A . 
C 3 HOH   47 347 24  HOH   HOH A . 
C 3 HOH   48 348 8   HOH   HOH A . 
C 3 HOH   49 349 13  HOH   HOH A . 
C 3 HOH   50 350 4   HOH   HOH A . 
C 3 HOH   51 351 27  HOH   HOH A . 
C 3 HOH   52 352 45  HOH   HOH A . 
C 3 HOH   53 353 29  HOH   HOH A . 
C 3 HOH   54 354 33  HOH   HOH A . 
C 3 HOH   55 355 39  HOH   HOH A . 
C 3 HOH   56 356 60  HOH   HOH A . 
C 3 HOH   57 357 57  HOH   HOH A . 
C 3 HOH   58 358 49  HOH   HOH A . 
C 3 HOH   59 359 81  HOH   HOH A . 
C 3 HOH   60 360 11  HOH   HOH A . 
C 3 HOH   61 361 53  HOH   HOH A . 
C 3 HOH   62 362 52  HOH   HOH A . 
C 3 HOH   63 363 32  HOH   HOH A . 
C 3 HOH   64 364 5   HOH   HOH A . 
C 3 HOH   65 365 58  HOH   HOH A . 
C 3 HOH   66 366 34  HOH   HOH A . 
C 3 HOH   67 367 47  HOH   HOH A . 
C 3 HOH   68 368 31  HOH   HOH A . 
C 3 HOH   69 369 71  HOH   HOH A . 
C 3 HOH   70 370 79  HOH   HOH A . 
C 3 HOH   71 371 65  HOH   HOH A . 
C 3 HOH   72 372 67  HOH   HOH A . 
C 3 HOH   73 373 41  HOH   HOH A . 
C 3 HOH   74 374 62  HOH   HOH A . 
C 3 HOH   75 375 38  HOH   HOH A . 
C 3 HOH   76 376 63  HOH   HOH A . 
C 3 HOH   77 377 61  HOH   HOH A . 
C 3 HOH   78 378 59  HOH   HOH A . 
C 3 HOH   79 379 70  HOH   HOH A . 
C 3 HOH   80 380 54  HOH   HOH A . 
C 3 HOH   81 381 75  HOH   HOH A . 
# 
loop_
_pdbx_unobs_or_zero_occ_atoms.id 
_pdbx_unobs_or_zero_occ_atoms.PDB_model_num 
_pdbx_unobs_or_zero_occ_atoms.polymer_flag 
_pdbx_unobs_or_zero_occ_atoms.occupancy_flag 
_pdbx_unobs_or_zero_occ_atoms.auth_asym_id 
_pdbx_unobs_or_zero_occ_atoms.auth_comp_id 
_pdbx_unobs_or_zero_occ_atoms.auth_seq_id 
_pdbx_unobs_or_zero_occ_atoms.PDB_ins_code 
_pdbx_unobs_or_zero_occ_atoms.auth_atom_id 
_pdbx_unobs_or_zero_occ_atoms.label_alt_id 
_pdbx_unobs_or_zero_occ_atoms.label_asym_id 
_pdbx_unobs_or_zero_occ_atoms.label_comp_id 
_pdbx_unobs_or_zero_occ_atoms.label_seq_id 
_pdbx_unobs_or_zero_occ_atoms.label_atom_id 
1 1 Y 1 A LYS 125 ? CG ? A LYS 116 CG 
2 1 Y 1 A LYS 125 ? CD ? A LYS 116 CD 
3 1 Y 1 A LYS 125 ? CE ? A LYS 116 CE 
4 1 Y 1 A LYS 125 ? NZ ? A LYS 116 NZ 
# 
loop_
_software.classification 
_software.name 
_software.version 
_software.citation_id 
_software.pdbx_ordinal 
refinement       REFMAC 5.8.0267 ? 1 
phasing          PHASER .        ? 2 
'data scaling'   XDS    .        ? 3 
'data reduction' XDS    .        ? 4 
# 
_cell.entry_id           7IBE 
_cell.length_a           36.700 
_cell.length_b           36.700 
_cell.length_c           142.200 
_cell.angle_alpha        90.00 
_cell.angle_beta         90.00 
_cell.angle_gamma        90.00 
_cell.Z_PDB              8 
_cell.pdbx_unique_axis   ? 
# 
_symmetry.entry_id                         7IBE 
_symmetry.space_group_name_H-M             'P 43 21 2' 
_symmetry.pdbx_full_space_group_name_H-M   ? 
_symmetry.cell_setting                     ? 
_symmetry.Int_Tables_number                96 
# 
_exptl.entry_id          7IBE 
_exptl.method            'X-RAY DIFFRACTION' 
_exptl.crystals_number   1 
# 
_exptl_crystal.id                    1 
_exptl_crystal.density_Matthews      1.86 
_exptl_crystal.density_percent_sol   34.05 
_exptl_crystal.density_meas          ? 
_exptl_crystal.description           ? 
# 
_exptl_crystal_grow.crystal_id      1 
_exptl_crystal_grow.method          'VAPOR DIFFUSION, SITTING DROP' 
_exptl_crystal_grow.pdbx_details    '0.1 M HEPES pH 7.5 and 25% (w/v) PEG 3350. Reproducibility was improved by seeding.' 
_exptl_crystal_grow.temp            293 
_exptl_crystal_grow.pH              7.5 
_exptl_crystal_grow.temp_details    ? 
_exptl_crystal_grow.pdbx_pH_range   ? 
# 
_diffrn.id                     1 
_diffrn.ambient_temp           100 
_diffrn.crystal_id             1 
_diffrn.ambient_temp_details   ? 
# 
_diffrn_detector.diffrn_id              1 
_diffrn_detector.detector               PIXEL 
_diffrn_detector.pdbx_collection_date   2023-05-02 
_diffrn_detector.type                   'DECTRIS PILATUS3 6M' 
_diffrn_detector.id                     1 
_diffrn_detector.details                ? 
# 
_diffrn_radiation.diffrn_id                        1 
_diffrn_radiation.pdbx_diffrn_protocol             'SINGLE WAVELENGTH' 
_diffrn_radiation.pdbx_monochromatic_or_laue_m_l   M 
_diffrn_radiation.pdbx_scattering_type             x-ray 
_diffrn_radiation.wavelength_id                    1 
_diffrn_radiation.monochromator                    ? 
# 
_diffrn_radiation_wavelength.id           1 
_diffrn_radiation_wavelength.wavelength   0.9184 
_diffrn_radiation_wavelength.wt           1.0 
# 
_diffrn_source.diffrn_id                   1 
_diffrn_source.pdbx_wavelength_list        0.9184 
_diffrn_source.source                      SYNCHROTRON 
_diffrn_source.type                        'BESSY BEAMLINE 14.1' 
_diffrn_source.pdbx_synchrotron_site       BESSY 
_diffrn_source.pdbx_synchrotron_beamline   14.1 
_diffrn_source.pdbx_wavelength             ? 
# 
_reflns.entry_id                     7IBE 
_reflns.pdbx_diffrn_id               1 
_reflns.pdbx_ordinal                 1 
_reflns.d_resolution_low             35.55 
_reflns.d_resolution_high            1.68 
_reflns.number_obs                   11858 
_reflns.percent_possible_obs         100.0 
_reflns.pdbx_Rmerge_I_obs            0.063 
_reflns.pdbx_netI_over_sigmaI        20.97 
_reflns.pdbx_Rrim_I_all              0.065 
_reflns.pdbx_CC_half                 1.0 
_reflns.pdbx_number_measured_all     145861 
_reflns.observed_criterion_sigma_I   ? 
_reflns.observed_criterion_sigma_F   ? 
_reflns.number_all                   ? 
_reflns.pdbx_Rsym_value              ? 
_reflns.B_iso_Wilson_estimate        ? 
_reflns.pdbx_redundancy              ? 
# 
loop_
_reflns_shell.pdbx_diffrn_id 
_reflns_shell.pdbx_ordinal 
_reflns_shell.d_res_high 
_reflns_shell.d_res_low 
_reflns_shell.number_measured_obs 
_reflns_shell.number_unique_obs 
_reflns_shell.Rmerge_I_obs 
_reflns_shell.percent_possible_obs 
_reflns_shell.pdbx_netI_over_sigmaI_obs 
_reflns_shell.pdbx_Rrim_I_all 
_reflns_shell.pdbx_CC_half 
_reflns_shell.percent_possible_all 
_reflns_shell.pdbx_Rsym_value 
_reflns_shell.meanI_over_sigI_obs 
_reflns_shell.pdbx_redundancy 
1 1 1.68 1.78 23589 1856 2.293               99.9  1.04  2.3890000000000002   0.504              ? ? ? ? 
1 2 1.78 1.9  20769 1741 1.188               100.0 2.02  1.2409999999999999   0.774              ? ? ? ? 
1 3 1.90 2.06 21277 1636 0.561               100.0 4.56  0.584                0.937              ? ? ? ? 
1 4 2.06 2.25 19311 1517 0.287               100.0 8.93  0.3                  0.98               ? ? ? ? 
1 5 2.25 2.52 16674 1384 0.175               100.0 13.80 0.183                0.9940000000000001 ? ? ? ? 
1 6 2.52 2.9  16074 1254 0.09699999999999999 99.9  25.11 0.102                0.998              ? ? ? ? 
1 7 2.90 3.55 12166 1056 0.046               100.0 48.29 0.048                1.0                ? ? ? ? 
1 8 3.55 5.0  10478 870  0.025               100.0 85.34 0.026000000000000002 1.0                ? ? ? ? 
1 9 5.00 ?    5523  544  0.021               100.0 85.23 0.022000000000000002 1.0                ? ? ? ? 
# 
_refine.pdbx_refine_id                           'X-RAY DIFFRACTION' 
_refine.entry_id                                 7IBE 
_refine.pdbx_diffrn_id                           1 
_refine.pdbx_TLS_residual_ADP_flag               ? 
_refine.ls_number_reflns_obs                     11263 
_refine.ls_number_reflns_all                     ? 
_refine.pdbx_ls_sigma_I                          ? 
_refine.pdbx_ls_sigma_F                          ? 
_refine.pdbx_data_cutoff_high_absF               ? 
_refine.pdbx_data_cutoff_low_absF                ? 
_refine.pdbx_data_cutoff_high_rms_absF           ? 
_refine.ls_d_res_low                             35.55 
_refine.ls_d_res_high                            1.68 
_refine.ls_percent_reflns_obs                    99.98 
_refine.ls_R_factor_obs                          0.20337 
_refine.ls_R_factor_all                          ? 
_refine.ls_R_factor_R_work                       0.20224 
_refine.ls_R_factor_R_free                       0.22568 
_refine.ls_R_factor_R_free_error                 ? 
_refine.ls_R_factor_R_free_error_details         ? 
_refine.ls_percent_reflns_R_free                 5.0 
_refine.ls_number_reflns_R_free                  593 
_refine.ls_number_parameters                     ? 
_refine.ls_number_restraints                     ? 
_refine.occupancy_min                            ? 
_refine.occupancy_max                            ? 
_refine.correlation_coeff_Fo_to_Fc               0.962 
_refine.correlation_coeff_Fo_to_Fc_free          0.957 
_refine.B_iso_mean                               38.281 
_refine.aniso_B[1][1]                            0.51 
_refine.aniso_B[2][2]                            0.51 
_refine.aniso_B[3][3]                            -1.01 
_refine.aniso_B[1][2]                            -0.00 
_refine.aniso_B[1][3]                            -0.00 
_refine.aniso_B[2][3]                            -0.00 
_refine.solvent_model_details                    MASK 
_refine.solvent_model_param_ksol                 ? 
_refine.solvent_model_param_bsol                 ? 
_refine.pdbx_solvent_vdw_probe_radii             1.20 
_refine.pdbx_solvent_ion_probe_radii             0.80 
_refine.pdbx_solvent_shrinkage_radii             0.80 
_refine.pdbx_ls_cross_valid_method               THROUGHOUT 
_refine.details                                  'HYDROGENS HAVE BEEN ADDED IN THE RIDING POSITIONS' 
_refine.pdbx_starting_model                      ? 
_refine.pdbx_method_to_determine_struct          'MOLECULAR REPLACEMENT' 
_refine.pdbx_isotropic_thermal_model             ? 
_refine.pdbx_stereochemistry_target_values       'MAXIMUM LIKELIHOOD' 
_refine.pdbx_stereochem_target_val_spec_case     ? 
_refine.pdbx_R_Free_selection_details            RANDOM 
_refine.pdbx_overall_ESU_R                       0.197 
_refine.pdbx_overall_ESU_R_Free                  0.145 
_refine.overall_SU_ML                            0.124 
_refine.pdbx_overall_phase_error                 ? 
_refine.overall_SU_B                             3.985 
_refine.overall_SU_R_Cruickshank_DPI             ? 
_refine.pdbx_overall_SU_R_free_Cruickshank_DPI   ? 
_refine.pdbx_overall_SU_R_Blow_DPI               ? 
_refine.pdbx_overall_SU_R_free_Blow_DPI          ? 
# 
_refine_hist.pdbx_refine_id                   'X-RAY DIFFRACTION' 
_refine_hist.cycle_id                         1 
_refine_hist.pdbx_number_atoms_protein        873 
_refine_hist.pdbx_number_atoms_nucleic_acid   0 
_refine_hist.pdbx_number_atoms_ligand         12 
_refine_hist.number_atoms_solvent             81 
_refine_hist.number_atoms_total               966 
_refine_hist.d_res_high                       1.68 
_refine_hist.d_res_low                        35.55 
# 
loop_
_refine_ls_restr.type 
_refine_ls_restr.dev_ideal 
_refine_ls_restr.dev_ideal_target 
_refine_ls_restr.weight 
_refine_ls_restr.number 
_refine_ls_restr.pdbx_refine_id 
_refine_ls_restr.pdbx_restraint_function 
r_bond_refined_d             0.009  0.015  ? 1970 'X-RAY DIFFRACTION' ? 
r_bond_other_d               0.002  0.017  ? 1533 'X-RAY DIFFRACTION' ? 
r_angle_refined_deg          1.494  1.637  ? 2140 'X-RAY DIFFRACTION' ? 
r_angle_other_deg            1.281  1.582  ? 3533 'X-RAY DIFFRACTION' ? 
r_dihedral_angle_1_deg       7.071  5.000  ? 213  'X-RAY DIFFRACTION' ? 
r_dihedral_angle_2_deg       26.420 20.933 ? 75   'X-RAY DIFFRACTION' ? 
r_dihedral_angle_3_deg       13.982 15.000 ? 276  'X-RAY DIFFRACTION' ? 
r_dihedral_angle_4_deg       16.626 15.000 ? 13   'X-RAY DIFFRACTION' ? 
r_chiral_restr               0.070  0.200  ? 186  'X-RAY DIFFRACTION' ? 
r_gen_planes_refined         0.006  0.020  ? 1847 'X-RAY DIFFRACTION' ? 
r_gen_planes_other           0.001  0.020  ? 341  'X-RAY DIFFRACTION' ? 
r_nbd_refined                ?      ?      ? ?    'X-RAY DIFFRACTION' ? 
r_nbd_other                  ?      ?      ? ?    'X-RAY DIFFRACTION' ? 
r_nbtor_refined              ?      ?      ? ?    'X-RAY DIFFRACTION' ? 
r_nbtor_other                ?      ?      ? ?    'X-RAY DIFFRACTION' ? 
r_xyhbond_nbd_refined        ?      ?      ? ?    'X-RAY DIFFRACTION' ? 
r_xyhbond_nbd_other          ?      ?      ? ?    'X-RAY DIFFRACTION' ? 
r_metal_ion_refined          ?      ?      ? ?    'X-RAY DIFFRACTION' ? 
r_metal_ion_other            ?      ?      ? ?    'X-RAY DIFFRACTION' ? 
r_symmetry_vdw_refined       ?      ?      ? ?    'X-RAY DIFFRACTION' ? 
r_symmetry_vdw_other         ?      ?      ? ?    'X-RAY DIFFRACTION' ? 
r_symmetry_hbond_refined     ?      ?      ? ?    'X-RAY DIFFRACTION' ? 
r_symmetry_hbond_other       ?      ?      ? ?    'X-RAY DIFFRACTION' ? 
r_symmetry_metal_ion_refined ?      ?      ? ?    'X-RAY DIFFRACTION' ? 
r_symmetry_metal_ion_other   ?      ?      ? ?    'X-RAY DIFFRACTION' ? 
r_mcbond_it                  2.414  3.657  ? 1001 'X-RAY DIFFRACTION' ? 
r_mcbond_other               2.431  3.624  ? 986  'X-RAY DIFFRACTION' ? 
r_mcangle_it                 3.718  5.396  ? 1021 'X-RAY DIFFRACTION' ? 
r_mcangle_other              3.717  5.401  ? 1022 'X-RAY DIFFRACTION' ? 
r_scbond_it                  3.338  4.189  ? 969  'X-RAY DIFFRACTION' ? 
r_scbond_other               3.342  4.179  ? 948  'X-RAY DIFFRACTION' ? 
r_scangle_it                 ?      ?      ? ?    'X-RAY DIFFRACTION' ? 
r_scangle_other              5.759  6.077  ? 1120 'X-RAY DIFFRACTION' ? 
r_long_range_B_refined       7.624  43.839 ? 1623 'X-RAY DIFFRACTION' ? 
r_long_range_B_other         7.592  43.676 ? 1611 'X-RAY DIFFRACTION' ? 
r_rigid_bond_restr           ?      ?      ? ?    'X-RAY DIFFRACTION' ? 
r_sphericity_free            ?      ?      ? ?    'X-RAY DIFFRACTION' ? 
r_sphericity_bonded          ?      ?      ? ?    'X-RAY DIFFRACTION' ? 
# 
_refine_ls_shell.pdbx_refine_id                   'X-RAY DIFFRACTION' 
_refine_ls_shell.pdbx_total_number_of_bins_used   20 
_refine_ls_shell.d_res_high                       1.680 
_refine_ls_shell.d_res_low                        1.724 
_refine_ls_shell.number_reflns_R_work             782 
_refine_ls_shell.R_factor_R_work                  0.332 
_refine_ls_shell.percent_reflns_obs               99.88 
_refine_ls_shell.R_factor_R_free                  0.356 
_refine_ls_shell.R_factor_R_free_error            ? 
_refine_ls_shell.percent_reflns_R_free            ? 
_refine_ls_shell.number_reflns_R_free             41 
_refine_ls_shell.number_reflns_all                ? 
_refine_ls_shell.R_factor_all                     ? 
# 
_struct.entry_id                  7IBE 
_struct.title                     
'PanDDA analysis group deposition -- SARS-CoV-2 Nsp1 in complex with fragment X4071 (well F06) from the KIT library' 
_struct.pdbx_CASP_flag            N 
_struct.pdbx_model_details        ? 
_struct.pdbx_model_type_details   ? 
# 
_struct_keywords.entry_id        7IBE 
_struct_keywords.pdbx_keywords   'VIRAL PROTEIN' 
_struct_keywords.text            'SARS-CoV-2, fragment screen, Nsp1, KIT library, VIRAL PROTEIN' 
# 
loop_
_struct_asym.id 
_struct_asym.pdbx_blank_PDB_chainid_flag 
_struct_asym.pdbx_modified 
_struct_asym.entity_id 
_struct_asym.details 
A N N 1 ? 
B N N 2 ? 
C N N 3 ? 
# 
_struct_ref.id                         1 
_struct_ref.db_name                    UNP 
_struct_ref.db_code                    R1AB_SARS2 
_struct_ref.pdbx_db_accession          P0DTD1 
_struct_ref.pdbx_db_isoform            ? 
_struct_ref.entity_id                  1 
_struct_ref.pdbx_seq_one_letter_code   
;EKTHVQLSLPVLQVRDVLVRGFGDSVEEVLSEARQHLKDGTCGLVEVEKGVLPQLEQPYVFIKRSDARTAPHGHVMVELV
AELEGIQYGRSGETLGVLVPHVGEIPVAYRKVLLRK
;
_struct_ref.pdbx_align_begin           10 
# 
_struct_ref_seq.align_id                      1 
_struct_ref_seq.ref_id                        1 
_struct_ref_seq.pdbx_PDB_id_code              7IBE 
_struct_ref_seq.pdbx_strand_id                A 
_struct_ref_seq.seq_align_beg                 1 
_struct_ref_seq.pdbx_seq_align_beg_ins_code   ? 
_struct_ref_seq.seq_align_end                 116 
_struct_ref_seq.pdbx_seq_align_end_ins_code   ? 
_struct_ref_seq.pdbx_db_accession             P0DTD1 
_struct_ref_seq.db_align_beg                  10 
_struct_ref_seq.pdbx_db_align_beg_ins_code    ? 
_struct_ref_seq.db_align_end                  125 
_struct_ref_seq.pdbx_db_align_end_ins_code    ? 
_struct_ref_seq.pdbx_auth_seq_align_beg       10 
_struct_ref_seq.pdbx_auth_seq_align_end       125 
# 
_pdbx_struct_assembly.id                   1 
_pdbx_struct_assembly.details              author_and_software_defined_assembly 
_pdbx_struct_assembly.method_details       PISA 
_pdbx_struct_assembly.oligomeric_details   monomeric 
_pdbx_struct_assembly.oligomeric_count     1 
# 
loop_
_pdbx_struct_assembly_prop.biol_id 
_pdbx_struct_assembly_prop.type 
_pdbx_struct_assembly_prop.value 
_pdbx_struct_assembly_prop.details 
1 'ABSA (A^2)' 330  ? 
1 MORE         -2   ? 
1 'SSA (A^2)'  6390 ? 
# 
_pdbx_struct_assembly_gen.assembly_id       1 
_pdbx_struct_assembly_gen.oper_expression   1 
_pdbx_struct_assembly_gen.asym_id_list      A,B,C 
# 
_pdbx_struct_oper_list.id                   1 
_pdbx_struct_oper_list.type                 'identity operation' 
_pdbx_struct_oper_list.name                 1_555 
_pdbx_struct_oper_list.symmetry_operation   x,y,z 
_pdbx_struct_oper_list.matrix[1][1]         1.0000000000 
_pdbx_struct_oper_list.matrix[1][2]         0.0000000000 
_pdbx_struct_oper_list.matrix[1][3]         0.0000000000 
_pdbx_struct_oper_list.vector[1]            0.0000000000 
_pdbx_struct_oper_list.matrix[2][1]         0.0000000000 
_pdbx_struct_oper_list.matrix[2][2]         1.0000000000 
_pdbx_struct_oper_list.matrix[2][3]         0.0000000000 
_pdbx_struct_oper_list.vector[2]            0.0000000000 
_pdbx_struct_oper_list.matrix[3][1]         0.0000000000 
_pdbx_struct_oper_list.matrix[3][2]         0.0000000000 
_pdbx_struct_oper_list.matrix[3][3]         1.0000000000 
_pdbx_struct_oper_list.vector[3]            0.0000000000 
# 
loop_
_struct_conf.conf_type_id 
_struct_conf.id 
_struct_conf.pdbx_PDB_helix_id 
_struct_conf.beg_label_comp_id 
_struct_conf.beg_label_asym_id 
_struct_conf.beg_label_seq_id 
_struct_conf.pdbx_beg_PDB_ins_code 
_struct_conf.end_label_comp_id 
_struct_conf.end_label_asym_id 
_struct_conf.end_label_seq_id 
_struct_conf.pdbx_end_PDB_ins_code 
_struct_conf.beg_auth_comp_id 
_struct_conf.beg_auth_asym_id 
_struct_conf.beg_auth_seq_id 
_struct_conf.end_auth_comp_id 
_struct_conf.end_auth_asym_id 
_struct_conf.end_auth_seq_id 
_struct_conf.pdbx_PDB_helix_class 
_struct_conf.details 
_struct_conf.pdbx_PDB_helix_length 
HELX_P HELX_P1 AA1 GLN A 13 ? VAL A 17 ? GLN A 22 VAL A 26 5 ? 5  
HELX_P HELX_P2 AA2 SER A 25 ? GLY A 40 ? SER A 34 GLY A 49 1 ? 16 
HELX_P HELX_P3 AA3 VAL A 51 ? LEU A 55 ? VAL A 60 LEU A 64 5 ? 5  
HELX_P HELX_P4 AA4 ALA A 70 ? HIS A 74 ? ALA A 79 HIS A 83 5 ? 5  
# 
_struct_conf_type.id          HELX_P 
_struct_conf_type.criteria    ? 
_struct_conf_type.reference   ? 
# 
_struct_mon_prot_cis.pdbx_id                1 
_struct_mon_prot_cis.label_comp_id          GLN 
_struct_mon_prot_cis.label_seq_id           57 
_struct_mon_prot_cis.label_asym_id          A 
_struct_mon_prot_cis.label_alt_id           . 
_struct_mon_prot_cis.pdbx_PDB_ins_code      ? 
_struct_mon_prot_cis.auth_comp_id           GLN 
_struct_mon_prot_cis.auth_seq_id            66 
_struct_mon_prot_cis.auth_asym_id           A 
_struct_mon_prot_cis.pdbx_label_comp_id_2   PRO 
_struct_mon_prot_cis.pdbx_label_seq_id_2    58 
_struct_mon_prot_cis.pdbx_label_asym_id_2   A 
_struct_mon_prot_cis.pdbx_PDB_ins_code_2    ? 
_struct_mon_prot_cis.pdbx_auth_comp_id_2    PRO 
_struct_mon_prot_cis.pdbx_auth_seq_id_2     67 
_struct_mon_prot_cis.pdbx_auth_asym_id_2    A 
_struct_mon_prot_cis.pdbx_PDB_model_num     1 
_struct_mon_prot_cis.pdbx_omega_angle       -6.49 
# 
_struct_sheet.id               AA1 
_struct_sheet.type             ? 
_struct_sheet.number_strands   8 
_struct_sheet.details          ? 
# 
loop_
_struct_sheet_order.sheet_id 
_struct_sheet_order.range_id_1 
_struct_sheet_order.range_id_2 
_struct_sheet_order.offset 
_struct_sheet_order.sense 
AA1 1 2 ? anti-parallel 
AA1 2 3 ? parallel      
AA1 3 4 ? anti-parallel 
AA1 4 5 ? parallel      
AA1 5 6 ? anti-parallel 
AA1 6 7 ? anti-parallel 
AA1 7 8 ? anti-parallel 
# 
loop_
_struct_sheet_range.sheet_id 
_struct_sheet_range.id 
_struct_sheet_range.beg_label_comp_id 
_struct_sheet_range.beg_label_asym_id 
_struct_sheet_range.beg_label_seq_id 
_struct_sheet_range.pdbx_beg_PDB_ins_code 
_struct_sheet_range.end_label_comp_id 
_struct_sheet_range.end_label_asym_id 
_struct_sheet_range.end_label_seq_id 
_struct_sheet_range.pdbx_end_PDB_ins_code 
_struct_sheet_range.beg_auth_comp_id 
_struct_sheet_range.beg_auth_asym_id 
_struct_sheet_range.beg_auth_seq_id 
_struct_sheet_range.end_auth_comp_id 
_struct_sheet_range.end_auth_asym_id 
_struct_sheet_range.end_auth_seq_id 
AA1 1 ILE A 86  ? TYR A 88  ? ILE A 95  TYR A 97  
AA1 2 VAL A 75  ? LEU A 83  ? VAL A 84  LEU A 92  
AA1 3 ALA A 108 ? ARG A 115 ? ALA A 117 ARG A 124 
AA1 4 HIS A 4   ? VAL A 11  ? HIS A 13  VAL A 20  
AA1 5 CYS A 42  ? VAL A 45  ? CYS A 51  VAL A 54  
AA1 6 THR A 94  ? PRO A 100 ? THR A 103 PRO A 109 
AA1 7 TYR A 59  ? ARG A 64  ? TYR A 68  ARG A 73  
AA1 8 VAL A 75  ? LEU A 83  ? VAL A 84  LEU A 92  
# 
loop_
_pdbx_struct_sheet_hbond.sheet_id 
_pdbx_struct_sheet_hbond.range_id_1 
_pdbx_struct_sheet_hbond.range_id_2 
_pdbx_struct_sheet_hbond.range_1_label_atom_id 
_pdbx_struct_sheet_hbond.range_1_label_comp_id 
_pdbx_struct_sheet_hbond.range_1_label_asym_id 
_pdbx_struct_sheet_hbond.range_1_label_seq_id 
_pdbx_struct_sheet_hbond.range_1_PDB_ins_code 
_pdbx_struct_sheet_hbond.range_1_auth_atom_id 
_pdbx_struct_sheet_hbond.range_1_auth_comp_id 
_pdbx_struct_sheet_hbond.range_1_auth_asym_id 
_pdbx_struct_sheet_hbond.range_1_auth_seq_id 
_pdbx_struct_sheet_hbond.range_2_label_atom_id 
_pdbx_struct_sheet_hbond.range_2_label_comp_id 
_pdbx_struct_sheet_hbond.range_2_label_asym_id 
_pdbx_struct_sheet_hbond.range_2_label_seq_id 
_pdbx_struct_sheet_hbond.range_2_PDB_ins_code 
_pdbx_struct_sheet_hbond.range_2_auth_atom_id 
_pdbx_struct_sheet_hbond.range_2_auth_comp_id 
_pdbx_struct_sheet_hbond.range_2_auth_asym_id 
_pdbx_struct_sheet_hbond.range_2_auth_seq_id 
AA1 1 2 O TYR A 88  ? O TYR A 97  N ALA A 81  ? N ALA A 90  
AA1 2 3 N VAL A 77  ? N VAL A 86  O ARG A 115 ? O ARG A 124 
AA1 3 4 O VAL A 112 ? O VAL A 121 N LEU A 7   ? N LEU A 16  
AA1 4 5 N PRO A 10  ? N PRO A 19  O LEU A 44  ? O LEU A 53  
AA1 5 6 N GLY A 43  ? N GLY A 52  O VAL A 99  ? O VAL A 108 
AA1 6 7 O LEU A 98  ? O LEU A 107 N VAL A 60  ? N VAL A 69  
AA1 7 8 N PHE A 61  ? N PHE A 70  O VAL A 80  ? O VAL A 89  
# 
_pdbx_entry_details.entry_id                   7IBE 
_pdbx_entry_details.has_ligand_of_interest     Y 
_pdbx_entry_details.compound_details           ? 
_pdbx_entry_details.source_details             ? 
_pdbx_entry_details.nonpolymer_details         ? 
_pdbx_entry_details.sequence_details           ? 
_pdbx_entry_details.has_protein_modification   N 
# 
_pdbx_validate_close_contact.id               1 
_pdbx_validate_close_contact.PDB_model_num    1 
_pdbx_validate_close_contact.auth_atom_id_1   O 
_pdbx_validate_close_contact.auth_asym_id_1   A 
_pdbx_validate_close_contact.auth_comp_id_1   HOH 
_pdbx_validate_close_contact.auth_seq_id_1    363 
_pdbx_validate_close_contact.PDB_ins_code_1   ? 
_pdbx_validate_close_contact.label_alt_id_1   ? 
_pdbx_validate_close_contact.auth_atom_id_2   O 
_pdbx_validate_close_contact.auth_asym_id_2   A 
_pdbx_validate_close_contact.auth_comp_id_2   HOH 
_pdbx_validate_close_contact.auth_seq_id_2    374 
_pdbx_validate_close_contact.PDB_ins_code_2   ? 
_pdbx_validate_close_contact.label_alt_id_2   ? 
_pdbx_validate_close_contact.dist             2.01 
# 
_pdbx_validate_symm_contact.id                1 
_pdbx_validate_symm_contact.PDB_model_num     1 
_pdbx_validate_symm_contact.auth_atom_id_1    O 
_pdbx_validate_symm_contact.auth_asym_id_1    A 
_pdbx_validate_symm_contact.auth_comp_id_1    HOH 
_pdbx_validate_symm_contact.auth_seq_id_1     340 
_pdbx_validate_symm_contact.PDB_ins_code_1    ? 
_pdbx_validate_symm_contact.label_alt_id_1    ? 
_pdbx_validate_symm_contact.site_symmetry_1   1_555 
_pdbx_validate_symm_contact.auth_atom_id_2    O 
_pdbx_validate_symm_contact.auth_asym_id_2    A 
_pdbx_validate_symm_contact.auth_comp_id_2    HOH 
_pdbx_validate_symm_contact.auth_seq_id_2     362 
_pdbx_validate_symm_contact.PDB_ins_code_2    ? 
_pdbx_validate_symm_contact.label_alt_id_2    ? 
_pdbx_validate_symm_contact.site_symmetry_2   7_645 
_pdbx_validate_symm_contact.dist              2.01 
# 
loop_
_pdbx_struct_special_symmetry.id 
_pdbx_struct_special_symmetry.PDB_model_num 
_pdbx_struct_special_symmetry.auth_asym_id 
_pdbx_struct_special_symmetry.auth_comp_id 
_pdbx_struct_special_symmetry.auth_seq_id 
_pdbx_struct_special_symmetry.PDB_ins_code 
_pdbx_struct_special_symmetry.label_asym_id 
_pdbx_struct_special_symmetry.label_comp_id 
_pdbx_struct_special_symmetry.label_seq_id 
1 1 A HOH 301 ? C HOH . 
2 1 A HOH 307 ? C HOH . 
3 1 A HOH 372 ? C HOH . 
# 
loop_
_pdbx_unobs_or_zero_occ_residues.id 
_pdbx_unobs_or_zero_occ_residues.PDB_model_num 
_pdbx_unobs_or_zero_occ_residues.polymer_flag 
_pdbx_unobs_or_zero_occ_residues.occupancy_flag 
_pdbx_unobs_or_zero_occ_residues.auth_asym_id 
_pdbx_unobs_or_zero_occ_residues.auth_comp_id 
_pdbx_unobs_or_zero_occ_residues.auth_seq_id 
_pdbx_unobs_or_zero_occ_residues.PDB_ins_code 
_pdbx_unobs_or_zero_occ_residues.label_asym_id 
_pdbx_unobs_or_zero_occ_residues.label_comp_id 
_pdbx_unobs_or_zero_occ_residues.label_seq_id 
1 1 Y 1 A GLU 10 ? A GLU 1  
2 1 Y 1 A ARG 77 ? A ARG 68 
3 1 Y 1 A THR 78 ? A THR 69 
# 
loop_
_chem_comp_atom.comp_id 
_chem_comp_atom.atom_id 
_chem_comp_atom.type_symbol 
_chem_comp_atom.pdbx_aromatic_flag 
_chem_comp_atom.pdbx_stereo_config 
_chem_comp_atom.pdbx_ordinal 
A1CRB C01  C N N 1   
A1CRB N02  N Y N 2   
A1CRB C03  C Y N 3   
A1CRB C04  C Y N 4   
A1CRB N05  N Y N 5   
A1CRB C06  C Y N 6   
A1CRB C07  C N N 7   
A1CRB O08  O N N 8   
A1CRB C09  C N N 9   
A1CRB F10  F N N 10  
A1CRB F11  F N N 11  
A1CRB F12  F N N 12  
A1CRB H1   H N N 13  
A1CRB H2   H N N 14  
A1CRB H3   H N N 15  
A1CRB H4   H N N 16  
A1CRB H5   H N N 17  
ALA   N    N N N 18  
ALA   CA   C N S 19  
ALA   C    C N N 20  
ALA   O    O N N 21  
ALA   CB   C N N 22  
ALA   OXT  O N N 23  
ALA   H    H N N 24  
ALA   H2   H N N 25  
ALA   HA   H N N 26  
ALA   HB1  H N N 27  
ALA   HB2  H N N 28  
ALA   HB3  H N N 29  
ALA   HXT  H N N 30  
ARG   N    N N N 31  
ARG   CA   C N S 32  
ARG   C    C N N 33  
ARG   O    O N N 34  
ARG   CB   C N N 35  
ARG   CG   C N N 36  
ARG   CD   C N N 37  
ARG   NE   N N N 38  
ARG   CZ   C N N 39  
ARG   NH1  N N N 40  
ARG   NH2  N N N 41  
ARG   OXT  O N N 42  
ARG   H    H N N 43  
ARG   H2   H N N 44  
ARG   HA   H N N 45  
ARG   HB2  H N N 46  
ARG   HB3  H N N 47  
ARG   HG2  H N N 48  
ARG   HG3  H N N 49  
ARG   HD2  H N N 50  
ARG   HD3  H N N 51  
ARG   HE   H N N 52  
ARG   HH11 H N N 53  
ARG   HH12 H N N 54  
ARG   HH21 H N N 55  
ARG   HH22 H N N 56  
ARG   HXT  H N N 57  
ASP   N    N N N 58  
ASP   CA   C N S 59  
ASP   C    C N N 60  
ASP   O    O N N 61  
ASP   CB   C N N 62  
ASP   CG   C N N 63  
ASP   OD1  O N N 64  
ASP   OD2  O N N 65  
ASP   OXT  O N N 66  
ASP   H    H N N 67  
ASP   H2   H N N 68  
ASP   HA   H N N 69  
ASP   HB2  H N N 70  
ASP   HB3  H N N 71  
ASP   HD2  H N N 72  
ASP   HXT  H N N 73  
CYS   N    N N N 74  
CYS   CA   C N R 75  
CYS   C    C N N 76  
CYS   O    O N N 77  
CYS   CB   C N N 78  
CYS   SG   S N N 79  
CYS   OXT  O N N 80  
CYS   H    H N N 81  
CYS   H2   H N N 82  
CYS   HA   H N N 83  
CYS   HB2  H N N 84  
CYS   HB3  H N N 85  
CYS   HG   H N N 86  
CYS   HXT  H N N 87  
GLN   N    N N N 88  
GLN   CA   C N S 89  
GLN   C    C N N 90  
GLN   O    O N N 91  
GLN   CB   C N N 92  
GLN   CG   C N N 93  
GLN   CD   C N N 94  
GLN   OE1  O N N 95  
GLN   NE2  N N N 96  
GLN   OXT  O N N 97  
GLN   H    H N N 98  
GLN   H2   H N N 99  
GLN   HA   H N N 100 
GLN   HB2  H N N 101 
GLN   HB3  H N N 102 
GLN   HG2  H N N 103 
GLN   HG3  H N N 104 
GLN   HE21 H N N 105 
GLN   HE22 H N N 106 
GLN   HXT  H N N 107 
GLU   N    N N N 108 
GLU   CA   C N S 109 
GLU   C    C N N 110 
GLU   O    O N N 111 
GLU   CB   C N N 112 
GLU   CG   C N N 113 
GLU   CD   C N N 114 
GLU   OE1  O N N 115 
GLU   OE2  O N N 116 
GLU   OXT  O N N 117 
GLU   H    H N N 118 
GLU   H2   H N N 119 
GLU   HA   H N N 120 
GLU   HB2  H N N 121 
GLU   HB3  H N N 122 
GLU   HG2  H N N 123 
GLU   HG3  H N N 124 
GLU   HE2  H N N 125 
GLU   HXT  H N N 126 
GLY   N    N N N 127 
GLY   CA   C N N 128 
GLY   C    C N N 129 
GLY   O    O N N 130 
GLY   OXT  O N N 131 
GLY   H    H N N 132 
GLY   H2   H N N 133 
GLY   HA2  H N N 134 
GLY   HA3  H N N 135 
GLY   HXT  H N N 136 
HIS   N    N N N 137 
HIS   CA   C N S 138 
HIS   C    C N N 139 
HIS   O    O N N 140 
HIS   CB   C N N 141 
HIS   CG   C Y N 142 
HIS   ND1  N Y N 143 
HIS   CD2  C Y N 144 
HIS   CE1  C Y N 145 
HIS   NE2  N Y N 146 
HIS   OXT  O N N 147 
HIS   H    H N N 148 
HIS   H2   H N N 149 
HIS   HA   H N N 150 
HIS   HB2  H N N 151 
HIS   HB3  H N N 152 
HIS   HD1  H N N 153 
HIS   HD2  H N N 154 
HIS   HE1  H N N 155 
HIS   HE2  H N N 156 
HIS   HXT  H N N 157 
HOH   O    O N N 158 
HOH   H1   H N N 159 
HOH   H2   H N N 160 
ILE   N    N N N 161 
ILE   CA   C N S 162 
ILE   C    C N N 163 
ILE   O    O N N 164 
ILE   CB   C N S 165 
ILE   CG1  C N N 166 
ILE   CG2  C N N 167 
ILE   CD1  C N N 168 
ILE   OXT  O N N 169 
ILE   H    H N N 170 
ILE   H2   H N N 171 
ILE   HA   H N N 172 
ILE   HB   H N N 173 
ILE   HG12 H N N 174 
ILE   HG13 H N N 175 
ILE   HG21 H N N 176 
ILE   HG22 H N N 177 
ILE   HG23 H N N 178 
ILE   HD11 H N N 179 
ILE   HD12 H N N 180 
ILE   HD13 H N N 181 
ILE   HXT  H N N 182 
LEU   N    N N N 183 
LEU   CA   C N S 184 
LEU   C    C N N 185 
LEU   O    O N N 186 
LEU   CB   C N N 187 
LEU   CG   C N N 188 
LEU   CD1  C N N 189 
LEU   CD2  C N N 190 
LEU   OXT  O N N 191 
LEU   H    H N N 192 
LEU   H2   H N N 193 
LEU   HA   H N N 194 
LEU   HB2  H N N 195 
LEU   HB3  H N N 196 
LEU   HG   H N N 197 
LEU   HD11 H N N 198 
LEU   HD12 H N N 199 
LEU   HD13 H N N 200 
LEU   HD21 H N N 201 
LEU   HD22 H N N 202 
LEU   HD23 H N N 203 
LEU   HXT  H N N 204 
LYS   N    N N N 205 
LYS   CA   C N S 206 
LYS   C    C N N 207 
LYS   O    O N N 208 
LYS   CB   C N N 209 
LYS   CG   C N N 210 
LYS   CD   C N N 211 
LYS   CE   C N N 212 
LYS   NZ   N N N 213 
LYS   OXT  O N N 214 
LYS   H    H N N 215 
LYS   H2   H N N 216 
LYS   HA   H N N 217 
LYS   HB2  H N N 218 
LYS   HB3  H N N 219 
LYS   HG2  H N N 220 
LYS   HG3  H N N 221 
LYS   HD2  H N N 222 
LYS   HD3  H N N 223 
LYS   HE2  H N N 224 
LYS   HE3  H N N 225 
LYS   HZ1  H N N 226 
LYS   HZ2  H N N 227 
LYS   HZ3  H N N 228 
LYS   HXT  H N N 229 
MET   N    N N N 230 
MET   CA   C N S 231 
MET   C    C N N 232 
MET   O    O N N 233 
MET   CB   C N N 234 
MET   CG   C N N 235 
MET   SD   S N N 236 
MET   CE   C N N 237 
MET   OXT  O N N 238 
MET   H    H N N 239 
MET   H2   H N N 240 
MET   HA   H N N 241 
MET   HB2  H N N 242 
MET   HB3  H N N 243 
MET   HG2  H N N 244 
MET   HG3  H N N 245 
MET   HE1  H N N 246 
MET   HE2  H N N 247 
MET   HE3  H N N 248 
MET   HXT  H N N 249 
PHE   N    N N N 250 
PHE   CA   C N S 251 
PHE   C    C N N 252 
PHE   O    O N N 253 
PHE   CB   C N N 254 
PHE   CG   C Y N 255 
PHE   CD1  C Y N 256 
PHE   CD2  C Y N 257 
PHE   CE1  C Y N 258 
PHE   CE2  C Y N 259 
PHE   CZ   C Y N 260 
PHE   OXT  O N N 261 
PHE   H    H N N 262 
PHE   H2   H N N 263 
PHE   HA   H N N 264 
PHE   HB2  H N N 265 
PHE   HB3  H N N 266 
PHE   HD1  H N N 267 
PHE   HD2  H N N 268 
PHE   HE1  H N N 269 
PHE   HE2  H N N 270 
PHE   HZ   H N N 271 
PHE   HXT  H N N 272 
PRO   N    N N N 273 
PRO   CA   C N S 274 
PRO   C    C N N 275 
PRO   O    O N N 276 
PRO   CB   C N N 277 
PRO   CG   C N N 278 
PRO   CD   C N N 279 
PRO   OXT  O N N 280 
PRO   H    H N N 281 
PRO   HA   H N N 282 
PRO   HB2  H N N 283 
PRO   HB3  H N N 284 
PRO   HG2  H N N 285 
PRO   HG3  H N N 286 
PRO   HD2  H N N 287 
PRO   HD3  H N N 288 
PRO   HXT  H N N 289 
SER   N    N N N 290 
SER   CA   C N S 291 
SER   C    C N N 292 
SER   O    O N N 293 
SER   CB   C N N 294 
SER   OG   O N N 295 
SER   OXT  O N N 296 
SER   H    H N N 297 
SER   H2   H N N 298 
SER   HA   H N N 299 
SER   HB2  H N N 300 
SER   HB3  H N N 301 
SER   HG   H N N 302 
SER   HXT  H N N 303 
THR   N    N N N 304 
THR   CA   C N S 305 
THR   C    C N N 306 
THR   O    O N N 307 
THR   CB   C N R 308 
THR   OG1  O N N 309 
THR   CG2  C N N 310 
THR   OXT  O N N 311 
THR   H    H N N 312 
THR   H2   H N N 313 
THR   HA   H N N 314 
THR   HB   H N N 315 
THR   HG1  H N N 316 
THR   HG21 H N N 317 
THR   HG22 H N N 318 
THR   HG23 H N N 319 
THR   HXT  H N N 320 
TYR   N    N N N 321 
TYR   CA   C N S 322 
TYR   C    C N N 323 
TYR   O    O N N 324 
TYR   CB   C N N 325 
TYR   CG   C Y N 326 
TYR   CD1  C Y N 327 
TYR   CD2  C Y N 328 
TYR   CE1  C Y N 329 
TYR   CE2  C Y N 330 
TYR   CZ   C Y N 331 
TYR   OH   O N N 332 
TYR   OXT  O N N 333 
TYR   H    H N N 334 
TYR   H2   H N N 335 
TYR   HA   H N N 336 
TYR   HB2  H N N 337 
TYR   HB3  H N N 338 
TYR   HD1  H N N 339 
TYR   HD2  H N N 340 
TYR   HE1  H N N 341 
TYR   HE2  H N N 342 
TYR   HH   H N N 343 
TYR   HXT  H N N 344 
VAL   N    N N N 345 
VAL   CA   C N S 346 
VAL   C    C N N 347 
VAL   O    O N N 348 
VAL   CB   C N N 349 
VAL   CG1  C N N 350 
VAL   CG2  C N N 351 
VAL   OXT  O N N 352 
VAL   H    H N N 353 
VAL   H2   H N N 354 
VAL   HA   H N N 355 
VAL   HB   H N N 356 
VAL   HG11 H N N 357 
VAL   HG12 H N N 358 
VAL   HG13 H N N 359 
VAL   HG21 H N N 360 
VAL   HG22 H N N 361 
VAL   HG23 H N N 362 
VAL   HXT  H N N 363 
# 
loop_
_chem_comp_bond.comp_id 
_chem_comp_bond.atom_id_1 
_chem_comp_bond.atom_id_2 
_chem_comp_bond.value_order 
_chem_comp_bond.pdbx_aromatic_flag 
_chem_comp_bond.pdbx_stereo_config 
_chem_comp_bond.pdbx_ordinal 
A1CRB C04 C03  doub Y N 1   
A1CRB C04 N05  sing Y N 2   
A1CRB C03 N02  sing Y N 3   
A1CRB N05 C06  doub Y N 4   
A1CRB F12 C09  sing N N 5   
A1CRB N02 C06  sing Y N 6   
A1CRB N02 C01  sing N N 7   
A1CRB C06 C07  sing N N 8   
A1CRB C09 C07  sing N N 9   
A1CRB C09 F11  sing N N 10  
A1CRB C09 F10  sing N N 11  
A1CRB C07 O08  doub N N 12  
A1CRB C01 H1   sing N N 13  
A1CRB C01 H2   sing N N 14  
A1CRB C01 H3   sing N N 15  
A1CRB C03 H4   sing N N 16  
A1CRB C04 H5   sing N N 17  
ALA   N   CA   sing N N 18  
ALA   N   H    sing N N 19  
ALA   N   H2   sing N N 20  
ALA   CA  C    sing N N 21  
ALA   CA  CB   sing N N 22  
ALA   CA  HA   sing N N 23  
ALA   C   O    doub N N 24  
ALA   C   OXT  sing N N 25  
ALA   CB  HB1  sing N N 26  
ALA   CB  HB2  sing N N 27  
ALA   CB  HB3  sing N N 28  
ALA   OXT HXT  sing N N 29  
ARG   N   CA   sing N N 30  
ARG   N   H    sing N N 31  
ARG   N   H2   sing N N 32  
ARG   CA  C    sing N N 33  
ARG   CA  CB   sing N N 34  
ARG   CA  HA   sing N N 35  
ARG   C   O    doub N N 36  
ARG   C   OXT  sing N N 37  
ARG   CB  CG   sing N N 38  
ARG   CB  HB2  sing N N 39  
ARG   CB  HB3  sing N N 40  
ARG   CG  CD   sing N N 41  
ARG   CG  HG2  sing N N 42  
ARG   CG  HG3  sing N N 43  
ARG   CD  NE   sing N N 44  
ARG   CD  HD2  sing N N 45  
ARG   CD  HD3  sing N N 46  
ARG   NE  CZ   sing N N 47  
ARG   NE  HE   sing N N 48  
ARG   CZ  NH1  sing N N 49  
ARG   CZ  NH2  doub N N 50  
ARG   NH1 HH11 sing N N 51  
ARG   NH1 HH12 sing N N 52  
ARG   NH2 HH21 sing N N 53  
ARG   NH2 HH22 sing N N 54  
ARG   OXT HXT  sing N N 55  
ASP   N   CA   sing N N 56  
ASP   N   H    sing N N 57  
ASP   N   H2   sing N N 58  
ASP   CA  C    sing N N 59  
ASP   CA  CB   sing N N 60  
ASP   CA  HA   sing N N 61  
ASP   C   O    doub N N 62  
ASP   C   OXT  sing N N 63  
ASP   CB  CG   sing N N 64  
ASP   CB  HB2  sing N N 65  
ASP   CB  HB3  sing N N 66  
ASP   CG  OD1  doub N N 67  
ASP   CG  OD2  sing N N 68  
ASP   OD2 HD2  sing N N 69  
ASP   OXT HXT  sing N N 70  
CYS   N   CA   sing N N 71  
CYS   N   H    sing N N 72  
CYS   N   H2   sing N N 73  
CYS   CA  C    sing N N 74  
CYS   CA  CB   sing N N 75  
CYS   CA  HA   sing N N 76  
CYS   C   O    doub N N 77  
CYS   C   OXT  sing N N 78  
CYS   CB  SG   sing N N 79  
CYS   CB  HB2  sing N N 80  
CYS   CB  HB3  sing N N 81  
CYS   SG  HG   sing N N 82  
CYS   OXT HXT  sing N N 83  
GLN   N   CA   sing N N 84  
GLN   N   H    sing N N 85  
GLN   N   H2   sing N N 86  
GLN   CA  C    sing N N 87  
GLN   CA  CB   sing N N 88  
GLN   CA  HA   sing N N 89  
GLN   C   O    doub N N 90  
GLN   C   OXT  sing N N 91  
GLN   CB  CG   sing N N 92  
GLN   CB  HB2  sing N N 93  
GLN   CB  HB3  sing N N 94  
GLN   CG  CD   sing N N 95  
GLN   CG  HG2  sing N N 96  
GLN   CG  HG3  sing N N 97  
GLN   CD  OE1  doub N N 98  
GLN   CD  NE2  sing N N 99  
GLN   NE2 HE21 sing N N 100 
GLN   NE2 HE22 sing N N 101 
GLN   OXT HXT  sing N N 102 
GLU   N   CA   sing N N 103 
GLU   N   H    sing N N 104 
GLU   N   H2   sing N N 105 
GLU   CA  C    sing N N 106 
GLU   CA  CB   sing N N 107 
GLU   CA  HA   sing N N 108 
GLU   C   O    doub N N 109 
GLU   C   OXT  sing N N 110 
GLU   CB  CG   sing N N 111 
GLU   CB  HB2  sing N N 112 
GLU   CB  HB3  sing N N 113 
GLU   CG  CD   sing N N 114 
GLU   CG  HG2  sing N N 115 
GLU   CG  HG3  sing N N 116 
GLU   CD  OE1  doub N N 117 
GLU   CD  OE2  sing N N 118 
GLU   OE2 HE2  sing N N 119 
GLU   OXT HXT  sing N N 120 
GLY   N   CA   sing N N 121 
GLY   N   H    sing N N 122 
GLY   N   H2   sing N N 123 
GLY   CA  C    sing N N 124 
GLY   CA  HA2  sing N N 125 
GLY   CA  HA3  sing N N 126 
GLY   C   O    doub N N 127 
GLY   C   OXT  sing N N 128 
GLY   OXT HXT  sing N N 129 
HIS   N   CA   sing N N 130 
HIS   N   H    sing N N 131 
HIS   N   H2   sing N N 132 
HIS   CA  C    sing N N 133 
HIS   CA  CB   sing N N 134 
HIS   CA  HA   sing N N 135 
HIS   C   O    doub N N 136 
HIS   C   OXT  sing N N 137 
HIS   CB  CG   sing N N 138 
HIS   CB  HB2  sing N N 139 
HIS   CB  HB3  sing N N 140 
HIS   CG  ND1  sing Y N 141 
HIS   CG  CD2  doub Y N 142 
HIS   ND1 CE1  doub Y N 143 
HIS   ND1 HD1  sing N N 144 
HIS   CD2 NE2  sing Y N 145 
HIS   CD2 HD2  sing N N 146 
HIS   CE1 NE2  sing Y N 147 
HIS   CE1 HE1  sing N N 148 
HIS   NE2 HE2  sing N N 149 
HIS   OXT HXT  sing N N 150 
HOH   O   H1   sing N N 151 
HOH   O   H2   sing N N 152 
ILE   N   CA   sing N N 153 
ILE   N   H    sing N N 154 
ILE   N   H2   sing N N 155 
ILE   CA  C    sing N N 156 
ILE   CA  CB   sing N N 157 
ILE   CA  HA   sing N N 158 
ILE   C   O    doub N N 159 
ILE   C   OXT  sing N N 160 
ILE   CB  CG1  sing N N 161 
ILE   CB  CG2  sing N N 162 
ILE   CB  HB   sing N N 163 
ILE   CG1 CD1  sing N N 164 
ILE   CG1 HG12 sing N N 165 
ILE   CG1 HG13 sing N N 166 
ILE   CG2 HG21 sing N N 167 
ILE   CG2 HG22 sing N N 168 
ILE   CG2 HG23 sing N N 169 
ILE   CD1 HD11 sing N N 170 
ILE   CD1 HD12 sing N N 171 
ILE   CD1 HD13 sing N N 172 
ILE   OXT HXT  sing N N 173 
LEU   N   CA   sing N N 174 
LEU   N   H    sing N N 175 
LEU   N   H2   sing N N 176 
LEU   CA  C    sing N N 177 
LEU   CA  CB   sing N N 178 
LEU   CA  HA   sing N N 179 
LEU   C   O    doub N N 180 
LEU   C   OXT  sing N N 181 
LEU   CB  CG   sing N N 182 
LEU   CB  HB2  sing N N 183 
LEU   CB  HB3  sing N N 184 
LEU   CG  CD1  sing N N 185 
LEU   CG  CD2  sing N N 186 
LEU   CG  HG   sing N N 187 
LEU   CD1 HD11 sing N N 188 
LEU   CD1 HD12 sing N N 189 
LEU   CD1 HD13 sing N N 190 
LEU   CD2 HD21 sing N N 191 
LEU   CD2 HD22 sing N N 192 
LEU   CD2 HD23 sing N N 193 
LEU   OXT HXT  sing N N 194 
LYS   N   CA   sing N N 195 
LYS   N   H    sing N N 196 
LYS   N   H2   sing N N 197 
LYS   CA  C    sing N N 198 
LYS   CA  CB   sing N N 199 
LYS   CA  HA   sing N N 200 
LYS   C   O    doub N N 201 
LYS   C   OXT  sing N N 202 
LYS   CB  CG   sing N N 203 
LYS   CB  HB2  sing N N 204 
LYS   CB  HB3  sing N N 205 
LYS   CG  CD   sing N N 206 
LYS   CG  HG2  sing N N 207 
LYS   CG  HG3  sing N N 208 
LYS   CD  CE   sing N N 209 
LYS   CD  HD2  sing N N 210 
LYS   CD  HD3  sing N N 211 
LYS   CE  NZ   sing N N 212 
LYS   CE  HE2  sing N N 213 
LYS   CE  HE3  sing N N 214 
LYS   NZ  HZ1  sing N N 215 
LYS   NZ  HZ2  sing N N 216 
LYS   NZ  HZ3  sing N N 217 
LYS   OXT HXT  sing N N 218 
MET   N   CA   sing N N 219 
MET   N   H    sing N N 220 
MET   N   H2   sing N N 221 
MET   CA  C    sing N N 222 
MET   CA  CB   sing N N 223 
MET   CA  HA   sing N N 224 
MET   C   O    doub N N 225 
MET   C   OXT  sing N N 226 
MET   CB  CG   sing N N 227 
MET   CB  HB2  sing N N 228 
MET   CB  HB3  sing N N 229 
MET   CG  SD   sing N N 230 
MET   CG  HG2  sing N N 231 
MET   CG  HG3  sing N N 232 
MET   SD  CE   sing N N 233 
MET   CE  HE1  sing N N 234 
MET   CE  HE2  sing N N 235 
MET   CE  HE3  sing N N 236 
MET   OXT HXT  sing N N 237 
PHE   N   CA   sing N N 238 
PHE   N   H    sing N N 239 
PHE   N   H2   sing N N 240 
PHE   CA  C    sing N N 241 
PHE   CA  CB   sing N N 242 
PHE   CA  HA   sing N N 243 
PHE   C   O    doub N N 244 
PHE   C   OXT  sing N N 245 
PHE   CB  CG   sing N N 246 
PHE   CB  HB2  sing N N 247 
PHE   CB  HB3  sing N N 248 
PHE   CG  CD1  doub Y N 249 
PHE   CG  CD2  sing Y N 250 
PHE   CD1 CE1  sing Y N 251 
PHE   CD1 HD1  sing N N 252 
PHE   CD2 CE2  doub Y N 253 
PHE   CD2 HD2  sing N N 254 
PHE   CE1 CZ   doub Y N 255 
PHE   CE1 HE1  sing N N 256 
PHE   CE2 CZ   sing Y N 257 
PHE   CE2 HE2  sing N N 258 
PHE   CZ  HZ   sing N N 259 
PHE   OXT HXT  sing N N 260 
PRO   N   CA   sing N N 261 
PRO   N   CD   sing N N 262 
PRO   N   H    sing N N 263 
PRO   CA  C    sing N N 264 
PRO   CA  CB   sing N N 265 
PRO   CA  HA   sing N N 266 
PRO   C   O    doub N N 267 
PRO   C   OXT  sing N N 268 
PRO   CB  CG   sing N N 269 
PRO   CB  HB2  sing N N 270 
PRO   CB  HB3  sing N N 271 
PRO   CG  CD   sing N N 272 
PRO   CG  HG2  sing N N 273 
PRO   CG  HG3  sing N N 274 
PRO   CD  HD2  sing N N 275 
PRO   CD  HD3  sing N N 276 
PRO   OXT HXT  sing N N 277 
SER   N   CA   sing N N 278 
SER   N   H    sing N N 279 
SER   N   H2   sing N N 280 
SER   CA  C    sing N N 281 
SER   CA  CB   sing N N 282 
SER   CA  HA   sing N N 283 
SER   C   O    doub N N 284 
SER   C   OXT  sing N N 285 
SER   CB  OG   sing N N 286 
SER   CB  HB2  sing N N 287 
SER   CB  HB3  sing N N 288 
SER   OG  HG   sing N N 289 
SER   OXT HXT  sing N N 290 
THR   N   CA   sing N N 291 
THR   N   H    sing N N 292 
THR   N   H2   sing N N 293 
THR   CA  C    sing N N 294 
THR   CA  CB   sing N N 295 
THR   CA  HA   sing N N 296 
THR   C   O    doub N N 297 
THR   C   OXT  sing N N 298 
THR   CB  OG1  sing N N 299 
THR   CB  CG2  sing N N 300 
THR   CB  HB   sing N N 301 
THR   OG1 HG1  sing N N 302 
THR   CG2 HG21 sing N N 303 
THR   CG2 HG22 sing N N 304 
THR   CG2 HG23 sing N N 305 
THR   OXT HXT  sing N N 306 
TYR   N   CA   sing N N 307 
TYR   N   H    sing N N 308 
TYR   N   H2   sing N N 309 
TYR   CA  C    sing N N 310 
TYR   CA  CB   sing N N 311 
TYR   CA  HA   sing N N 312 
TYR   C   O    doub N N 313 
TYR   C   OXT  sing N N 314 
TYR   CB  CG   sing N N 315 
TYR   CB  HB2  sing N N 316 
TYR   CB  HB3  sing N N 317 
TYR   CG  CD1  doub Y N 318 
TYR   CG  CD2  sing Y N 319 
TYR   CD1 CE1  sing Y N 320 
TYR   CD1 HD1  sing N N 321 
TYR   CD2 CE2  doub Y N 322 
TYR   CD2 HD2  sing N N 323 
TYR   CE1 CZ   doub Y N 324 
TYR   CE1 HE1  sing N N 325 
TYR   CE2 CZ   sing Y N 326 
TYR   CE2 HE2  sing N N 327 
TYR   CZ  OH   sing N N 328 
TYR   OH  HH   sing N N 329 
TYR   OXT HXT  sing N N 330 
VAL   N   CA   sing N N 331 
VAL   N   H    sing N N 332 
VAL   N   H2   sing N N 333 
VAL   CA  C    sing N N 334 
VAL   CA  CB   sing N N 335 
VAL   CA  HA   sing N N 336 
VAL   C   O    doub N N 337 
VAL   C   OXT  sing N N 338 
VAL   CB  CG1  sing N N 339 
VAL   CB  CG2  sing N N 340 
VAL   CB  HB   sing N N 341 
VAL   CG1 HG11 sing N N 342 
VAL   CG1 HG12 sing N N 343 
VAL   CG1 HG13 sing N N 344 
VAL   CG2 HG21 sing N N 345 
VAL   CG2 HG22 sing N N 346 
VAL   CG2 HG23 sing N N 347 
VAL   OXT HXT  sing N N 348 
# 
_pdbx_audit_support.ordinal                1 
_pdbx_audit_support.funding_organization   'Helmholtz Association' 
_pdbx_audit_support.country                Germany 
# 
_pdbx_deposit_group.group_id            G_1002337 
_pdbx_deposit_group.group_title         
'PanDDA analysis group deposition of SARS-CoV-2 Nsp1 soaked with fragments from the KIT library' 
_pdbx_deposit_group.group_description   
;SARS-CoV-2 Nsp1 soaked with Fragments from the KIT library. Includes refined models for hit compounds with ligands placed into the PanDDA event-map, which is the primary evidence for ligand placement. The event-, average and Z-maps and the 2Fo-Fc and Fo-Fc maps are included in the mmcif file. 2Fo-Fc and Fo-Fc maps are not useful to consider as evidence for ligand placement.
;
_pdbx_deposit_group.group_type          'changed state' 
# 
_pdbx_initial_refinement_model.id               1 
_pdbx_initial_refinement_model.type             'experimental model' 
_pdbx_initial_refinement_model.accession_code   7EQ4 
_pdbx_initial_refinement_model.source_name      PDB 
# 
_atom_sites.entry_id                    7IBE 
_atom_sites.fract_transf_matrix[1][1]   0.01103037 
_atom_sites.fract_transf_matrix[1][2]   0.02359862 
_atom_sites.fract_transf_matrix[1][3]   0.00799310 
_atom_sites.fract_transf_matrix[2][1]   -0.00684787 
_atom_sites.fract_transf_matrix[2][2]   -0.00553334 
_atom_sites.fract_transf_matrix[2][3]   0.02578647 
_atom_sites.fract_transf_matrix[3][1]   0.00618243 
_atom_sites.fract_transf_matrix[3][2]   -0.00321238 
_atom_sites.fract_transf_matrix[3][3]   0.00095249 
_atom_sites.fract_transf_vector[1]      0.189144 
_atom_sites.fract_transf_vector[2]      -0.441263 
_atom_sites.fract_transf_vector[3]      0.051162 
# 
loop_
_atom_type.symbol 
C 
F 
N 
O 
S 
# 
loop_
_atom_site.group_PDB 
_atom_site.id 
_atom_site.type_symbol 
_atom_site.label_atom_id 
_atom_site.label_alt_id 
_atom_site.label_comp_id 
_atom_site.label_asym_id 
_atom_site.label_entity_id 
_atom_site.label_seq_id 
_atom_site.pdbx_PDB_ins_code 
_atom_site.Cartn_x 
_atom_site.Cartn_y 
_atom_site.Cartn_z 
_atom_site.occupancy 
_atom_site.B_iso_or_equiv 
_atom_site.pdbx_formal_charge 
_atom_site.auth_seq_id 
_atom_site.auth_comp_id 
_atom_site.auth_asym_id 
_atom_site.auth_atom_id 
_atom_site.pdbx_PDB_model_num 
ATOM   1    N N   . LYS   A 1 2   ? -4.967  11.947  11.282  1.00 53.71  ? 11  LYS   A N   1 
ATOM   2    C CA  . LYS   A 1 2   ? -6.038  10.898  11.149  1.00 49.58  ? 11  LYS   A CA  1 
ATOM   3    C C   . LYS   A 1 2   ? -5.438  9.493   11.206  1.00 45.10  ? 11  LYS   A C   1 
ATOM   4    O O   . LYS   A 1 2   ? -4.405  9.235   10.579  1.00 45.52  ? 11  LYS   A O   1 
ATOM   5    C CB  . LYS   A 1 2   ? -6.772  11.022  9.811   1.00 59.51  ? 11  LYS   A CB  1 
ATOM   6    C CG  . LYS   A 1 2   ? -7.879  12.060  9.763   1.00 69.12  ? 11  LYS   A CG  1 
ATOM   7    C CD  . LYS   A 1 2   ? -8.521  12.175  8.393   1.00 73.80  ? 11  LYS   A CD  1 
ATOM   8    C CE  . LYS   A 1 2   ? -9.343  13.436  8.239   1.00 76.75  ? 11  LYS   A CE  1 
ATOM   9    N NZ  . LYS   A 1 2   ? -10.267 13.609  9.384   1.00 79.06  ? 11  LYS   A NZ  1 
ATOM   10   N N   A THR   A 1 3   ? -6.105  8.565   11.892  0.32 40.11  ? 12  THR   A N   1 
ATOM   11   N N   B THR   A 1 3   ? -6.106  8.564   11.893  0.32 40.14  ? 12  THR   A N   1 
ATOM   12   N N   C THR   A 1 3   ? -6.119  8.598   11.922  0.21 43.75  ? 12  THR   A N   1 
ATOM   13   N N   D THR   A 1 3   ? -6.118  8.597   11.922  0.15 44.04  ? 12  THR   A N   1 
ATOM   14   C CA  A THR   A 1 3   ? -5.663  7.148   12.027  0.32 38.97  ? 12  THR   A CA  1 
ATOM   15   C CA  B THR   A 1 3   ? -5.663  7.148   12.027  0.32 38.98  ? 12  THR   A CA  1 
ATOM   16   C CA  C THR   A 1 3   ? -5.731  7.177   12.120  0.21 43.83  ? 12  THR   A CA  1 
ATOM   17   C CA  D THR   A 1 3   ? -5.729  7.177   12.120  0.15 43.94  ? 12  THR   A CA  1 
ATOM   18   C C   A THR   A 1 3   ? -5.838  6.404   10.698  0.32 38.70  ? 12  THR   A C   1 
ATOM   19   C C   B THR   A 1 3   ? -5.838  6.404   10.698  0.32 38.71  ? 12  THR   A C   1 
ATOM   20   C C   C THR   A 1 3   ? -5.771  6.445   10.775  0.21 43.43  ? 12  THR   A C   1 
ATOM   21   C C   D THR   A 1 3   ? -5.766  6.444   10.776  0.15 43.56  ? 12  THR   A C   1 
ATOM   22   O O   A THR   A 1 3   ? -5.205  5.342   10.533  0.32 40.84  ? 12  THR   A O   1 
ATOM   23   O O   B THR   A 1 3   ? -5.204  5.343   10.533  0.32 40.83  ? 12  THR   A O   1 
ATOM   24   O O   C THR   A 1 3   ? -4.950  5.530   10.582  0.21 45.76  ? 12  THR   A O   1 
ATOM   25   O O   D THR   A 1 3   ? -4.948  5.527   10.588  0.15 45.47  ? 12  THR   A O   1 
ATOM   26   C CB  A THR   A 1 3   ? -6.435  6.393   13.116  0.32 38.53  ? 12  THR   A CB  1 
ATOM   27   C CB  B THR   A 1 3   ? -6.435  6.393   13.117  0.32 38.53  ? 12  THR   A CB  1 
ATOM   28   C CB  C THR   A 1 3   ? -6.646  6.488   13.138  0.21 44.06  ? 12  THR   A CB  1 
ATOM   29   C CB  D THR   A 1 3   ? -6.647  6.488   13.137  0.15 44.05  ? 12  THR   A CB  1 
ATOM   30   O OG1 A THR   A 1 3   ? -7.770  6.167   12.652  0.32 33.47  ? 12  THR   A OG1 1 
ATOM   31   O OG1 B THR   A 1 3   ? -7.770  6.167   12.653  0.32 33.51  ? 12  THR   A OG1 1 
ATOM   32   O OG1 C THR   A 1 3   ? -7.948  6.380   12.558  0.21 41.70  ? 12  THR   A OG1 1 
ATOM   33   O OG1 D THR   A 1 3   ? -7.950  6.390   12.558  0.15 42.18  ? 12  THR   A OG1 1 
ATOM   34   C CG2 A THR   A 1 3   ? -6.441  7.124   14.438  0.32 38.89  ? 12  THR   A CG2 1 
ATOM   35   C CG2 B THR   A 1 3   ? -6.441  7.124   14.438  0.32 38.89  ? 12  THR   A CG2 1 
ATOM   36   C CG2 C THR   A 1 3   ? -6.710  7.227   14.456  0.21 44.60  ? 12  THR   A CG2 1 
ATOM   37   C CG2 D THR   A 1 3   ? -6.709  7.223   14.456  0.15 44.49  ? 12  THR   A CG2 1 
ATOM   38   N N   A HIS   A 1 4   ? -6.679  6.915   9.798   0.32 36.94  ? 13  HIS   A N   1 
ATOM   39   N N   B HIS   A 1 4   ? -6.680  6.915   9.797   0.32 36.98  ? 13  HIS   A N   1 
ATOM   40   N N   C HIS   A 1 4   ? -6.686  6.833   9.883   0.21 41.72  ? 13  HIS   A N   1 
ATOM   41   N N   D HIS   A 1 4   ? -6.682  6.831   9.884   0.15 42.16  ? 13  HIS   A N   1 
ATOM   42   C CA  A HIS   A 1 4   ? -6.916  6.306   8.463   0.32 39.07  ? 13  HIS   A CA  1 
ATOM   43   C CA  B HIS   A 1 4   ? -6.916  6.305   8.463   0.32 39.08  ? 13  HIS   A CA  1 
ATOM   44   C CA  C HIS   A 1 4   ? -6.842  6.233   8.532   0.21 42.21  ? 13  HIS   A CA  1 
ATOM   45   C CA  D HIS   A 1 4   ? -6.839  6.232   8.533   0.15 42.45  ? 13  HIS   A CA  1 
ATOM   46   C C   A HIS   A 1 4   ? -6.906  7.380   7.380   0.32 42.91  ? 13  HIS   A C   1 
ATOM   47   C C   B HIS   A 1 4   ? -6.906  7.380   7.380   0.32 42.89  ? 13  HIS   A C   1 
ATOM   48   C C   C HIS   A 1 4   ? -6.702  7.312   7.459   0.21 43.81  ? 13  HIS   A C   1 
ATOM   49   C C   D HIS   A 1 4   ? -6.704  7.313   7.459   0.15 43.68  ? 13  HIS   A C   1 
ATOM   50   O O   A HIS   A 1 4   ? -7.446  8.483   7.613   0.32 38.62  ? 13  HIS   A O   1 
ATOM   51   O O   B HIS   A 1 4   ? -7.447  8.482   7.614   0.32 38.64  ? 13  HIS   A O   1 
ATOM   52   O O   C HIS   A 1 4   ? -6.757  8.511   7.797   0.21 40.03  ? 13  HIS   A O   1 
ATOM   53   O O   D HIS   A 1 4   ? -6.771  8.512   7.796   0.15 40.61  ? 13  HIS   A O   1 
ATOM   54   C CB  A HIS   A 1 4   ? -8.224  5.518   8.409   0.32 39.11  ? 13  HIS   A CB  1 
ATOM   55   C CB  B HIS   A 1 4   ? -8.225  5.518   8.410   0.32 39.12  ? 13  HIS   A CB  1 
ATOM   56   C CB  C HIS   A 1 4   ? -8.164  5.476   8.408   0.21 42.17  ? 13  HIS   A CB  1 
ATOM   57   C CB  D HIS   A 1 4   ? -8.163  5.476   8.412   0.15 42.37  ? 13  HIS   A CB  1 
ATOM   58   C CG  A HIS   A 1 4   ? -8.182  4.207   9.118   0.32 39.49  ? 13  HIS   A CG  1 
ATOM   59   C CG  B HIS   A 1 4   ? -8.182  4.207   9.118   0.32 39.49  ? 13  HIS   A CG  1 
ATOM   60   C CG  C HIS   A 1 4   ? -8.206  4.216   9.201   0.21 42.65  ? 13  HIS   A CG  1 
ATOM   61   C CG  D HIS   A 1 4   ? -8.204  4.215   9.204   0.15 42.69  ? 13  HIS   A CG  1 
ATOM   62   N ND1 A HIS   A 1 4   ? -8.346  4.112   10.487  0.32 39.38  ? 13  HIS   A ND1 1 
ATOM   63   N ND1 B HIS   A 1 4   ? -8.345  4.111   10.486  0.32 39.38  ? 13  HIS   A ND1 1 
ATOM   64   N ND1 C HIS   A 1 4   ? -8.399  4.218   10.567  0.21 42.40  ? 13  HIS   A ND1 1 
ATOM   65   N ND1 D HIS   A 1 4   ? -8.396  4.215   10.571  0.15 42.46  ? 13  HIS   A ND1 1 
ATOM   66   C CD2 A HIS   A 1 4   ? -8.030  2.942   8.661   0.32 40.03  ? 13  HIS   A CD2 1 
ATOM   67   C CD2 B HIS   A 1 4   ? -8.030  2.942   8.661   0.32 40.03  ? 13  HIS   A CD2 1 
ATOM   68   C CD2 C HIS   A 1 4   ? -8.085  2.921   8.832   0.21 43.41  ? 13  HIS   A CD2 1 
ATOM   69   C CD2 D HIS   A 1 4   ? -8.081  2.921   8.835   0.15 43.28  ? 13  HIS   A CD2 1 
ATOM   70   C CE1 A HIS   A 1 4   ? -8.286  2.845   10.845  0.32 38.11  ? 13  HIS   A CE1 1 
ATOM   71   C CE1 B HIS   A 1 4   ? -8.286  2.845   10.845  0.32 38.12  ? 13  HIS   A CE1 1 
ATOM   72   C CE1 C HIS   A 1 4   ? -8.397  2.976   11.008  0.21 41.61  ? 13  HIS   A CE1 1 
ATOM   73   C CE1 D HIS   A 1 4   ? -8.392  2.974   11.011  0.15 41.86  ? 13  HIS   A CE1 1 
ATOM   74   N NE2 A HIS   A 1 4   ? -8.095  2.104   9.747   0.32 39.78  ? 13  HIS   A NE2 1 
ATOM   75   N NE2 B HIS   A 1 4   ? -8.094  2.103   9.747   0.32 39.78  ? 13  HIS   A NE2 1 
ATOM   76   N NE2 C HIS   A 1 4   ? -8.210  2.159   9.964   0.21 42.29  ? 13  HIS   A NE2 1 
ATOM   77   N NE2 D HIS   A 1 4   ? -8.203  2.159   9.967   0.15 42.40  ? 13  HIS   A NE2 1 
ATOM   78   N N   A VAL   A 1 5   ? -6.342  7.031   6.223   0.32 44.04  ? 14  VAL   A N   1 
ATOM   79   N N   B VAL   A 1 5   ? -6.342  7.031   6.224   0.32 44.04  ? 14  VAL   A N   1 
ATOM   80   N N   C VAL   A 1 5   ? -6.513  6.879   6.213   0.21 43.40  ? 14  VAL   A N   1 
ATOM   81   N N   D VAL   A 1 5   ? -6.510  6.880   6.214   0.15 43.60  ? 14  VAL   A N   1 
ATOM   82   C CA  A VAL   A 1 5   ? -6.240  7.941   5.050   0.32 46.27  ? 14  VAL   A CA  1 
ATOM   83   C CA  B VAL   A 1 5   ? -6.240  7.941   5.050   0.32 46.26  ? 14  VAL   A CA  1 
ATOM   84   C CA  C VAL   A 1 5   ? -6.206  7.764   5.053   0.21 45.44  ? 14  VAL   A CA  1 
ATOM   85   C CA  D VAL   A 1 5   ? -6.206  7.764   5.053   0.15 45.33  ? 14  VAL   A CA  1 
ATOM   86   C C   A VAL   A 1 5   ? -6.884  7.228   3.859   0.32 45.58  ? 14  VAL   A C   1 
ATOM   87   C C   B VAL   A 1 5   ? -6.884  7.228   3.859   0.32 45.57  ? 14  VAL   A C   1 
ATOM   88   C C   C VAL   A 1 5   ? -6.897  7.173   3.822   0.21 45.28  ? 14  VAL   A C   1 
ATOM   89   C C   D VAL   A 1 5   ? -6.898  7.172   3.822   0.15 45.17  ? 14  VAL   A C   1 
ATOM   90   O O   A VAL   A 1 5   ? -6.585  6.036   3.646   0.32 40.60  ? 14  VAL   A O   1 
ATOM   91   O O   B VAL   A 1 5   ? -6.585  6.037   3.645   0.32 40.62  ? 14  VAL   A O   1 
ATOM   92   O O   C VAL   A 1 5   ? -6.636  5.991   3.522   0.21 42.96  ? 14  VAL   A O   1 
ATOM   93   O O   D VAL   A 1 5   ? -6.636  5.991   3.520   0.15 43.23  ? 14  VAL   A O   1 
ATOM   94   C CB  A VAL   A 1 5   ? -4.785  8.372   4.788   0.32 49.63  ? 14  VAL   A CB  1 
ATOM   95   C CB  B VAL   A 1 5   ? -4.785  8.372   4.788   0.32 49.60  ? 14  VAL   A CB  1 
ATOM   96   C CB  C VAL   A 1 5   ? -4.680  7.911   4.886   0.21 46.79  ? 14  VAL   A CB  1 
ATOM   97   C CB  D VAL   A 1 5   ? -4.680  7.912   4.883   0.15 46.58  ? 14  VAL   A CB  1 
ATOM   98   C CG1 A VAL   A 1 5   ? -3.847  7.194   4.564   0.32 50.03  ? 14  VAL   A CG1 1 
ATOM   99   C CG1 B VAL   A 1 5   ? -3.847  7.194   4.564   0.32 50.00  ? 14  VAL   A CG1 1 
ATOM   100  C CG1 C VAL   A 1 5   ? -4.049  8.525   6.130   0.21 47.33  ? 14  VAL   A CG1 1 
ATOM   101  C CG1 D VAL   A 1 5   ? -4.046  8.526   6.125   0.15 47.07  ? 14  VAL   A CG1 1 
ATOM   102  C CG2 A VAL   A 1 5   ? -4.693  9.364   3.638   0.32 51.66  ? 14  VAL   A CG2 1 
ATOM   103  C CG2 B VAL   A 1 5   ? -4.693  9.364   3.638   0.32 51.62  ? 14  VAL   A CG2 1 
ATOM   104  C CG2 C VAL   A 1 5   ? -3.992  6.593   4.556   0.21 48.29  ? 14  VAL   A CG2 1 
ATOM   105  C CG2 D VAL   A 1 5   ? -3.994  6.593   4.552   0.15 47.80  ? 14  VAL   A CG2 1 
ATOM   106  N N   . GLN   A 1 6   ? -7.797  7.932   3.184   1.00 44.22  ? 15  GLN   A N   1 
ATOM   107  C CA  . GLN   A 1 6   ? -8.486  7.462   1.960   1.00 46.43  ? 15  GLN   A CA  1 
ATOM   108  C C   . GLN   A 1 6   ? -7.490  7.583   0.816   1.00 39.76  ? 15  GLN   A C   1 
ATOM   109  O O   . GLN   A 1 6   ? -6.997  8.705   0.545   1.00 40.47  ? 15  GLN   A O   1 
ATOM   110  C CB  . GLN   A 1 6   ? -9.748  8.274   1.660   1.00 48.97  ? 15  GLN   A CB  1 
ATOM   111  C CG  . GLN   A 1 6   ? -10.971 7.746   2.384   1.00 56.62  ? 15  GLN   A CG  1 
ATOM   112  C CD  . GLN   A 1 6   ? -12.200 8.537   2.024   1.00 59.09  ? 15  GLN   A CD  1 
ATOM   113  O OE1 . GLN   A 1 6   ? -12.148 9.459   1.206   1.00 63.62  ? 15  GLN   A OE1 1 
ATOM   114  N NE2 . GLN   A 1 6   ? -13.316 8.170   2.633   1.00 66.57  ? 15  GLN   A NE2 1 
ATOM   115  N N   A LEU   A 1 7   ? -7.181  6.468   0.153   0.32 37.15  ? 16  LEU   A N   1 
ATOM   116  N N   B LEU   A 1 7   ? -7.182  6.468   0.152   0.32 37.11  ? 16  LEU   A N   1 
ATOM   117  N N   C LEU   A 1 7   ? -7.198  6.449   0.171   0.21 39.06  ? 16  LEU   A N   1 
ATOM   118  N N   D LEU   A 1 7   ? -7.198  6.448   0.172   0.15 39.27  ? 16  LEU   A N   1 
ATOM   119  C CA  A LEU   A 1 7   ? -6.246  6.450   -0.997  0.32 37.80  ? 16  LEU   A CA  1 
ATOM   120  C CA  B LEU   A 1 7   ? -6.247  6.448   -1.001  0.32 37.68  ? 16  LEU   A CA  1 
ATOM   121  C CA  C LEU   A 1 7   ? -6.256  6.332   -0.971  0.21 39.72  ? 16  LEU   A CA  1 
ATOM   122  C CA  D LEU   A 1 7   ? -6.259  6.329   -0.973  0.15 39.55  ? 16  LEU   A CA  1 
ATOM   123  C C   A LEU   A 1 7   ? -6.880  5.693   -2.157  0.32 35.44  ? 16  LEU   A C   1 
ATOM   124  C C   B LEU   A 1 7   ? -6.885  5.686   -2.158  0.32 35.21  ? 16  LEU   A C   1 
ATOM   125  C C   C LEU   A 1 7   ? -6.981  5.729   -2.172  0.21 37.51  ? 16  LEU   A C   1 
ATOM   126  C C   D LEU   A 1 7   ? -6.993  5.718   -2.166  0.15 37.38  ? 16  LEU   A C   1 
ATOM   127  O O   A LEU   A 1 7   ? -7.642  4.743   -1.911  0.32 34.58  ? 16  LEU   A O   1 
ATOM   128  O O   B LEU   A 1 7   ? -7.632  4.727   -1.906  0.32 34.45  ? 16  LEU   A O   1 
ATOM   129  O O   C LEU   A 1 7   ? -7.885  4.899   -1.972  0.21 36.29  ? 16  LEU   A O   1 
ATOM   130  O O   D LEU   A 1 7   ? -7.887  4.881   -1.947  0.15 36.19  ? 16  LEU   A O   1 
ATOM   131  C CB  A LEU   A 1 7   ? -4.933  5.774   -0.603  0.32 37.34  ? 16  LEU   A CB  1 
ATOM   132  C CB  B LEU   A 1 7   ? -4.934  5.772   -0.604  0.32 37.28  ? 16  LEU   A CB  1 
ATOM   133  C CB  C LEU   A 1 7   ? -5.091  5.420   -0.588  0.21 40.52  ? 16  LEU   A CB  1 
ATOM   134  C CB  D LEU   A 1 7   ? -5.091  5.417   -0.588  0.15 40.48  ? 16  LEU   A CB  1 
ATOM   135  C CG  A LEU   A 1 7   ? -4.200  6.373   0.592   0.32 39.61  ? 16  LEU   A CG  1 
ATOM   136  C CG  B LEU   A 1 7   ? -4.201  6.372   0.592   0.32 39.56  ? 16  LEU   A CG  1 
ATOM   137  C CG  C LEU   A 1 7   ? -4.254  5.862   0.606   0.21 42.55  ? 16  LEU   A CG  1 
ATOM   138  C CG  D LEU   A 1 7   ? -4.254  5.861   0.607   0.15 42.29  ? 16  LEU   A CG  1 
ATOM   139  C CD1 A LEU   A 1 7   ? -3.008  5.506   0.954   0.32 39.92  ? 16  LEU   A CD1 1 
ATOM   140  C CD1 B LEU   A 1 7   ? -3.009  5.506   0.954   0.32 39.87  ? 16  LEU   A CD1 1 
ATOM   141  C CD1 C LEU   A 1 7   ? -3.388  4.712   1.090   0.21 43.60  ? 16  LEU   A CD1 1 
ATOM   142  C CD1 D LEU   A 1 7   ? -3.390  4.712   1.094   0.15 43.18  ? 16  LEU   A CD1 1 
ATOM   143  C CD2 A LEU   A 1 7   ? -3.753  7.804   0.314   0.32 38.84  ? 16  LEU   A CD2 1 
ATOM   144  C CD2 B LEU   A 1 7   ? -3.755  7.804   0.313   0.32 38.80  ? 16  LEU   A CD2 1 
ATOM   145  C CD2 C LEU   A 1 7   ? -3.402  7.073   0.255   0.21 44.53  ? 16  LEU   A CD2 1 
ATOM   146  C CD2 D LEU   A 1 7   ? -3.402  7.071   0.254   0.15 43.90  ? 16  LEU   A CD2 1 
ATOM   147  N N   A SER   A 1 8   ? -6.546  6.118   -3.376  0.32 35.38  ? 17  SER   A N   1 
ATOM   148  N N   B SER   A 1 8   ? -6.588  6.116   -3.385  0.32 34.80  ? 17  SER   A N   1 
ATOM   149  N N   C SER   A 1 8   ? -6.555  6.119   -3.375  0.21 36.45  ? 17  SER   A N   1 
ATOM   150  N N   D SER   A 1 8   ? -6.607  6.116   -3.381  0.15 35.97  ? 17  SER   A N   1 
ATOM   151  C CA  A SER   A 1 8   ? -6.859  5.416   -4.643  0.32 36.08  ? 17  SER   A CA  1 
ATOM   152  C CA  B SER   A 1 8   ? -6.890  5.362   -4.624  0.32 34.99  ? 17  SER   A CA  1 
ATOM   153  C CA  C SER   A 1 8   ? -6.858  5.420   -4.647  0.21 36.65  ? 17  SER   A CA  1 
ATOM   154  C CA  D SER   A 1 8   ? -6.893  5.367   -4.628  0.15 35.64  ? 17  SER   A CA  1 
ATOM   155  C C   A SER   A 1 8   ? -5.534  4.953   -5.254  0.32 34.28  ? 17  SER   A C   1 
ATOM   156  C C   B SER   A 1 8   ? -5.554  4.939   -5.244  0.32 33.60  ? 17  SER   A C   1 
ATOM   157  C C   C SER   A 1 8   ? -5.526  4.960   -5.251  0.21 34.84  ? 17  SER   A C   1 
ATOM   158  C C   D SER   A 1 8   ? -5.552  4.945   -5.236  0.15 34.06  ? 17  SER   A C   1 
ATOM   159  O O   A SER   A 1 8   ? -4.773  5.812   -5.714  0.32 33.33  ? 17  SER   A O   1 
ATOM   160  O O   B SER   A 1 8   ? -4.812  5.816   -5.702  0.32 32.00  ? 17  SER   A O   1 
ATOM   161  O O   C SER   A 1 8   ? -4.774  5.823   -5.723  0.21 33.59  ? 17  SER   A O   1 
ATOM   162  O O   D SER   A 1 8   ? -4.821  5.826   -5.712  0.15 32.39  ? 17  SER   A O   1 
ATOM   163  C CB  A SER   A 1 8   ? -7.638  6.301   -5.569  0.32 40.82  ? 17  SER   A CB  1 
ATOM   164  C CB  B SER   A 1 8   ? -7.726  6.158   -5.579  0.32 39.22  ? 17  SER   A CB  1 
ATOM   165  C CB  C SER   A 1 8   ? -7.639  6.303   -5.578  0.21 40.27  ? 17  SER   A CB  1 
ATOM   166  C CB  D SER   A 1 8   ? -7.729  6.169   -5.584  0.15 38.31  ? 17  SER   A CB  1 
ATOM   167  O OG  A SER   A 1 8   ? -9.022  6.238   -5.262  0.32 41.70  ? 17  SER   A OG  1 
ATOM   168  O OG  B SER   A 1 8   ? -8.195  5.322   -6.627  0.32 39.17  ? 17  SER   A OG  1 
ATOM   169  O OG  C SER   A 1 8   ? -9.025  6.244   -5.270  0.21 41.10  ? 17  SER   A OG  1 
ATOM   170  O OG  D SER   A 1 8   ? -8.214  5.341   -6.629  0.15 38.70  ? 17  SER   A OG  1 
ATOM   171  N N   A LEU   A 1 9   ? -5.255  3.654   -5.184  0.32 30.50  ? 18  LEU   A N   1 
ATOM   172  N N   B LEU   A 1 9   ? -5.254  3.647   -5.180  0.32 30.19  ? 18  LEU   A N   1 
ATOM   173  N N   C LEU   A 1 9   ? -5.225  3.663   -5.156  0.21 32.24  ? 18  LEU   A N   1 
ATOM   174  N N   D LEU   A 1 9   ? -5.225  3.656   -5.142  0.15 32.02  ? 18  LEU   A N   1 
ATOM   175  C CA  A LEU   A 1 9   ? -3.938  3.096   -5.568  0.32 30.28  ? 18  LEU   A CA  1 
ATOM   176  C CA  B LEU   A 1 9   ? -3.934  3.097   -5.568  0.32 30.14  ? 18  LEU   A CA  1 
ATOM   177  C CA  C LEU   A 1 9   ? -3.912  3.090   -5.544  0.21 31.88  ? 18  LEU   A CA  1 
ATOM   178  C CA  D LEU   A 1 9   ? -3.910  3.091   -5.542  0.15 31.69  ? 18  LEU   A CA  1 
ATOM   179  C C   A LEU   A 1 9   ? -4.014  2.649   -7.017  0.32 28.19  ? 18  LEU   A C   1 
ATOM   180  C C   B LEU   A 1 9   ? -4.013  2.650   -7.016  0.32 28.15  ? 18  LEU   A C   1 
ATOM   181  C C   C LEU   A 1 9   ? -3.990  2.632   -6.995  0.21 29.66  ? 18  LEU   A C   1 
ATOM   182  C C   D LEU   A 1 9   ? -3.992  2.635   -6.994  0.15 29.74  ? 18  LEU   A C   1 
ATOM   183  O O   A LEU   A 1 9   ? -4.933  1.912   -7.369  0.32 26.12  ? 18  LEU   A O   1 
ATOM   184  O O   B LEU   A 1 9   ? -4.932  1.912   -7.368  0.32 26.10  ? 18  LEU   A O   1 
ATOM   185  O O   C LEU   A 1 9   ? -4.886  1.863   -7.339  0.21 27.64  ? 18  LEU   A O   1 
ATOM   186  O O   D LEU   A 1 9   ? -4.887  1.867   -7.340  0.15 27.74  ? 18  LEU   A O   1 
ATOM   187  C CB  A LEU   A 1 9   ? -3.585  1.907   -4.677  0.32 28.76  ? 18  LEU   A CB  1 
ATOM   188  C CB  B LEU   A 1 9   ? -3.581  1.908   -4.677  0.32 28.71  ? 18  LEU   A CB  1 
ATOM   189  C CB  C LEU   A 1 9   ? -3.566  1.913   -4.628  0.21 31.57  ? 18  LEU   A CB  1 
ATOM   190  C CB  D LEU   A 1 9   ? -3.561  1.914   -4.627  0.15 31.65  ? 18  LEU   A CB  1 
ATOM   191  C CG  A LEU   A 1 9   ? -3.444  2.219   -3.191  0.32 30.71  ? 18  LEU   A CG  1 
ATOM   192  C CG  B LEU   A 1 9   ? -3.443  2.218   -3.191  0.32 30.66  ? 18  LEU   A CG  1 
ATOM   193  C CG  C LEU   A 1 9   ? -3.380  2.250   -3.150  0.21 33.13  ? 18  LEU   A CG  1 
ATOM   194  C CG  D LEU   A 1 9   ? -3.379  2.249   -3.148  0.15 33.01  ? 18  LEU   A CG  1 
ATOM   195  C CD1 A LEU   A 1 9   ? -2.985  0.986   -2.446  0.32 32.16  ? 18  LEU   A CD1 1 
ATOM   196  C CD1 B LEU   A 1 9   ? -2.986  0.986   -2.446  0.32 32.11  ? 18  LEU   A CD1 1 
ATOM   197  C CD1 C LEU   A 1 9   ? -3.317  0.985   -2.318  0.21 34.42  ? 18  LEU   A CD1 1 
ATOM   198  C CD1 D LEU   A 1 9   ? -3.317  0.982   -2.315  0.15 34.07  ? 18  LEU   A CD1 1 
ATOM   199  C CD2 A LEU   A 1 9   ? -2.496  3.375   -2.953  0.32 30.95  ? 18  LEU   A CD2 1 
ATOM   200  C CD2 B LEU   A 1 9   ? -2.496  3.374   -2.951  0.32 30.91  ? 18  LEU   A CD2 1 
ATOM   201  C CD2 C LEU   A 1 9   ? -2.139  3.091   -2.928  0.21 33.96  ? 18  LEU   A CD2 1 
ATOM   202  C CD2 D LEU   A 1 9   ? -2.138  3.090   -2.923  0.15 33.68  ? 18  LEU   A CD2 1 
ATOM   203  N N   . PRO   A 1 10  ? -3.070  3.090   -7.875  1.00 29.98  ? 19  PRO   A N   1 
ATOM   204  C CA  . PRO   A 1 10  ? -3.044  2.629   -9.259  1.00 26.30  ? 19  PRO   A CA  1 
ATOM   205  C C   . PRO   A 1 10  ? -2.631  1.151   -9.262  1.00 25.99  ? 19  PRO   A C   1 
ATOM   206  O O   . PRO   A 1 10  ? -1.645  0.776   -8.614  1.00 26.69  ? 19  PRO   A O   1 
ATOM   207  C CB  . PRO   A 1 10  ? -1.984  3.456   -9.947  1.00 28.45  ? 19  PRO   A CB  1 
ATOM   208  C CG  . PRO   A 1 10  ? -1.125  4.028   -8.809  1.00 33.74  ? 19  PRO   A CG  1 
ATOM   209  C CD  . PRO   A 1 10  ? -2.004  4.051   -7.567  1.00 31.55  ? 19  PRO   A CD  1 
ATOM   210  N N   . VAL   A 1 11  ? -3.385  0.335   -9.976  1.00 26.51  ? 20  VAL   A N   1 
ATOM   211  C CA  . VAL   A 1 11  ? -3.123  -1.108  -10.117 1.00 23.42  ? 20  VAL   A CA  1 
ATOM   212  C C   . VAL   A 1 11  ? -2.204  -1.251  -11.338 1.00 28.00  ? 20  VAL   A C   1 
ATOM   213  O O   . VAL   A 1 11  ? -2.608  -0.891  -12.419 1.00 26.72  ? 20  VAL   A O   1 
ATOM   214  C CB  . VAL   A 1 11  ? -4.419  -1.912  -10.243 1.00 27.94  ? 20  VAL   A CB  1 
ATOM   215  C CG1 . VAL   A 1 11  ? -4.092  -3.362  -10.470 1.00 27.88  ? 20  VAL   A CG1 1 
ATOM   216  C CG2 . VAL   A 1 11  ? -5.317  -1.754  -9.018  1.00 31.84  ? 20  VAL   A CG2 1 
ATOM   217  N N   . LEU   A 1 12  ? -1.017  -1.791  -11.146 1.00 28.49  ? 21  LEU   A N   1 
ATOM   218  C CA  . LEU   A 1 12  ? -0.025  -1.952  -12.244 1.00 26.47  ? 21  LEU   A CA  1 
ATOM   219  C C   . LEU   A 1 12  ? 0.076   -3.417  -12.635 1.00 26.80  ? 21  LEU   A C   1 
ATOM   220  O O   . LEU   A 1 12  ? -0.061  -4.282  -11.809 1.00 29.23  ? 21  LEU   A O   1 
ATOM   221  C CB  . LEU   A 1 12  ? 1.312   -1.447  -11.735 1.00 25.42  ? 21  LEU   A CB  1 
ATOM   222  C CG  . LEU   A 1 12  ? 1.287   -0.060  -11.106 1.00 24.86  ? 21  LEU   A CG  1 
ATOM   223  C CD1 . LEU   A 1 12  ? 2.689   0.306   -10.645 1.00 25.12  ? 21  LEU   A CD1 1 
ATOM   224  C CD2 . LEU   A 1 12  ? 0.690   0.985   -12.027 1.00 26.95  ? 21  LEU   A CD2 1 
ATOM   225  N N   A GLN   A 1 13  ? 0.315   -3.690  -13.916 0.21 28.33  ? 22  GLN   A N   1 
ATOM   226  N N   B GLN   A 1 13  ? 0.343   -3.665  -13.916 0.28 28.99  ? 22  GLN   A N   1 
ATOM   227  N N   C GLN   A 1 13  ? 0.315   -3.690  -13.916 0.21 28.33  ? 22  GLN   A N   1 
ATOM   228  N N   D GLN   A 1 13  ? 0.343   -3.665  -13.916 0.28 28.99  ? 22  GLN   A N   1 
ATOM   229  C CA  A GLN   A 1 13  ? 0.652   -5.058  -14.384 0.21 28.27  ? 22  GLN   A CA  1 
ATOM   230  C CA  B GLN   A 1 13  ? 0.718   -5.006  -14.431 0.28 29.36  ? 22  GLN   A CA  1 
ATOM   231  C CA  C GLN   A 1 13  ? 0.652   -5.058  -14.384 0.21 28.27  ? 22  GLN   A CA  1 
ATOM   232  C CA  D GLN   A 1 13  ? 0.718   -5.006  -14.431 0.28 29.36  ? 22  GLN   A CA  1 
ATOM   233  C C   A GLN   A 1 13  ? 2.107   -5.324  -13.981 0.21 27.04  ? 22  GLN   A C   1 
ATOM   234  C C   B GLN   A 1 13  ? 2.141   -5.305  -13.955 0.28 27.08  ? 22  GLN   A C   1 
ATOM   235  C C   C GLN   A 1 13  ? 2.107   -5.324  -13.981 0.21 27.04  ? 22  GLN   A C   1 
ATOM   236  C C   D GLN   A 1 13  ? 2.141   -5.305  -13.955 0.28 27.08  ? 22  GLN   A C   1 
ATOM   237  O O   A GLN   A 1 13  ? 2.961   -4.434  -14.183 0.21 28.40  ? 22  GLN   A O   1 
ATOM   238  O O   B GLN   A 1 13  ? 3.024   -4.429  -14.107 0.28 27.78  ? 22  GLN   A O   1 
ATOM   239  O O   C GLN   A 1 13  ? 2.961   -4.434  -14.183 0.21 28.40  ? 22  GLN   A O   1 
ATOM   240  O O   D GLN   A 1 13  ? 3.024   -4.429  -14.107 0.28 27.78  ? 22  GLN   A O   1 
ATOM   241  C CB  A GLN   A 1 13  ? 0.367   -5.190  -15.880 0.21 29.62  ? 22  GLN   A CB  1 
ATOM   242  C CB  B GLN   A 1 13  ? 0.612   -5.020  -15.955 0.28 31.99  ? 22  GLN   A CB  1 
ATOM   243  C CB  C GLN   A 1 13  ? 0.367   -5.190  -15.880 0.21 29.62  ? 22  GLN   A CB  1 
ATOM   244  C CB  D GLN   A 1 13  ? 0.612   -5.020  -15.955 0.28 31.99  ? 22  GLN   A CB  1 
ATOM   245  C CG  A GLN   A 1 13  ? -1.080  -5.555  -16.190 0.21 32.29  ? 22  GLN   A CG  1 
ATOM   246  C CG  B GLN   A 1 13  ? -0.724  -4.526  -16.482 0.28 36.45  ? 22  GLN   A CG  1 
ATOM   247  C CG  C GLN   A 1 13  ? -1.080  -5.555  -16.190 0.21 32.29  ? 22  GLN   A CG  1 
ATOM   248  C CG  D GLN   A 1 13  ? -0.724  -4.526  -16.482 0.28 36.45  ? 22  GLN   A CG  1 
ATOM   249  C CD  A GLN   A 1 13  ? -1.470  -6.932  -15.709 0.21 33.55  ? 22  GLN   A CD  1 
ATOM   250  C CD  B GLN   A 1 13  ? -0.928  -4.983  -17.903 0.28 42.51  ? 22  GLN   A CD  1 
ATOM   251  C CD  C GLN   A 1 13  ? -1.470  -6.932  -15.709 0.21 33.55  ? 22  GLN   A CD  1 
ATOM   252  C CD  D GLN   A 1 13  ? -0.928  -4.983  -17.903 0.28 42.51  ? 22  GLN   A CD  1 
ATOM   253  O OE1 A GLN   A 1 13  ? -0.630  -7.750  -15.338 0.21 36.13  ? 22  GLN   A OE1 1 
ATOM   254  O OE1 B GLN   A 1 13  ? -0.137  -4.677  -18.792 0.28 51.31  ? 22  GLN   A OE1 1 
ATOM   255  O OE1 C GLN   A 1 13  ? -0.630  -7.750  -15.338 0.21 36.13  ? 22  GLN   A OE1 1 
ATOM   256  O OE1 D GLN   A 1 13  ? -0.137  -4.677  -18.792 0.28 51.31  ? 22  GLN   A OE1 1 
ATOM   257  N NE2 A GLN   A 1 13  ? -2.765  -7.201  -15.712 0.21 37.39  ? 22  GLN   A NE2 1 
ATOM   258  N NE2 B GLN   A 1 13  ? -1.977  -5.758  -18.120 0.28 47.27  ? 22  GLN   A NE2 1 
ATOM   259  N NE2 C GLN   A 1 13  ? -2.765  -7.201  -15.712 0.21 37.39  ? 22  GLN   A NE2 1 
ATOM   260  N NE2 D GLN   A 1 13  ? -1.977  -5.758  -18.120 0.28 47.27  ? 22  GLN   A NE2 1 
ATOM   261  N N   . VAL   A 1 14  ? 2.362   -6.486  -13.378 1.00 27.68  ? 23  VAL   A N   1 
ATOM   262  C CA  . VAL   A 1 14  ? 3.693   -6.896  -12.870 1.00 26.42  ? 23  VAL   A CA  1 
ATOM   263  C C   . VAL   A 1 14  ? 4.798   -6.690  -13.918 1.00 27.81  ? 23  VAL   A C   1 
ATOM   264  O O   . VAL   A 1 14  ? 5.810   -6.182  -13.517 1.00 27.10  ? 23  VAL   A O   1 
ATOM   265  C CB  . VAL   A 1 14  ? 3.692   -8.315  -12.270 1.00 29.67  ? 23  VAL   A CB  1 
ATOM   266  C CG1 . VAL   A 1 14  ? 3.486   -9.418  -13.293 1.00 30.67  ? 23  VAL   A CG1 1 
ATOM   267  C CG2 . VAL   A 1 14  ? 4.937   -8.538  -11.473 1.00 31.04  ? 23  VAL   A CG2 1 
ATOM   268  N N   . ARG   A 1 15  ? 4.583   -6.990  -15.197 1.00 25.72  ? 24  ARG   A N   1 
ATOM   269  C CA  . ARG   A 1 15  ? 5.675   -6.817  -16.219 1.00 28.90  ? 24  ARG   A CA  1 
ATOM   270  C C   . ARG   A 1 15  ? 6.004   -5.365  -16.536 1.00 28.17  ? 24  ARG   A C   1 
ATOM   271  O O   . ARG   A 1 15  ? 7.060   -5.149  -17.130 1.00 27.93  ? 24  ARG   A O   1 
ATOM   272  C CB  . ARG   A 1 15  ? 5.356   -7.601  -17.486 1.00 31.13  ? 24  ARG   A CB  1 
ATOM   273  C CG  . ARG   A 1 15  ? 5.346   -9.090  -17.211 1.00 34.74  ? 24  ARG   A CG  1 
ATOM   274  C CD  . ARG   A 1 15  ? 5.137   -9.953  -18.441 1.00 39.62  ? 24  ARG   A CD  1 
ATOM   275  N NE  . ARG   A 1 15  ? 5.123   -11.377 -18.098 1.00 42.31  ? 24  ARG   A NE  1 
ATOM   276  C CZ  . ARG   A 1 15  ? 6.190   -12.154 -17.972 1.00 42.67  ? 24  ARG   A CZ  1 
ATOM   277  N NH1 . ARG   A 1 15  ? 7.406   -11.640 -18.125 1.00 47.88  ? 24  ARG   A NH1 1 
ATOM   278  N NH2 . ARG   A 1 15  ? 6.042   -13.433 -17.670 1.00 44.17  ? 24  ARG   A NH2 1 
ATOM   279  N N   . ASP   A 1 16  ? 5.156   -4.417  -16.147 1.00 26.42  ? 25  ASP   A N   1 
ATOM   280  C CA  . ASP   A 1 16  ? 5.420   -2.972  -16.324 1.00 28.00  ? 25  ASP   A CA  1 
ATOM   281  C C   . ASP   A 1 16  ? 6.249   -2.404  -15.188 1.00 27.41  ? 25  ASP   A C   1 
ATOM   282  O O   . ASP   A 1 16  ? 6.886   -1.350  -15.364 1.00 27.26  ? 25  ASP   A O   1 
ATOM   283  C CB  . ASP   A 1 16  ? 4.132   -2.199  -16.463 1.00 26.58  ? 25  ASP   A CB  1 
ATOM   284  C CG  . ASP   A 1 16  ? 3.422   -2.382  -17.794 1.00 33.05  ? 25  ASP   A CG  1 
ATOM   285  O OD1 . ASP   A 1 16  ? 4.071   -2.821  -18.747 1.00 30.88  ? 25  ASP   A OD1 1 
ATOM   286  O OD2 . ASP   A 1 16  ? 2.247   -2.054  -17.845 1.00 34.63  ? 25  ASP   A OD2 1 
ATOM   287  N N   . VAL   A 1 17  ? 6.247   -3.056  -14.039 1.00 26.61  ? 26  VAL   A N   1 
ATOM   288  C CA  . VAL   A 1 17  ? 6.837   -2.432  -12.831 1.00 26.25  ? 26  VAL   A CA  1 
ATOM   289  C C   . VAL   A 1 17  ? 8.350   -2.264  -12.989 1.00 26.64  ? 26  VAL   A C   1 
ATOM   290  O O   . VAL   A 1 17  ? 9.066   -3.250  -13.240 1.00 27.78  ? 26  VAL   A O   1 
ATOM   291  C CB  . VAL   A 1 17  ? 6.474   -3.232  -11.558 1.00 25.61  ? 26  VAL   A CB  1 
ATOM   292  C CG1 . VAL   A 1 17  ? 7.175   -2.652  -10.353 1.00 26.24  ? 26  VAL   A CG1 1 
ATOM   293  C CG2 . VAL   A 1 17  ? 4.965   -3.274  -11.339 1.00 27.01  ? 26  VAL   A CG2 1 
ATOM   294  N N   . LEU   A 1 18  ? 8.827   -1.031  -12.846 1.00 24.98  ? 27  LEU   A N   1 
ATOM   295  C CA  . LEU   A 1 18  ? 10.254  -0.721  -13.006 1.00 26.74  ? 27  LEU   A CA  1 
ATOM   296  C C   . LEU   A 1 18  ? 11.011  -0.908  -11.705 1.00 24.25  ? 27  LEU   A C   1 
ATOM   297  O O   . LEU   A 1 18  ? 12.209  -1.219  -11.759 1.00 27.67  ? 27  LEU   A O   1 
ATOM   298  C CB  . LEU   A 1 18  ? 10.391  0.715   -13.480 1.00 29.73  ? 27  LEU   A CB  1 
ATOM   299  C CG  . LEU   A 1 18  ? 9.747   0.989   -14.826 1.00 33.67  ? 27  LEU   A CG  1 
ATOM   300  C CD1 . LEU   A 1 18  ? 9.913   2.456   -15.173 1.00 34.00  ? 27  LEU   A CD1 1 
ATOM   301  C CD2 . LEU   A 1 18  ? 10.338  0.087   -15.895 1.00 37.68  ? 27  LEU   A CD2 1 
ATOM   302  N N   . VAL   A 1 19  ? 10.374  -0.687  -10.573 1.00 24.94  ? 28  VAL   A N   1 
ATOM   303  C CA  . VAL   A 1 19  ? 11.095  -0.765  -9.264  1.00 24.89  ? 28  VAL   A CA  1 
ATOM   304  C C   . VAL   A 1 19  ? 10.323  -1.769  -8.418  1.00 24.88  ? 28  VAL   A C   1 
ATOM   305  O O   . VAL   A 1 19  ? 9.156   -1.479  -8.062  1.00 28.32  ? 28  VAL   A O   1 
ATOM   306  C CB  . VAL   A 1 19  ? 11.221  0.593   -8.570  1.00 24.74  ? 28  VAL   A CB  1 
ATOM   307  C CG1 . VAL   A 1 19  ? 12.068  0.453   -7.317  1.00 28.29  ? 28  VAL   A CG1 1 
ATOM   308  C CG2 . VAL   A 1 19  ? 11.747  1.703   -9.445  1.00 27.78  ? 28  VAL   A CG2 1 
ATOM   309  N N   . ARG   A 1 20  ? 10.893  -2.958  -8.267  1.00 25.71  ? 29  ARG   A N   1 
ATOM   310  C CA  . ARG   A 1 20  ? 10.116  -4.187  -7.984  1.00 25.49  ? 29  ARG   A CA  1 
ATOM   311  C C   . ARG   A 1 20  ? 10.055  -4.448  -6.469  1.00 26.53  ? 29  ARG   A C   1 
ATOM   312  O O   . ARG   A 1 20  ? 9.524   -5.480  -6.095  1.00 26.99  ? 29  ARG   A O   1 
ATOM   313  C CB  . ARG   A 1 20  ? 10.730  -5.325  -8.768  1.00 28.87  ? 29  ARG   A CB  1 
ATOM   314  C CG  . ARG   A 1 20  ? 10.305  -5.206  -10.225 1.00 31.77  ? 29  ARG   A CG  1 
ATOM   315  C CD  . ARG   A 1 20  ? 10.796  -6.261  -11.157 1.00 40.36  ? 29  ARG   A CD  1 
ATOM   316  N NE  . ARG   A 1 20  ? 10.260  -5.876  -12.452 1.00 53.87  ? 29  ARG   A NE  1 
ATOM   317  C CZ  . ARG   A 1 20  ? 9.178   -6.389  -13.028 1.00 49.33  ? 29  ARG   A CZ  1 
ATOM   318  N NH1 . ARG   A 1 20  ? 8.546   -7.420  -12.492 1.00 60.41  ? 29  ARG   A NH1 1 
ATOM   319  N NH2 . ARG   A 1 20  ? 8.827   -5.946  -14.215 1.00 46.31  ? 29  ARG   A NH2 1 
ATOM   320  N N   . GLY   A 1 21  ? 10.410  -3.462  -5.666  1.00 28.82  ? 30  GLY   A N   1 
ATOM   321  C CA  . GLY   A 1 21  ? 10.273  -3.552  -4.204  1.00 26.13  ? 30  GLY   A CA  1 
ATOM   322  C C   . GLY   A 1 21  ? 10.720  -2.281  -3.559  1.00 30.03  ? 30  GLY   A C   1 
ATOM   323  O O   . GLY   A 1 21  ? 11.181  -1.373  -4.272  1.00 26.45  ? 30  GLY   A O   1 
ATOM   324  N N   . PHE   A 1 22  ? 10.618  -2.216  -2.236  1.00 27.49  ? 31  PHE   A N   1 
ATOM   325  C CA  . PHE   A 1 22  ? 10.841  -0.973  -1.475  1.00 29.24  ? 31  PHE   A CA  1 
ATOM   326  C C   . PHE   A 1 22  ? 12.194  -0.979  -0.748  1.00 31.72  ? 31  PHE   A C   1 
ATOM   327  O O   . PHE   A 1 22  ? 12.589  0.025   -0.222  1.00 36.42  ? 31  PHE   A O   1 
ATOM   328  C CB  . PHE   A 1 22  ? 9.700   -0.781  -0.475  1.00 30.12  ? 31  PHE   A CB  1 
ATOM   329  C CG  . PHE   A 1 22  ? 8.427   -0.271  -1.081  1.00 26.42  ? 31  PHE   A CG  1 
ATOM   330  C CD1 . PHE   A 1 22  ? 8.356   1.013   -1.598  1.00 26.16  ? 31  PHE   A CD1 1 
ATOM   331  C CD2 . PHE   A 1 22  ? 7.281   -1.040  -1.114  1.00 26.16  ? 31  PHE   A CD2 1 
ATOM   332  C CE1 . PHE   A 1 22  ? 7.177   1.510   -2.119  1.00 26.57  ? 31  PHE   A CE1 1 
ATOM   333  C CE2 . PHE   A 1 22  ? 6.095   -0.520  -1.618  1.00 26.32  ? 31  PHE   A CE2 1 
ATOM   334  C CZ  . PHE   A 1 22  ? 6.046   0.756   -2.132  1.00 27.03  ? 31  PHE   A CZ  1 
ATOM   335  N N   . GLY   A 1 23  ? 12.904  -2.094  -0.740  1.00 31.98  ? 32  GLY   A N   1 
ATOM   336  C CA  . GLY   A 1 23  ? 14.195  -2.144  -0.032  1.00 31.58  ? 32  GLY   A CA  1 
ATOM   337  C C   . GLY   A 1 23  ? 14.494  -3.519  0.500   1.00 29.40  ? 32  GLY   A C   1 
ATOM   338  O O   . GLY   A 1 23  ? 14.026  -4.519  -0.050  1.00 29.32  ? 32  GLY   A O   1 
ATOM   339  N N   . ASP   A 1 24  ? 15.365  -3.555  1.495   1.00 31.65  ? 33  ASP   A N   1 
ATOM   340  C CA  . ASP   A 1 24  ? 16.177  -4.775  1.705   1.00 30.81  ? 33  ASP   A CA  1 
ATOM   341  C C   . ASP   A 1 24  ? 15.915  -5.393  3.059   1.00 33.97  ? 33  ASP   A C   1 
ATOM   342  O O   . ASP   A 1 24  ? 16.565  -6.376  3.316   1.00 37.16  ? 33  ASP   A O   1 
ATOM   343  C CB  . ASP   A 1 24  ? 17.644  -4.424  1.536   1.00 33.06  ? 33  ASP   A CB  1 
ATOM   344  C CG  . ASP   A 1 24  ? 17.929  -3.950  0.119   1.00 36.45  ? 33  ASP   A CG  1 
ATOM   345  O OD1 . ASP   A 1 24  ? 17.190  -4.379  -0.806  1.00 38.76  ? 33  ASP   A OD1 1 
ATOM   346  O OD2 . ASP   A 1 24  ? 18.855  -3.157  -0.033  1.00 46.20  ? 33  ASP   A OD2 1 
ATOM   347  N N   . SER   A 1 25  ? 15.032  -4.824  3.869   1.00 32.40  ? 34  SER   A N   1 
ATOM   348  C CA  . SER   A 1 25  ? 14.715  -5.362  5.208   1.00 33.81  ? 34  SER   A CA  1 
ATOM   349  C C   . SER   A 1 25  ? 13.224  -5.204  5.420   1.00 35.34  ? 34  SER   A C   1 
ATOM   350  O O   . SER   A 1 25  ? 12.618  -4.364  4.766   1.00 29.33  ? 34  SER   A O   1 
ATOM   351  C CB  . SER   A 1 25  ? 15.497  -4.678  6.283   1.00 32.33  ? 34  SER   A CB  1 
ATOM   352  O OG  . SER   A 1 25  ? 15.081  -3.362  6.522   1.00 34.54  ? 34  SER   A OG  1 
ATOM   353  N N   . VAL   A 1 26  ? 12.650  -6.005  6.297   1.00 35.99  ? 35  VAL   A N   1 
ATOM   354  C CA  . VAL   A 1 26  ? 11.205  -5.864  6.616   1.00 36.88  ? 35  VAL   A CA  1 
ATOM   355  C C   . VAL   A 1 26  ? 10.953  -4.425  7.081   1.00 33.34  ? 35  VAL   A C   1 
ATOM   356  O O   . VAL   A 1 26  ? 9.938   -3.785  6.682   1.00 32.96  ? 35  VAL   A O   1 
ATOM   357  C CB  . VAL   A 1 26  ? 10.823  -6.903  7.682   1.00 36.58  ? 35  VAL   A CB  1 
ATOM   358  C CG1 . VAL   A 1 26  ? 9.476   -6.582  8.304   1.00 42.08  ? 35  VAL   A CG1 1 
ATOM   359  C CG2 . VAL   A 1 26  ? 10.861  -8.292  7.104   1.00 36.35  ? 35  VAL   A CG2 1 
ATOM   360  N N   . GLU   A 1 27  ? 11.804  -3.916  7.982   1.00 32.85  ? 36  GLU   A N   1 
ATOM   361  C CA  . GLU   A 1 27  ? 11.532  -2.589  8.575   1.00 33.96  ? 36  GLU   A CA  1 
ATOM   362  C C   . GLU   A 1 27  ? 11.649  -1.508  7.479   1.00 35.17  ? 36  GLU   A C   1 
ATOM   363  O O   . GLU   A 1 27  ? 10.869  -0.518  7.514   1.00 32.05  ? 36  GLU   A O   1 
ATOM   364  C CB  . GLU   A 1 27  ? 12.520  -2.317  9.709   1.00 41.22  ? 36  GLU   A CB  1 
ATOM   365  C CG  . GLU   A 1 27  ? 12.273  -3.196  10.916  1.00 44.25  ? 36  GLU   A CG  1 
ATOM   366  C CD  . GLU   A 1 27  ? 13.519  -3.251  11.771  1.00 46.26  ? 36  GLU   A CD  1 
ATOM   367  O OE1 . GLU   A 1 27  ? 14.218  -4.245  11.684  1.00 62.56  ? 36  GLU   A OE1 1 
ATOM   368  O OE2 . GLU   A 1 27  ? 13.806  -2.273  12.444  1.00 49.42  ? 36  GLU   A OE2 1 
ATOM   369  N N   . GLU   A 1 28  ? 12.609  -1.653  6.560   1.00 33.26  ? 37  GLU   A N   1 
ATOM   370  C CA  . GLU   A 1 28  ? 12.792  -0.626  5.496   1.00 31.34  ? 37  GLU   A CA  1 
ATOM   371  C C   . GLU   A 1 28  ? 11.584  -0.643  4.549   1.00 27.99  ? 37  GLU   A C   1 
ATOM   372  O O   . GLU   A 1 28  ? 11.144  0.437   4.148   1.00 28.25  ? 37  GLU   A O   1 
ATOM   373  C CB  . GLU   A 1 28  ? 14.052  -0.855  4.679   1.00 33.26  ? 37  GLU   A CB  1 
ATOM   374  C CG  . GLU   A 1 28  ? 14.263  0.261   3.662   1.00 33.97  ? 37  GLU   A CG  1 
ATOM   375  C CD  . GLU   A 1 28  ? 15.546  0.152   2.862   1.00 34.32  ? 37  GLU   A CD  1 
ATOM   376  O OE1 . GLU   A 1 28  ? 16.106  -0.975  2.775   1.00 31.22  ? 37  GLU   A OE1 1 
ATOM   377  O OE2 . GLU   A 1 28  ? 15.999  1.221   2.354   1.00 34.32  ? 37  GLU   A OE2 1 
ATOM   378  N N   . VAL   A 1 29  ? 11.138  -1.818  4.154   1.00 27.74  ? 38  VAL   A N   1 
ATOM   379  C CA  . VAL   A 1 29  ? 10.070  -1.913  3.108   1.00 30.99  ? 38  VAL   A CA  1 
ATOM   380  C C   . VAL   A 1 29  ? 8.748   -1.395  3.682   1.00 30.83  ? 38  VAL   A C   1 
ATOM   381  O O   . VAL   A 1 29  ? 8.048   -0.693  2.964   1.00 27.99  ? 38  VAL   A O   1 
ATOM   382  C CB  . VAL   A 1 29  ? 9.899   -3.305  2.498   1.00 28.12  ? 38  VAL   A CB  1 
ATOM   383  C CG1 . VAL   A 1 29  ? 11.207  -3.784  1.860   1.00 28.36  ? 38  VAL   A CG1 1 
ATOM   384  C CG2 . VAL   A 1 29  ? 9.373   -4.343  3.478   1.00 28.69  ? 38  VAL   A CG2 1 
ATOM   385  N N   . LEU   A 1 30  ? 8.445   -1.688  4.951   1.00 30.44  ? 39  LEU   A N   1 
ATOM   386  C CA  . LEU   A 1 30  ? 7.252   -1.112  5.611   1.00 30.89  ? 39  LEU   A CA  1 
ATOM   387  C C   . LEU   A 1 30  ? 7.363   0.411   5.718   1.00 30.00  ? 39  LEU   A C   1 
ATOM   388  O O   . LEU   A 1 30  ? 6.364   1.097   5.479   1.00 31.46  ? 39  LEU   A O   1 
ATOM   389  C CB  . LEU   A 1 30  ? 7.049   -1.764  6.993   1.00 33.87  ? 39  LEU   A CB  1 
ATOM   390  C CG  . LEU   A 1 30  ? 6.495   -3.182  6.972   1.00 33.39  ? 39  LEU   A CG  1 
ATOM   391  C CD1 . LEU   A 1 30  ? 6.548   -3.796  8.375   1.00 36.92  ? 39  LEU   A CD1 1 
ATOM   392  C CD2 . LEU   A 1 30  ? 5.055   -3.204  6.446   1.00 36.49  ? 39  LEU   A CD2 1 
ATOM   393  N N   A SER   A 1 31  ? 8.540   0.927   6.089   0.32 27.93  ? 40  SER   A N   1 
ATOM   394  N N   B SER   A 1 31  ? 8.548   0.923   6.076   0.32 32.12  ? 40  SER   A N   1 
ATOM   395  N N   C SER   A 1 31  ? 8.541   0.926   6.087   0.21 28.28  ? 40  SER   A N   1 
ATOM   396  N N   D SER   A 1 31  ? 8.548   0.922   6.073   0.15 32.36  ? 40  SER   A N   1 
ATOM   397  C CA  A SER   A 1 31  ? 8.829   2.384   6.171   0.32 28.01  ? 40  SER   A CA  1 
ATOM   398  C CA  B SER   A 1 31  ? 8.857   2.375   6.183   0.32 34.89  ? 40  SER   A CA  1 
ATOM   399  C CA  C SER   A 1 31  ? 8.835   2.381   6.172   0.21 28.15  ? 40  SER   A CA  1 
ATOM   400  C CA  D SER   A 1 31  ? 8.857   2.375   6.183   0.15 34.37  ? 40  SER   A CA  1 
ATOM   401  C C   A SER   A 1 31  ? 8.619   3.029   4.799   0.32 28.51  ? 40  SER   A C   1 
ATOM   402  C C   B SER   A 1 31  ? 8.675   3.054   4.820   0.32 32.38  ? 40  SER   A C   1 
ATOM   403  C C   C SER   A 1 31  ? 8.626   3.031   4.802   0.21 28.64  ? 40  SER   A C   1 
ATOM   404  C C   D SER   A 1 31  ? 8.680   3.056   4.822   0.15 32.31  ? 40  SER   A C   1 
ATOM   405  O O   A SER   A 1 31  ? 7.855   4.019   4.697   0.32 28.99  ? 40  SER   A O   1 
ATOM   406  O O   B SER   A 1 31  ? 7.989   4.100   4.745   0.32 32.72  ? 40  SER   A O   1 
ATOM   407  O O   C SER   A 1 31  ? 7.870   4.024   4.707   0.21 28.85  ? 40  SER   A O   1 
ATOM   408  O O   D SER   A 1 31  ? 8.007   4.109   4.752   0.15 32.30  ? 40  SER   A O   1 
ATOM   409  C CB  A SER   A 1 31  ? 10.236  2.632   6.641   0.32 27.07  ? 40  SER   A CB  1 
ATOM   410  C CB  B SER   A 1 31  ? 10.261  2.588   6.693   0.32 38.67  ? 40  SER   A CB  1 
ATOM   411  C CB  C SER   A 1 31  ? 10.239  2.629   6.646   0.21 27.25  ? 40  SER   A CB  1 
ATOM   412  C CB  D SER   A 1 31  ? 10.258  2.586   6.698   0.15 37.52  ? 40  SER   A CB  1 
ATOM   413  O OG  A SER   A 1 31  ? 10.480  4.022   6.737   0.32 23.77  ? 40  SER   A OG  1 
ATOM   414  O OG  B SER   A 1 31  ? 10.406  2.081   8.014   0.32 48.20  ? 40  SER   A OG  1 
ATOM   415  O OG  C SER   A 1 31  ? 10.486  4.020   6.747   0.21 24.54  ? 40  SER   A OG  1 
ATOM   416  O OG  D SER   A 1 31  ? 10.394  2.080   8.018   0.15 44.12  ? 40  SER   A OG  1 
ATOM   417  N N   . GLU   A 1 32  ? 9.289   2.474   3.787   1.00 29.46  ? 41  GLU   A N   1 
ATOM   418  C CA  . GLU   A 1 32  ? 9.267   3.041   2.409   1.00 30.82  ? 41  GLU   A CA  1 
ATOM   419  C C   . GLU   A 1 32  ? 7.849   3.002   1.844   1.00 30.68  ? 41  GLU   A C   1 
ATOM   420  O O   . GLU   A 1 32  ? 7.429   4.001   1.202   1.00 31.94  ? 41  GLU   A O   1 
ATOM   421  C CB  . GLU   A 1 32  ? 10.307  2.339   1.539   1.00 31.08  ? 41  GLU   A CB  1 
ATOM   422  C CG  . GLU   A 1 32  ? 11.700  2.816   1.831   1.00 31.43  ? 41  GLU   A CG  1 
ATOM   423  C CD  . GLU   A 1 32  ? 11.947  4.247   1.395   1.00 42.24  ? 41  GLU   A CD  1 
ATOM   424  O OE1 . GLU   A 1 32  ? 11.322  4.684   0.435   1.00 47.22  ? 41  GLU   A OE1 1 
ATOM   425  O OE2 . GLU   A 1 32  ? 12.796  4.885   1.966   1.00 41.29  ? 41  GLU   A OE2 1 
ATOM   426  N N   A ALA   A 1 33  ? 7.129   1.903   2.077   0.32 29.30  ? 42  ALA   A N   1 
ATOM   427  N N   B ALA   A 1 33  ? 7.130   1.903   2.076   0.32 29.31  ? 42  ALA   A N   1 
ATOM   428  N N   C ALA   A 1 33  ? 7.126   1.901   2.056   0.21 32.11  ? 42  ALA   A N   1 
ATOM   429  N N   D ALA   A 1 33  ? 7.127   1.899   2.050   0.15 32.18  ? 42  ALA   A N   1 
ATOM   430  C CA  A ALA   A 1 33  ? 5.753   1.702   1.567   0.32 28.07  ? 42  ALA   A CA  1 
ATOM   431  C CA  B ALA   A 1 33  ? 5.753   1.702   1.566   0.32 28.09  ? 42  ALA   A CA  1 
ATOM   432  C CA  C ALA   A 1 33  ? 5.730   1.744   1.588   0.21 32.77  ? 42  ALA   A CA  1 
ATOM   433  C CA  D ALA   A 1 33  ? 5.730   1.744   1.584   0.15 32.96  ? 42  ALA   A CA  1 
ATOM   434  C C   A ALA   A 1 33  ? 4.868   2.804   2.155   0.32 29.95  ? 42  ALA   A C   1 
ATOM   435  C C   B ALA   A 1 33  ? 4.867   2.805   2.154   0.32 29.94  ? 42  ALA   A C   1 
ATOM   436  C C   C ALA   A 1 33  ? 4.917   2.963   2.043   0.21 34.63  ? 42  ALA   A C   1 
ATOM   437  C C   D ALA   A 1 33  ? 4.917   2.964   2.041   0.15 34.63  ? 42  ALA   A C   1 
ATOM   438  O O   A ALA   A 1 33  ? 4.250   3.563   1.378   0.32 27.64  ? 42  ALA   A O   1 
ATOM   439  O O   B ALA   A 1 33  ? 4.250   3.562   1.378   0.32 27.63  ? 42  ALA   A O   1 
ATOM   440  O O   C ALA   A 1 33  ? 4.054   3.422   1.281   0.21 34.30  ? 42  ALA   A O   1 
ATOM   441  O O   D ALA   A 1 33  ? 4.054   3.419   1.275   0.15 34.19  ? 42  ALA   A O   1 
ATOM   442  C CB  A ALA   A 1 33  ? 5.257   0.308   1.867   0.32 28.63  ? 42  ALA   A CB  1 
ATOM   443  C CB  B ALA   A 1 33  ? 5.257   0.308   1.868   0.32 28.64  ? 42  ALA   A CB  1 
ATOM   444  C CB  C ALA   A 1 33  ? 5.144   0.444   2.079   0.21 33.91  ? 42  ALA   A CB  1 
ATOM   445  C CB  D ALA   A 1 33  ? 5.143   0.447   2.082   0.15 33.82  ? 42  ALA   A CB  1 
ATOM   446  N N   A ARG   A 1 34  ? 4.914   2.984   3.478   0.32 30.92  ? 43  ARG   A N   1 
ATOM   447  N N   B ARG   A 1 34  ? 4.914   2.984   3.478   0.32 30.92  ? 43  ARG   A N   1 
ATOM   448  N N   C ARG   A 1 34  ? 5.237   3.511   3.223   0.21 36.15  ? 43  ARG   A N   1 
ATOM   449  N N   D ARG   A 1 34  ? 5.237   3.513   3.219   0.15 36.26  ? 43  ARG   A N   1 
ATOM   450  C CA  A ARG   A 1 34  ? 4.139   4.039   4.186   0.32 31.50  ? 43  ARG   A CA  1 
ATOM   451  C CA  B ARG   A 1 34  ? 4.139   4.039   4.186   0.32 31.51  ? 43  ARG   A CA  1 
ATOM   452  C CA  C ARG   A 1 34  ? 4.489   4.630   3.856   0.21 37.12  ? 43  ARG   A CA  1 
ATOM   453  C CA  D ARG   A 1 34  ? 4.489   4.630   3.856   0.15 37.43  ? 43  ARG   A CA  1 
ATOM   454  C C   A ARG   A 1 34  ? 4.483   5.428   3.645   0.32 29.06  ? 43  ARG   A C   1 
ATOM   455  C C   B ARG   A 1 34  ? 4.482   5.427   3.643   0.32 29.09  ? 43  ARG   A C   1 
ATOM   456  C C   C ARG   A 1 34  ? 4.895   5.969   3.226   0.21 37.72  ? 43  ARG   A C   1 
ATOM   457  C C   D ARG   A 1 34  ? 4.893   5.969   3.226   0.15 38.00  ? 43  ARG   A C   1 
ATOM   458  O O   A ARG   A 1 34  ? 3.540   6.202   3.403   0.32 29.72  ? 43  ARG   A O   1 
ATOM   459  O O   B ARG   A 1 34  ? 3.539   6.201   3.403   0.32 29.73  ? 43  ARG   A O   1 
ATOM   460  O O   C ARG   A 1 34  ? 3.991   6.761   2.918   0.21 36.50  ? 43  ARG   A O   1 
ATOM   461  O O   D ARG   A 1 34  ? 3.987   6.760   2.920   0.15 36.89  ? 43  ARG   A O   1 
ATOM   462  C CB  A ARG   A 1 34  ? 4.414   3.987   5.688   0.32 33.00  ? 43  ARG   A CB  1 
ATOM   463  C CB  B ARG   A 1 34  ? 4.414   3.987   5.688   0.32 33.02  ? 43  ARG   A CB  1 
ATOM   464  C CB  C ARG   A 1 34  ? 4.728   4.623   5.367   0.21 40.15  ? 43  ARG   A CB  1 
ATOM   465  C CB  D ARG   A 1 34  ? 4.729   4.624   5.368   0.15 40.04  ? 43  ARG   A CB  1 
ATOM   466  C CG  A ARG   A 1 34  ? 3.806   2.772   6.355   0.32 35.59  ? 43  ARG   A CG  1 
ATOM   467  C CG  B ARG   A 1 34  ? 3.806   2.772   6.355   0.32 35.60  ? 43  ARG   A CG  1 
ATOM   468  C CG  C ARG   A 1 34  ? 4.498   3.263   6.005   0.21 39.52  ? 43  ARG   A CG  1 
ATOM   469  C CG  D ARG   A 1 34  ? 4.498   3.263   6.005   0.15 39.94  ? 43  ARG   A CG  1 
ATOM   470  C CD  A ARG   A 1 34  ? 3.954   2.833   7.859   0.32 39.67  ? 43  ARG   A CD  1 
ATOM   471  C CD  B ARG   A 1 34  ? 3.953   2.833   7.860   0.32 39.65  ? 43  ARG   A CD  1 
ATOM   472  C CD  C ARG   A 1 34  ? 4.356   3.349   7.509   0.21 44.08  ? 43  ARG   A CD  1 
ATOM   473  C CD  D ARG   A 1 34  ? 4.353   3.348   7.508   0.15 43.72  ? 43  ARG   A CD  1 
ATOM   474  N NE  A ARG   A 1 34  ? 3.044   1.868   8.439   0.32 40.83  ? 43  ARG   A NE  1 
ATOM   475  N NE  B ARG   A 1 34  ? 3.044   1.868   8.439   0.32 40.83  ? 43  ARG   A NE  1 
ATOM   476  N NE  C ARG   A 1 34  ? 2.950   3.556   7.826   0.21 44.91  ? 43  ARG   A NE  1 
ATOM   477  N NE  D ARG   A 1 34  ? 2.948   3.549   7.828   0.15 44.70  ? 43  ARG   A NE  1 
ATOM   478  C CZ  A ARG   A 1 34  ? 3.380   0.666   8.895   0.32 43.56  ? 43  ARG   A CZ  1 
ATOM   479  C CZ  B ARG   A 1 34  ? 3.380   0.666   8.896   0.32 43.54  ? 43  ARG   A CZ  1 
ATOM   480  C CZ  C ARG   A 1 34  ? 2.224   2.805   8.644   0.21 45.76  ? 43  ARG   A CZ  1 
ATOM   481  C CZ  D ARG   A 1 34  ? 2.224   2.796   8.649   0.15 45.72  ? 43  ARG   A CZ  1 
ATOM   482  N NH1 A ARG   A 1 34  ? 4.633   0.249   8.864   0.32 44.35  ? 43  ARG   A NH1 1 
ATOM   483  N NH1 B ARG   A 1 34  ? 4.633   0.248   8.863   0.32 44.33  ? 43  ARG   A NH1 1 
ATOM   484  N NH1 C ARG   A 1 34  ? 2.758   1.787   9.303   0.21 49.62  ? 43  ARG   A NH1 1 
ATOM   485  N NH1 D ARG   A 1 34  ? 2.763   1.778   9.305   0.15 48.82  ? 43  ARG   A NH1 1 
ATOM   486  N NH2 A ARG   A 1 34  ? 2.447   -0.121  9.394   0.32 46.96  ? 43  ARG   A NH2 1 
ATOM   487  N NH2 B ARG   A 1 34  ? 2.446   -0.121  9.394   0.32 46.91  ? 43  ARG   A NH2 1 
ATOM   488  N NH2 C ARG   A 1 34  ? 0.948   3.098   8.818   0.21 47.55  ? 43  ARG   A NH2 1 
ATOM   489  N NH2 D ARG   A 1 34  ? 0.948   3.084   8.825   0.15 47.23  ? 43  ARG   A NH2 1 
ATOM   490  N N   A GLN   A 1 35  ? 5.767   5.728   3.439   0.32 28.25  ? 44  GLN   A N   1 
ATOM   491  N N   B GLN   A 1 35  ? 5.767   5.728   3.439   0.32 28.29  ? 44  GLN   A N   1 
ATOM   492  N N   C GLN   A 1 35  ? 6.194   6.213   3.027   0.21 38.71  ? 44  GLN   A N   1 
ATOM   493  N N   D GLN   A 1 35  ? 6.193   6.213   3.029   0.15 39.12  ? 44  GLN   A N   1 
ATOM   494  C CA  A GLN   A 1 35  ? 6.193   7.030   2.865   0.32 30.81  ? 44  GLN   A CA  1 
ATOM   495  C CA  B GLN   A 1 35  ? 6.193   7.030   2.865   0.32 30.83  ? 44  GLN   A CA  1 
ATOM   496  C CA  C GLN   A 1 35  ? 6.690   7.457   2.375   0.21 41.16  ? 44  GLN   A CA  1 
ATOM   497  C CA  D GLN   A 1 35  ? 6.693   7.456   2.379   0.15 41.32  ? 44  GLN   A CA  1 
ATOM   498  C C   A GLN   A 1 35  ? 5.546   7.185   1.481   0.32 29.66  ? 44  GLN   A C   1 
ATOM   499  C C   B GLN   A 1 35  ? 5.547   7.186   1.481   0.32 29.67  ? 44  GLN   A C   1 
ATOM   500  C C   C GLN   A 1 35  ? 6.090   7.577   0.967   0.21 38.88  ? 44  GLN   A C   1 
ATOM   501  C C   D GLN   A 1 35  ? 6.095   7.577   0.971   0.15 39.16  ? 44  GLN   A C   1 
ATOM   502  O O   A GLN   A 1 35  ? 4.937   8.225   1.232   0.32 29.63  ? 44  GLN   A O   1 
ATOM   503  O O   B GLN   A 1 35  ? 4.937   8.226   1.232   0.32 29.64  ? 44  GLN   A O   1 
ATOM   504  O O   C GLN   A 1 35  ? 5.732   8.700   0.564   0.21 37.34  ? 44  GLN   A O   1 
ATOM   505  O O   D GLN   A 1 35  ? 5.742   8.703   0.571   0.15 37.72  ? 44  GLN   A O   1 
ATOM   506  C CB  A GLN   A 1 35  ? 7.716   7.151   2.807   0.32 32.73  ? 44  GLN   A CB  1 
ATOM   507  C CB  B GLN   A 1 35  ? 7.715   7.152   2.807   0.32 32.77  ? 44  GLN   A CB  1 
ATOM   508  C CB  C GLN   A 1 35  ? 8.219   7.487   2.310   0.21 45.10  ? 44  GLN   A CB  1 
ATOM   509  C CB  D GLN   A 1 35  ? 8.221   7.486   2.313   0.15 45.09  ? 44  GLN   A CB  1 
ATOM   510  C CG  A GLN   A 1 35  ? 8.184   8.574   2.528   0.32 38.44  ? 44  GLN   A CG  1 
ATOM   511  C CG  B GLN   A 1 35  ? 8.185   8.574   2.528   0.32 38.44  ? 44  GLN   A CG  1 
ATOM   512  C CG  C GLN   A 1 35  ? 8.899   8.019   3.569   0.21 49.56  ? 44  GLN   A CG  1 
ATOM   513  C CG  D GLN   A 1 35  ? 8.901   8.022   3.571   0.15 49.21  ? 44  GLN   A CG  1 
ATOM   514  C CD  A GLN   A 1 35  ? 7.719   9.528   3.606   0.32 46.89  ? 44  GLN   A CD  1 
ATOM   515  C CD  B GLN   A 1 35  ? 7.719   9.528   3.606   0.32 46.83  ? 44  GLN   A CD  1 
ATOM   516  C CD  C GLN   A 1 35  ? 8.413   9.376   4.032   0.21 56.01  ? 44  GLN   A CD  1 
ATOM   517  C CD  D GLN   A 1 35  ? 8.410   9.377   4.035   0.15 54.82  ? 44  GLN   A CD  1 
ATOM   518  O OE1 A GLN   A 1 35  ? 7.862   9.257   4.803   0.32 51.10  ? 44  GLN   A OE1 1 
ATOM   519  O OE1 B GLN   A 1 35  ? 7.862   9.257   4.803   0.32 51.03  ? 44  GLN   A OE1 1 
ATOM   520  O OE1 C GLN   A 1 35  ? 8.715   9.802   5.146   0.21 57.69  ? 44  GLN   A OE1 1 
ATOM   521  O OE1 D GLN   A 1 35  ? 8.711   9.803   5.148   0.15 56.74  ? 44  GLN   A OE1 1 
ATOM   522  N NE2 A GLN   A 1 35  ? 7.138   10.649  3.195   0.32 47.57  ? 44  GLN   A NE2 1 
ATOM   523  N NE2 B GLN   A 1 35  ? 7.138   10.649  3.195   0.32 47.53  ? 44  GLN   A NE2 1 
ATOM   524  N NE2 C GLN   A 1 35  ? 7.660   10.074  3.189   0.21 58.60  ? 44  GLN   A NE2 1 
ATOM   525  N NE2 D GLN   A 1 35  ? 7.659   10.075  3.190   0.15 57.23  ? 44  GLN   A NE2 1 
ATOM   526  N N   A HIS   A 1 36  ? 5.638   6.168   0.620   0.32 31.10  ? 45  HIS   A N   1 
ATOM   527  N N   B HIS   A 1 36  ? 5.640   6.169   0.620   0.32 31.09  ? 45  HIS   A N   1 
ATOM   528  N N   C HIS   A 1 36  ? 5.979   6.462   0.243   0.21 39.96  ? 45  HIS   A N   1 
ATOM   529  N N   D HIS   A 1 36  ? 5.979   6.462   0.247   0.15 39.63  ? 45  HIS   A N   1 
ATOM   530  C CA  A HIS   A 1 36  ? 5.130   6.235   -0.782  0.32 29.28  ? 45  HIS   A CA  1 
ATOM   531  C CA  B HIS   A 1 36  ? 5.130   6.235   -0.782  0.32 29.29  ? 45  HIS   A CA  1 
ATOM   532  C CA  C HIS   A 1 36  ? 5.400   6.415   -1.125  0.21 37.60  ? 45  HIS   A CA  1 
ATOM   533  C CA  D HIS   A 1 36  ? 5.402   6.416   -1.123  0.15 37.63  ? 45  HIS   A CA  1 
ATOM   534  C C   A HIS   A 1 36  ? 3.601   6.341   -0.765  0.32 28.59  ? 45  HIS   A C   1 
ATOM   535  C C   B HIS   A 1 36  ? 3.601   6.342   -0.765  0.32 28.60  ? 45  HIS   A C   1 
ATOM   536  C C   C HIS   A 1 36  ? 3.905   6.738   -1.058  0.21 36.99  ? 45  HIS   A C   1 
ATOM   537  C C   D HIS   A 1 36  ? 3.908   6.742   -1.060  0.15 37.02  ? 45  HIS   A C   1 
ATOM   538  O O   A HIS   A 1 36  ? 3.037   7.063   -1.618  0.32 30.51  ? 45  HIS   A O   1 
ATOM   539  O O   B HIS   A 1 36  ? 3.037   7.064   -1.619  0.32 30.50  ? 45  HIS   A O   1 
ATOM   540  O O   C HIS   A 1 36  ? 3.455   7.592   -1.847  0.21 40.07  ? 45  HIS   A O   1 
ATOM   541  O O   D HIS   A 1 36  ? 3.462   7.594   -1.855  0.15 39.50  ? 45  HIS   A O   1 
ATOM   542  C CB  A HIS   A 1 36  ? 5.625   5.038   -1.619  0.32 28.15  ? 45  HIS   A CB  1 
ATOM   543  C CB  B HIS   A 1 36  ? 5.625   5.038   -1.619  0.32 28.17  ? 45  HIS   A CB  1 
ATOM   544  C CB  C HIS   A 1 36  ? 5.699   5.070   -1.803  0.21 35.90  ? 45  HIS   A CB  1 
ATOM   545  C CB  D HIS   A 1 36  ? 5.703   5.073   -1.801  0.15 36.26  ? 45  HIS   A CB  1 
ATOM   546  C CG  A HIS   A 1 36  ? 7.022   5.184   -2.114  0.32 31.33  ? 45  HIS   A CG  1 
ATOM   547  C CG  B HIS   A 1 36  ? 7.022   5.184   -2.114  0.32 31.32  ? 45  HIS   A CG  1 
ATOM   548  C CG  C HIS   A 1 36  ? 7.108   4.979   -2.275  0.21 37.74  ? 45  HIS   A CG  1 
ATOM   549  C CG  D HIS   A 1 36  ? 7.112   4.982   -2.272  0.15 37.56  ? 45  HIS   A CG  1 
ATOM   550  N ND1 A HIS   A 1 36  ? 8.123   4.943   -1.304  0.32 30.81  ? 45  HIS   A ND1 1 
ATOM   551  N ND1 B HIS   A 1 36  ? 8.123   4.943   -1.304  0.32 30.81  ? 45  HIS   A ND1 1 
ATOM   552  N ND1 C HIS   A 1 36  ? 8.139   4.593   -1.440  0.21 36.86  ? 45  HIS   A ND1 1 
ATOM   553  N ND1 D HIS   A 1 36  ? 8.143   4.599   -1.438  0.15 36.88  ? 45  HIS   A ND1 1 
ATOM   554  C CD2 A HIS   A 1 36  ? 7.512   5.520   -3.326  0.32 29.54  ? 45  HIS   A CD2 1 
ATOM   555  C CD2 B HIS   A 1 36  ? 7.512   5.520   -3.326  0.32 29.55  ? 45  HIS   A CD2 1 
ATOM   556  C CD2 C HIS   A 1 36  ? 7.669   5.253   -3.472  0.21 36.33  ? 45  HIS   A CD2 1 
ATOM   557  C CD2 D HIS   A 1 36  ? 7.672   5.254   -3.470  0.15 36.46  ? 45  HIS   A CD2 1 
ATOM   558  C CE1 A HIS   A 1 36  ? 9.223   5.133   -2.005  0.32 32.61  ? 45  HIS   A CE1 1 
ATOM   559  C CE1 B HIS   A 1 36  ? 9.223   5.133   -2.005  0.32 32.59  ? 45  HIS   A CE1 1 
ATOM   560  C CE1 C HIS   A 1 36  ? 9.270   4.621   -2.111  0.21 37.62  ? 45  HIS   A CE1 1 
ATOM   561  C CE1 D HIS   A 1 36  ? 9.275   4.624   -2.108  0.15 37.43  ? 45  HIS   A CE1 1 
ATOM   562  N NE2 A HIS   A 1 36  ? 8.877   5.468   -3.245  0.32 33.21  ? 45  HIS   A NE2 1 
ATOM   563  N NE2 B HIS   A 1 36  ? 8.877   5.468   -3.245  0.32 33.18  ? 45  HIS   A NE2 1 
ATOM   564  N NE2 C HIS   A 1 36  ? 9.009   5.010   -3.359  0.21 36.38  ? 45  HIS   A NE2 1 
ATOM   565  N NE2 D HIS   A 1 36  ? 9.014   5.015   -3.357  0.15 36.46  ? 45  HIS   A NE2 1 
ATOM   566  N N   A LEU   A 1 37  ? 2.949   5.693   0.198   0.32 27.44  ? 46  LEU   A N   1 
ATOM   567  N N   B LEU   A 1 37  ? 2.949   5.693   0.198   0.32 27.48  ? 46  LEU   A N   1 
ATOM   568  N N   C LEU   A 1 37  ? 3.175   6.114   -0.129  0.21 34.70  ? 46  LEU   A N   1 
ATOM   569  N N   D LEU   A 1 37  ? 3.176   6.117   -0.135  0.15 35.06  ? 46  LEU   A N   1 
ATOM   570  C CA  A LEU   A 1 37  ? 1.477   5.768   0.364   0.32 31.34  ? 46  LEU   A CA  1 
ATOM   571  C CA  B LEU   A 1 37  ? 1.477   5.768   0.364   0.32 31.35  ? 46  LEU   A CA  1 
ATOM   572  C CA  C LEU   A 1 37  ? 1.716   6.335   0.044   0.21 35.47  ? 46  LEU   A CA  1 
ATOM   573  C CA  D LEU   A 1 37  ? 1.715   6.337   0.039   0.15 35.53  ? 46  LEU   A CA  1 
ATOM   574  C C   A LEU   A 1 37  ? 1.088   7.195   0.759   0.32 34.07  ? 46  LEU   A C   1 
ATOM   575  C C   B LEU   A 1 37  ? 1.088   7.195   0.759   0.32 34.08  ? 46  LEU   A C   1 
ATOM   576  C C   C LEU   A 1 37  ? 1.436   7.811   0.353   0.21 34.94  ? 46  LEU   A C   1 
ATOM   577  C C   D LEU   A 1 37  ? 1.437   7.812   0.354   0.15 35.07  ? 46  LEU   A C   1 
ATOM   578  O O   A LEU   A 1 37  ? 0.113   7.702   0.175   0.32 36.43  ? 46  LEU   A O   1 
ATOM   579  O O   B LEU   A 1 37  ? 0.112   7.702   0.176   0.32 36.42  ? 46  LEU   A O   1 
ATOM   580  O O   C LEU   A 1 37  ? 0.592   8.399   -0.351  0.21 32.97  ? 46  LEU   A O   1 
ATOM   581  O O   D LEU   A 1 37  ? 0.591   8.404   -0.346  0.15 33.28  ? 46  LEU   A O   1 
ATOM   582  C CB  A LEU   A 1 37  ? 1.017   4.728   1.387   0.32 32.24  ? 46  LEU   A CB  1 
ATOM   583  C CB  B LEU   A 1 37  ? 1.017   4.729   1.385   0.32 32.24  ? 46  LEU   A CB  1 
ATOM   584  C CB  C LEU   A 1 37  ? 1.192   5.397   1.130   0.21 35.42  ? 46  LEU   A CB  1 
ATOM   585  C CB  D LEU   A 1 37  ? 1.193   5.396   1.125   0.15 35.50  ? 46  LEU   A CB  1 
ATOM   586  C CG  A LEU   A 1 37  ? 0.970   3.295   0.871   0.32 31.89  ? 46  LEU   A CG  1 
ATOM   587  C CG  B LEU   A 1 37  ? 0.969   3.295   0.871   0.32 31.91  ? 46  LEU   A CG  1 
ATOM   588  C CG  C LEU   A 1 37  ? 0.993   3.961   0.653   0.21 34.72  ? 46  LEU   A CG  1 
ATOM   589  C CG  D LEU   A 1 37  ? 0.995   3.960   0.648   0.15 35.02  ? 46  LEU   A CG  1 
ATOM   590  C CD1 A LEU   A 1 37  ? 0.914   2.289   2.015   0.32 33.72  ? 46  LEU   A CD1 1 
ATOM   591  C CD1 B LEU   A 1 37  ? 0.914   2.289   2.015   0.32 33.70  ? 46  LEU   A CD1 1 
ATOM   592  C CD1 C LEU   A 1 37  ? 0.885   2.992   1.816   0.21 36.52  ? 46  LEU   A CD1 1 
ATOM   593  C CD1 D LEU   A 1 37  ? 0.887   2.991   1.813   0.15 36.37  ? 46  LEU   A CD1 1 
ATOM   594  C CD2 A LEU   A 1 37  ? -0.203  3.086   -0.081  0.32 32.26  ? 46  LEU   A CD2 1 
ATOM   595  C CD2 B LEU   A 1 37  ? -0.203  3.086   -0.081  0.32 32.27  ? 46  LEU   A CD2 1 
ATOM   596  C CD2 C LEU   A 1 37  ? -0.232  3.861   -0.245  0.21 36.33  ? 46  LEU   A CD2 1 
ATOM   597  C CD2 D LEU   A 1 37  ? -0.230  3.859   -0.247  0.15 36.24  ? 46  LEU   A CD2 1 
ATOM   598  N N   A LYS   A 1 38  ? 1.841   7.828   1.666   0.32 36.46  ? 47  LYS   A N   1 
ATOM   599  N N   B LYS   A 1 38  ? 1.841   7.828   1.665   0.32 36.48  ? 47  LYS   A N   1 
ATOM   600  N N   C LYS   A 1 38  ? 2.151   8.385   1.325   0.21 35.89  ? 47  LYS   A N   1 
ATOM   601  N N   D LYS   A 1 38  ? 2.152   8.385   1.326   0.15 35.92  ? 47  LYS   A N   1 
ATOM   602  C CA  A LYS   A 1 38  ? 1.648   9.253   2.042   0.32 40.42  ? 47  LYS   A CA  1 
ATOM   603  C CA  B LYS   A 1 38  ? 1.647   9.253   2.041   0.32 40.43  ? 47  LYS   A CA  1 
ATOM   604  C CA  C LYS   A 1 38  ? 1.995   9.798   1.770   0.21 37.11  ? 47  LYS   A CA  1 
ATOM   605  C CA  D LYS   A 1 38  ? 1.998   9.797   1.771   0.15 37.01  ? 47  LYS   A CA  1 
ATOM   606  C C   A LYS   A 1 38  ? 1.825   10.134  0.798   0.32 38.22  ? 47  LYS   A C   1 
ATOM   607  C C   B LYS   A 1 38  ? 1.826   10.135  0.798   0.32 38.24  ? 47  LYS   A C   1 
ATOM   608  C C   C LYS   A 1 38  ? 2.323   10.758  0.617   0.21 38.53  ? 47  LYS   A C   1 
ATOM   609  C C   D LYS   A 1 38  ? 2.323   10.757  0.617   0.15 38.18  ? 47  LYS   A C   1 
ATOM   610  O O   A LYS   A 1 38  ? 0.964   11.002  0.611   0.32 36.27  ? 47  LYS   A O   1 
ATOM   611  O O   B LYS   A 1 38  ? 0.965   11.003  0.611   0.32 36.30  ? 47  LYS   A O   1 
ATOM   612  O O   C LYS   A 1 38  ? 1.712   11.845  0.575   0.21 36.24  ? 47  LYS   A O   1 
ATOM   613  O O   D LYS   A 1 38  ? 1.707   11.840  0.570   0.15 36.26  ? 47  LYS   A O   1 
ATOM   614  C CB  A LYS   A 1 38  ? 2.613   9.673   3.157   0.32 48.27  ? 47  LYS   A CB  1 
ATOM   615  C CB  B LYS   A 1 38  ? 2.613   9.674   3.157   0.32 48.25  ? 47  LYS   A CB  1 
ATOM   616  C CB  C LYS   A 1 38  ? 2.897   10.076  2.978   0.21 37.84  ? 47  LYS   A CB  1 
ATOM   617  C CB  D LYS   A 1 38  ? 2.897   10.079  2.979   0.15 37.60  ? 47  LYS   A CB  1 
ATOM   618  C CG  A LYS   A 1 38  ? 2.525   11.135  3.597   0.32 55.59  ? 47  LYS   A CG  1 
ATOM   619  C CG  B LYS   A 1 38  ? 2.525   11.135  3.597   0.32 55.54  ? 47  LYS   A CG  1 
ATOM   620  C CG  C LYS   A 1 38  ? 2.596   9.236   4.218   0.21 37.28  ? 47  LYS   A CG  1 
ATOM   621  C CG  D LYS   A 1 38  ? 2.595   9.239   4.218   0.15 37.20  ? 47  LYS   A CG  1 
ATOM   622  C CD  A LYS   A 1 38  ? 3.886   11.797  3.761   0.32 61.04  ? 47  LYS   A CD  1 
ATOM   623  C CD  B LYS   A 1 38  ? 3.887   11.797  3.763   0.32 60.98  ? 47  LYS   A CD  1 
ATOM   624  C CD  C LYS   A 1 38  ? 3.579   9.395   5.361   0.21 36.79  ? 47  LYS   A CD  1 
ATOM   625  C CD  D LYS   A 1 38  ? 3.580   9.396   5.361   0.15 36.84  ? 47  LYS   A CD  1 
ATOM   626  C CE  A LYS   A 1 38  ? 3.837   13.309  3.846   0.32 65.69  ? 47  LYS   A CE  1 
ATOM   627  C CE  B LYS   A 1 38  ? 3.838   13.309  3.846   0.32 65.61  ? 47  LYS   A CE  1 
ATOM   628  C CE  C LYS   A 1 38  ? 4.079   10.809  5.564   0.21 36.77  ? 47  LYS   A CE  1 
ATOM   629  C CE  D LYS   A 1 38  ? 4.078   10.810  5.565   0.15 36.81  ? 47  LYS   A CE  1 
ATOM   630  N NZ  A LYS   A 1 38  ? 4.196   13.792  5.200   0.32 69.50  ? 47  LYS   A NZ  1 
ATOM   631  N NZ  B LYS   A 1 38  ? 4.196   13.791  5.200   0.32 69.41  ? 47  LYS   A NZ  1 
ATOM   632  N NZ  C LYS   A 1 38  ? 4.745   10.948  6.880   0.21 37.20  ? 47  LYS   A NZ  1 
ATOM   633  N NZ  D LYS   A 1 38  ? 4.741   10.956  6.883   0.15 37.14  ? 47  LYS   A NZ  1 
ATOM   634  N N   A ASP   A 1 39  ? 2.886   9.911   -0.002  0.32 36.67  ? 48  ASP   A N   1 
ATOM   635  N N   B ASP   A 1 39  ? 2.886   9.911   -0.002  0.32 36.69  ? 48  ASP   A N   1 
ATOM   636  N N   C ASP   A 1 39  ? 3.256   10.384  -0.271  0.21 37.36  ? 48  ASP   A N   1 
ATOM   637  N N   D ASP   A 1 39  ? 3.257   10.384  -0.271  0.15 37.49  ? 48  ASP   A N   1 
ATOM   638  C CA  A ASP   A 1 39  ? 3.380   10.823  -1.076  0.32 36.52  ? 48  ASP   A CA  1 
ATOM   639  C CA  B ASP   A 1 39  ? 3.380   10.823  -1.076  0.32 36.53  ? 48  ASP   A CA  1 
ATOM   640  C CA  C ASP   A 1 39  ? 3.700   11.217  -1.427  0.21 38.78  ? 48  ASP   A CA  1 
ATOM   641  C CA  D ASP   A 1 39  ? 3.698   11.217  -1.425  0.15 38.71  ? 48  ASP   A CA  1 
ATOM   642  C C   A ASP   A 1 39  ? 2.624   10.599  -2.395  0.32 35.71  ? 48  ASP   A C   1 
ATOM   643  C C   B ASP   A 1 39  ? 2.624   10.599  -2.395  0.32 35.72  ? 48  ASP   A C   1 
ATOM   644  C C   C ASP   A 1 39  ? 2.930   10.821  -2.698  0.21 36.98  ? 48  ASP   A C   1 
ATOM   645  C C   D ASP   A 1 39  ? 2.926   10.824  -2.695  0.15 36.94  ? 48  ASP   A C   1 
ATOM   646  O O   A ASP   A 1 39  ? 2.877   11.352  -3.348  0.32 36.58  ? 48  ASP   A O   1 
ATOM   647  O O   B ASP   A 1 39  ? 2.878   11.352  -3.348  0.32 36.56  ? 48  ASP   A O   1 
ATOM   648  O O   C ASP   A 1 39  ? 3.228   11.388  -3.766  0.21 37.29  ? 48  ASP   A O   1 
ATOM   649  O O   D ASP   A 1 39  ? 3.220   11.399  -3.760  0.15 36.89  ? 48  ASP   A O   1 
ATOM   650  C CB  A ASP   A 1 39  ? 4.885   10.657  -1.311  0.32 37.58  ? 48  ASP   A CB  1 
ATOM   651  C CB  B ASP   A 1 39  ? 4.885   10.658  -1.311  0.32 37.60  ? 48  ASP   A CB  1 
ATOM   652  C CB  C ASP   A 1 39  ? 5.216   11.121  -1.615  0.21 41.80  ? 48  ASP   A CB  1 
ATOM   653  C CB  D ASP   A 1 39  ? 5.215   11.120  -1.618  0.15 41.48  ? 48  ASP   A CB  1 
ATOM   654  C CG  A ASP   A 1 39  ? 5.766   11.083  -0.139  0.32 42.04  ? 48  ASP   A CG  1 
ATOM   655  C CG  B ASP   A 1 39  ? 5.766   11.083  -0.139  0.32 42.01  ? 48  ASP   A CG  1 
ATOM   656  C CG  C ASP   A 1 39  ? 6.020   11.739  -0.479  0.21 44.62  ? 48  ASP   A CG  1 
ATOM   657  C CG  D ASP   A 1 39  ? 6.019   11.737  -0.480  0.15 44.04  ? 48  ASP   A CG  1 
ATOM   658  O OD1 A ASP   A 1 39  ? 5.262   11.791  0.758   0.32 44.93  ? 48  ASP   A OD1 1 
ATOM   659  O OD1 B ASP   A 1 39  ? 5.262   11.791  0.758   0.32 44.88  ? 48  ASP   A OD1 1 
ATOM   660  O OD1 C ASP   A 1 39  ? 5.665   11.510  0.700   0.21 45.63  ? 48  ASP   A OD1 1 
ATOM   661  O OD1 D ASP   A 1 39  ? 5.661   11.508  0.695   0.15 45.07  ? 48  ASP   A OD1 1 
ATOM   662  O OD2 A ASP   A 1 39  ? 6.952   10.707  -0.136  0.32 37.98  ? 48  ASP   A OD2 1 
ATOM   663  O OD2 B ASP   A 1 39  ? 6.951   10.707  -0.136  0.32 37.99  ? 48  ASP   A OD2 1 
ATOM   664  O OD2 C ASP   A 1 39  ? 6.997   12.446  -0.779  0.21 48.76  ? 48  ASP   A OD2 1 
ATOM   665  O OD2 D ASP   A 1 39  ? 6.998   12.444  -0.781  0.15 47.67  ? 48  ASP   A OD2 1 
ATOM   666  N N   A GLY   A 1 40  ? 1.742   9.600   -2.460  0.32 36.15  ? 49  GLY   A N   1 
ATOM   667  N N   B GLY   A 1 40  ? 1.742   9.600   -2.460  0.32 36.14  ? 49  GLY   A N   1 
ATOM   668  N N   C GLY   A 1 40  ? 1.969   9.900   -2.585  0.21 36.10  ? 49  GLY   A N   1 
ATOM   669  N N   D GLY   A 1 40  ? 1.967   9.898   -2.584  0.15 35.89  ? 49  GLY   A N   1 
ATOM   670  C CA  A GLY   A 1 40  ? 0.972   9.270   -3.677  0.32 33.93  ? 49  GLY   A CA  1 
ATOM   671  C CA  B GLY   A 1 40  ? 0.972   9.270   -3.676  0.32 33.93  ? 49  GLY   A CA  1 
ATOM   672  C CA  C GLY   A 1 40  ? 1.098   9.457   -3.693  0.21 34.02  ? 49  GLY   A CA  1 
ATOM   673  C CA  D GLY   A 1 40  ? 1.095   9.453   -3.690  0.15 34.06  ? 49  GLY   A CA  1 
ATOM   674  C C   A GLY   A 1 40  ? 1.833   8.647   -4.765  0.32 33.21  ? 49  GLY   A C   1 
ATOM   675  C C   B GLY   A 1 40  ? 1.833   8.646   -4.765  0.32 33.20  ? 49  GLY   A C   1 
ATOM   676  C C   C GLY   A 1 40  ? 1.862   8.697   -4.767  0.21 33.39  ? 49  GLY   A C   1 
ATOM   677  C C   D GLY   A 1 40  ? 1.860   8.697   -4.766  0.15 33.31  ? 49  GLY   A C   1 
ATOM   678  O O   A GLY   A 1 40  ? 1.458   8.740   -5.948  0.32 31.86  ? 49  GLY   A O   1 
ATOM   679  O O   B GLY   A 1 40  ? 1.457   8.739   -5.947  0.32 31.87  ? 49  GLY   A O   1 
ATOM   680  O O   C GLY   A 1 40  ? 1.430   8.729   -5.935  0.21 32.45  ? 49  GLY   A O   1 
ATOM   681  O O   D GLY   A 1 40  ? 1.425   8.733   -5.934  0.15 32.45  ? 49  GLY   A O   1 
ATOM   682  N N   . THR   A 1 41  ? 2.948   8.022   -4.388  1.00 31.98  ? 50  THR   A N   1 
ATOM   683  C CA  . THR   A 1 41  ? 3.902   7.397   -5.337  1.00 30.27  ? 50  THR   A CA  1 
ATOM   684  C C   . THR   A 1 41  ? 3.958   5.878   -5.111  1.00 26.63  ? 50  THR   A C   1 
ATOM   685  O O   . THR   A 1 41  ? 5.010   5.278   -5.286  1.00 28.13  ? 50  THR   A O   1 
ATOM   686  C CB  . THR   A 1 41  ? 5.280   8.033   -5.166  1.00 30.76  ? 50  THR   A CB  1 
ATOM   687  O OG1 . THR   A 1 41  ? 5.680   7.851   -3.806  1.00 35.44  ? 50  THR   A OG1 1 
ATOM   688  C CG2 . THR   A 1 41  ? 5.272   9.508   -5.517  1.00 37.08  ? 50  THR   A CG2 1 
ATOM   689  N N   A CYS   A 1 42  ? 2.833   5.275   -4.714  0.32 27.07  ? 51  CYS   A N   1 
ATOM   690  N N   B CYS   A 1 42  ? 2.833   5.275   -4.714  0.32 27.06  ? 51  CYS   A N   1 
ATOM   691  N N   C CYS   A 1 42  ? 2.812   5.297   -4.764  0.21 26.93  ? 51  CYS   A N   1 
ATOM   692  N N   D CYS   A 1 42  ? 2.813   5.296   -4.762  0.15 26.59  ? 51  CYS   A N   1 
ATOM   693  C CA  A CYS   A 1 42  ? 2.705   3.822   -4.420  0.32 26.61  ? 51  CYS   A CA  1 
ATOM   694  C CA  B CYS   A 1 42  ? 2.705   3.822   -4.420  0.32 26.60  ? 51  CYS   A CA  1 
ATOM   695  C CA  C CYS   A 1 42  ? 2.653   3.861   -4.440  0.21 25.98  ? 51  CYS   A CA  1 
ATOM   696  C CA  D CYS   A 1 42  ? 2.655   3.859   -4.439  0.15 25.50  ? 51  CYS   A CA  1 
ATOM   697  C C   A CYS   A 1 42  ? 1.700   3.167   -5.369  0.32 28.31  ? 51  CYS   A C   1 
ATOM   698  C C   B CYS   A 1 42  ? 1.699   3.168   -5.369  0.32 28.30  ? 51  CYS   A C   1 
ATOM   699  C C   C CYS   A 1 42  ? 1.709   3.215   -5.453  0.21 27.58  ? 51  CYS   A C   1 
ATOM   700  C C   D CYS   A 1 42  ? 1.709   3.213   -5.452  0.15 27.13  ? 51  CYS   A C   1 
ATOM   701  O O   A CYS   A 1 42  ? 0.555   3.680   -5.477  0.32 28.34  ? 51  CYS   A O   1 
ATOM   702  O O   B CYS   A 1 42  ? 0.556   3.680   -5.477  0.32 28.33  ? 51  CYS   A O   1 
ATOM   703  O O   C CYS   A 1 42  ? 0.641   3.816   -5.727  0.21 26.23  ? 51  CYS   A O   1 
ATOM   704  O O   D CYS   A 1 42  ? 0.643   3.814   -5.727  0.15 25.82  ? 51  CYS   A O   1 
ATOM   705  C CB  A CYS   A 1 42  ? 2.259   3.605   -2.978  0.32 28.25  ? 51  CYS   A CB  1 
ATOM   706  C CB  B CYS   A 1 42  ? 2.258   3.607   -2.977  0.32 28.22  ? 51  CYS   A CB  1 
ATOM   707  C CB  C CYS   A 1 42  ? 2.108   3.703   -3.027  0.21 26.55  ? 51  CYS   A CB  1 
ATOM   708  C CB  D CYS   A 1 42  ? 2.112   3.694   -3.026  0.15 25.24  ? 51  CYS   A CB  1 
ATOM   709  S SG  A CYS   A 1 42  ? 2.361   1.888   -2.420  0.32 24.27  ? 51  CYS   A SG  1 
ATOM   710  S SG  B CYS   A 1 42  ? 2.360   1.889   -2.420  0.32 24.19  ? 51  CYS   A SG  1 
ATOM   711  S SG  C CYS   A 1 42  ? 2.267   2.013   -2.400  0.21 20.98  ? 51  CYS   A SG  1 
ATOM   712  S SG  D CYS   A 1 42  ? 2.257   1.998   -2.407  0.15 18.38  ? 51  CYS   A SG  1 
ATOM   713  N N   . GLY   A 1 43  ? 2.104   2.059   -6.005  1.00 28.30  ? 52  GLY   A N   1 
ATOM   714  C CA  . GLY   A 1 43  ? 1.249   1.253   -6.873  1.00 25.21  ? 52  GLY   A CA  1 
ATOM   715  C C   . GLY   A 1 43  ? 0.914   -0.062  -6.207  1.00 25.21  ? 52  GLY   A C   1 
ATOM   716  O O   . GLY   A 1 43  ? 1.509   -0.393  -5.162  1.00 29.24  ? 52  GLY   A O   1 
ATOM   717  N N   . LEU   A 1 44  ? -0.039  -0.761  -6.780  1.00 24.70  ? 53  LEU   A N   1 
ATOM   718  C CA  . LEU   A 1 44  ? -0.549  -2.042  -6.264  1.00 26.72  ? 53  LEU   A CA  1 
ATOM   719  C C   . LEU   A 1 44  ? -0.460  -3.025  -7.414  1.00 25.85  ? 53  LEU   A C   1 
ATOM   720  O O   . LEU   A 1 44  ? -0.966  -2.734  -8.469  1.00 27.58  ? 53  LEU   A O   1 
ATOM   721  C CB  . LEU   A 1 44  ? -1.999  -1.852  -5.806  1.00 28.66  ? 53  LEU   A CB  1 
ATOM   722  C CG  . LEU   A 1 44  ? -2.716  -3.088  -5.263  1.00 32.69  ? 53  LEU   A CG  1 
ATOM   723  C CD1 . LEU   A 1 44  ? -2.019  -3.586  -4.013  1.00 39.97  ? 53  LEU   A CD1 1 
ATOM   724  C CD2 . LEU   A 1 44  ? -4.155  -2.740  -4.942  1.00 37.82  ? 53  LEU   A CD2 1 
ATOM   725  N N   . VAL   A 1 45  ? 0.097   -4.190  -7.151  1.00 28.25  ? 54  VAL   A N   1 
ATOM   726  C CA  . VAL   A 1 45  ? 0.032   -5.345  -8.080  1.00 25.59  ? 54  VAL   A CA  1 
ATOM   727  C C   . VAL   A 1 45  ? -0.848  -6.434  -7.470  1.00 26.48  ? 54  VAL   A C   1 
ATOM   728  O O   . VAL   A 1 45  ? -0.602  -6.829  -6.331  1.00 29.75  ? 54  VAL   A O   1 
ATOM   729  C CB  . VAL   A 1 45  ? 1.433   -5.878  -8.369  1.00 25.19  ? 54  VAL   A CB  1 
ATOM   730  C CG1 . VAL   A 1 45  ? 1.382   -7.010  -9.382  1.00 27.50  ? 54  VAL   A CG1 1 
ATOM   731  C CG2 . VAL   A 1 45  ? 2.366   -4.766  -8.825  1.00 28.08  ? 54  VAL   A CG2 1 
ATOM   732  N N   . GLU   A 1 46  ? -1.824  -6.897  -8.231  1.00 29.51  ? 55  GLU   A N   1 
ATOM   733  C CA  . GLU   A 1 46  ? -2.759  -7.960  -7.799  1.00 31.13  ? 55  GLU   A CA  1 
ATOM   734  C C   . GLU   A 1 46  ? -2.022  -9.299  -7.857  1.00 37.00  ? 55  GLU   A C   1 
ATOM   735  O O   . GLU   A 1 46  ? -1.288  -9.568  -8.848  1.00 36.16  ? 55  GLU   A O   1 
ATOM   736  C CB  . GLU   A 1 46  ? -4.022  -7.865  -8.636  1.00 35.30  ? 55  GLU   A CB  1 
ATOM   737  C CG  . GLU   A 1 46  ? -4.790  -6.606  -8.256  1.00 36.00  ? 55  GLU   A CG  1 
ATOM   738  C CD  . GLU   A 1 46  ? -6.142  -6.481  -8.885  1.00 38.02  ? 55  GLU   A CD  1 
ATOM   739  O OE1 . GLU   A 1 46  ? -6.264  -6.824  -10.054 1.00 49.52  ? 55  GLU   A OE1 1 
ATOM   740  O OE2 . GLU   A 1 46  ? -7.039  -6.054  -8.200  1.00 39.48  ? 55  GLU   A OE2 1 
ATOM   741  N N   . VAL   A 1 47  ? -2.160  -10.083 -6.789  1.00 36.15  ? 56  VAL   A N   1 
ATOM   742  C CA  . VAL   A 1 47  ? -1.327  -11.300 -6.603  1.00 40.47  ? 56  VAL   A CA  1 
ATOM   743  C C   . VAL   A 1 47  ? -2.065  -12.420 -7.324  1.00 45.85  ? 56  VAL   A C   1 
ATOM   744  O O   . VAL   A 1 47  ? -3.261  -12.635 -7.035  1.00 45.98  ? 56  VAL   A O   1 
ATOM   745  C CB  . VAL   A 1 47  ? -1.025  -11.631 -5.131  1.00 40.92  ? 56  VAL   A CB  1 
ATOM   746  C CG1 . VAL   A 1 47  ? -0.263  -12.941 -4.991  1.00 41.31  ? 56  VAL   A CG1 1 
ATOM   747  C CG2 . VAL   A 1 47  ? -0.273  -10.520 -4.427  1.00 42.43  ? 56  VAL   A CG2 1 
ATOM   748  N N   . GLU   A 1 48  ? -1.396  -13.018 -8.303  1.00 46.13  ? 57  GLU   A N   1 
ATOM   749  C CA  . GLU   A 1 48  ? -1.815  -14.273 -8.968  1.00 53.35  ? 57  GLU   A CA  1 
ATOM   750  C C   . GLU   A 1 48  ? -0.578  -15.155 -9.155  1.00 49.68  ? 57  GLU   A C   1 
ATOM   751  O O   . GLU   A 1 48  ? 0.552   -14.709 -8.851  1.00 42.49  ? 57  GLU   A O   1 
ATOM   752  C CB  . GLU   A 1 48  ? -2.458  -13.979 -10.321 1.00 62.71  ? 57  GLU   A CB  1 
ATOM   753  C CG  . GLU   A 1 48  ? -3.765  -13.216 -10.219 1.00 76.43  ? 57  GLU   A CG  1 
ATOM   754  C CD  . GLU   A 1 48  ? -4.458  -13.066 -11.559 1.00 85.88  ? 57  GLU   A CD  1 
ATOM   755  O OE1 . GLU   A 1 48  ? -3.789  -13.316 -12.580 1.00 87.51  ? 57  GLU   A OE1 1 
ATOM   756  O OE2 . GLU   A 1 48  ? -5.661  -12.712 -11.583 1.00 101.99 ? 57  GLU   A OE2 1 
ATOM   757  N N   . LYS   A 1 49  ? -0.810  -16.379 -9.618  1.00 50.31  ? 58  LYS   A N   1 
ATOM   758  C CA  . LYS   A 1 49  ? 0.246   -17.351 -9.992  1.00 54.68  ? 58  LYS   A CA  1 
ATOM   759  C C   . LYS   A 1 49  ? 1.302   -16.604 -10.812 1.00 41.92  ? 58  LYS   A C   1 
ATOM   760  O O   . LYS   A 1 49  ? 0.952   -15.931 -11.805 1.00 46.45  ? 58  LYS   A O   1 
ATOM   761  C CB  . LYS   A 1 49  ? -0.358  -18.524 -10.778 1.00 57.27  ? 58  LYS   A CB  1 
ATOM   762  C CG  . LYS   A 1 49  ? -1.283  -19.445 -9.986  1.00 67.46  ? 58  LYS   A CG  1 
ATOM   763  C CD  . LYS   A 1 49  ? -0.647  -20.062 -8.758  1.00 75.27  ? 58  LYS   A CD  1 
ATOM   764  C CE  . LYS   A 1 49  ? -1.378  -21.297 -8.258  1.00 81.30  ? 58  LYS   A CE  1 
ATOM   765  N NZ  . LYS   A 1 49  ? -2.760  -20.989 -7.811  1.00 84.59  ? 58  LYS   A NZ  1 
ATOM   766  N N   . GLY   A 1 50  ? 2.539   -16.680 -10.357 1.00 40.73  ? 59  GLY   A N   1 
ATOM   767  C CA  . GLY   A 1 50  ? 3.717   -16.187 -11.090 1.00 41.37  ? 59  GLY   A CA  1 
ATOM   768  C C   . GLY   A 1 50  ? 4.036   -14.737 -10.818 1.00 43.28  ? 59  GLY   A C   1 
ATOM   769  O O   . GLY   A 1 50  ? 5.093   -14.272 -11.303 1.00 44.57  ? 59  GLY   A O   1 
ATOM   770  N N   . VAL   A 1 51  ? 3.197   -14.022 -10.062 1.00 38.61  ? 60  VAL   A N   1 
ATOM   771  C CA  . VAL   A 1 51  ? 3.494   -12.581 -9.767  1.00 33.58  ? 60  VAL   A CA  1 
ATOM   772  C C   . VAL   A 1 51  ? 4.632   -12.432 -8.763  1.00 33.12  ? 60  VAL   A C   1 
ATOM   773  O O   . VAL   A 1 51  ? 5.564   -11.631 -9.032  1.00 32.82  ? 60  VAL   A O   1 
ATOM   774  C CB  . VAL   A 1 51  ? 2.229   -11.845 -9.312  1.00 33.97  ? 60  VAL   A CB  1 
ATOM   775  C CG1 . VAL   A 1 51  ? 2.538   -10.502 -8.688  1.00 37.50  ? 60  VAL   A CG1 1 
ATOM   776  C CG2 . VAL   A 1 51  ? 1.231   -11.765 -10.444 1.00 37.10  ? 60  VAL   A CG2 1 
ATOM   777  N N   . LEU   A 1 52  ? 4.551   -13.038 -7.575  1.00 31.28  ? 61  LEU   A N   1 
ATOM   778  C CA  . LEU   A 1 52  ? 5.525   -12.740 -6.505  1.00 31.06  ? 61  LEU   A CA  1 
ATOM   779  C C   . LEU   A 1 52  ? 6.951   -13.090 -6.904  1.00 31.69  ? 61  LEU   A C   1 
ATOM   780  O O   . LEU   A 1 52  ? 7.854   -12.329 -6.605  1.00 34.29  ? 61  LEU   A O   1 
ATOM   781  C CB  . LEU   A 1 52  ? 5.073   -13.375 -5.184  1.00 35.07  ? 61  LEU   A CB  1 
ATOM   782  C CG  . LEU   A 1 52  ? 3.839   -12.717 -4.535  1.00 37.75  ? 61  LEU   A CG  1 
ATOM   783  C CD1 . LEU   A 1 52  ? 3.407   -13.497 -3.301  1.00 39.26  ? 61  LEU   A CD1 1 
ATOM   784  C CD2 . LEU   A 1 52  ? 4.142   -11.272 -4.149  1.00 39.22  ? 61  LEU   A CD2 1 
ATOM   785  N N   . PRO   A 1 53  ? 7.237   -14.206 -7.619  1.00 34.06  ? 62  PRO   A N   1 
ATOM   786  C CA  . PRO   A 1 53  ? 8.609   -14.482 -8.030  1.00 35.11  ? 62  PRO   A CA  1 
ATOM   787  C C   . PRO   A 1 53  ? 9.169   -13.393 -8.968  1.00 33.19  ? 62  PRO   A C   1 
ATOM   788  O O   . PRO   A 1 53  ? 10.375  -13.280 -9.073  1.00 34.55  ? 62  PRO   A O   1 
ATOM   789  C CB  . PRO   A 1 53  ? 8.521   -15.865 -8.676  1.00 34.87  ? 62  PRO   A CB  1 
ATOM   790  C CG  . PRO   A 1 53  ? 7.241   -16.439 -8.161  1.00 34.54  ? 62  PRO   A CG  1 
ATOM   791  C CD  . PRO   A 1 53  ? 6.294   -15.258 -8.046  1.00 35.81  ? 62  PRO   A CD  1 
ATOM   792  N N   . GLN   A 1 54  ? 8.306   -12.571 -9.578  1.00 32.60  ? 63  GLN   A N   1 
ATOM   793  C CA  . GLN   A 1 54  ? 8.762   -11.494 -10.492 1.00 32.08  ? 63  GLN   A CA  1 
ATOM   794  C C   . GLN   A 1 54  ? 9.059   -10.229 -9.686  1.00 34.97  ? 63  GLN   A C   1 
ATOM   795  O O   . GLN   A 1 54  ? 9.556   -9.258  -10.264 1.00 33.85  ? 63  GLN   A O   1 
ATOM   796  C CB  . GLN   A 1 54  ? 7.722   -11.230 -11.582 1.00 34.28  ? 63  GLN   A CB  1 
ATOM   797  C CG  . GLN   A 1 54  ? 7.601   -12.388 -12.557 1.00 33.90  ? 63  GLN   A CG  1 
ATOM   798  C CD  . GLN   A 1 54  ? 6.684   -12.013 -13.680 1.00 37.41  ? 63  GLN   A CD  1 
ATOM   799  O OE1 . GLN   A 1 54  ? 7.046   -11.208 -14.535 1.00 45.42  ? 63  GLN   A OE1 1 
ATOM   800  N NE2 . GLN   A 1 54  ? 5.516   -12.622 -13.704 1.00 33.96  ? 63  GLN   A NE2 1 
ATOM   801  N N   . LEU   A 1 55  ? 8.716   -10.202 -8.397  1.00 33.09  ? 64  LEU   A N   1 
ATOM   802  C CA  . LEU   A 1 55  ? 8.997   -9.026  -7.529  1.00 32.79  ? 64  LEU   A CA  1 
ATOM   803  C C   . LEU   A 1 55  ? 10.049  -9.355  -6.488  1.00 30.37  ? 64  LEU   A C   1 
ATOM   804  O O   . LEU   A 1 55  ? 10.461  -10.533 -6.376  1.00 38.77  ? 64  LEU   A O   1 
ATOM   805  C CB  . LEU   A 1 55  ? 7.700   -8.556  -6.867  1.00 30.44  ? 64  LEU   A CB  1 
ATOM   806  C CG  . LEU   A 1 55  ? 6.602   -8.148  -7.842  1.00 32.85  ? 64  LEU   A CG  1 
ATOM   807  C CD1 . LEU   A 1 55  ? 5.310   -7.896  -7.107  1.00 32.71  ? 64  LEU   A CD1 1 
ATOM   808  C CD2 . LEU   A 1 55  ? 7.042   -6.911  -8.648  1.00 33.27  ? 64  LEU   A CD2 1 
ATOM   809  N N   . GLU   A 1 56  ? 10.538  -8.329  -5.809  1.00 30.05  ? 65  GLU   A N   1 
ATOM   810  C CA  . GLU   A 1 56  ? 11.705  -8.435  -4.915  1.00 28.62  ? 65  GLU   A CA  1 
ATOM   811  C C   . GLU   A 1 56  ? 11.211  -8.572  -3.478  1.00 31.95  ? 65  GLU   A C   1 
ATOM   812  O O   . GLU   A 1 56  ? 10.448  -7.751  -3.038  1.00 31.64  ? 65  GLU   A O   1 
ATOM   813  C CB  . GLU   A 1 56  ? 12.628  -7.229  -5.071  1.00 34.76  ? 65  GLU   A CB  1 
ATOM   814  C CG  . GLU   A 1 56  ? 13.347  -7.251  -6.406  1.00 34.53  ? 65  GLU   A CG  1 
ATOM   815  C CD  . GLU   A 1 56  ? 14.140  -6.008  -6.749  1.00 43.98  ? 65  GLU   A CD  1 
ATOM   816  O OE1 . GLU   A 1 56  ? 13.924  -4.977  -6.105  1.00 51.37  ? 65  GLU   A OE1 1 
ATOM   817  O OE2 . GLU   A 1 56  ? 14.949  -6.071  -7.682  1.00 50.55  ? 65  GLU   A OE2 1 
ATOM   818  N N   . GLN   A 1 57  ? 11.726  -9.541  -2.742  1.00 34.82  ? 66  GLN   A N   1 
ATOM   819  C CA  . GLN   A 1 57  ? 11.491  -9.600  -1.264  1.00 35.08  ? 66  GLN   A CA  1 
ATOM   820  C C   . GLN   A 1 57  ? 12.421  -8.637  -0.549  1.00 33.91  ? 66  GLN   A C   1 
ATOM   821  O O   . GLN   A 1 57  ? 13.454  -8.279  -1.070  1.00 33.42  ? 66  GLN   A O   1 
ATOM   822  C CB  . GLN   A 1 57  ? 11.814  -10.985 -0.732  1.00 37.24  ? 66  GLN   A CB  1 
ATOM   823  C CG  . GLN   A 1 57  ? 10.905  -12.070 -1.270  1.00 37.58  ? 66  GLN   A CG  1 
ATOM   824  C CD  . GLN   A 1 57  ? 11.066  -13.312 -0.433  1.00 46.95  ? 66  GLN   A CD  1 
ATOM   825  O OE1 . GLN   A 1 57  ? 10.973  -13.257 0.785   1.00 43.41  ? 66  GLN   A OE1 1 
ATOM   826  N NE2 . GLN   A 1 57  ? 11.338  -14.431 -1.087  1.00 55.70  ? 66  GLN   A NE2 1 
ATOM   827  N N   . PRO   A 1 58  ? 12.091  -8.168  0.677   1.00 29.65  ? 67  PRO   A N   1 
ATOM   828  C CA  . PRO   A 1 58  ? 10.796  -8.438  1.305   1.00 36.77  ? 67  PRO   A CA  1 
ATOM   829  C C   . PRO   A 1 58  ? 9.618   -7.790  0.568   1.00 33.73  ? 67  PRO   A C   1 
ATOM   830  O O   . PRO   A 1 58  ? 9.811   -6.712  0.003   1.00 31.60  ? 67  PRO   A O   1 
ATOM   831  C CB  . PRO   A 1 58  ? 10.884  -7.773  2.688   1.00 32.36  ? 67  PRO   A CB  1 
ATOM   832  C CG  . PRO   A 1 58  ? 12.343  -7.466  2.880   1.00 36.33  ? 67  PRO   A CG  1 
ATOM   833  C CD  . PRO   A 1 58  ? 12.915  -7.277  1.493   1.00 32.41  ? 67  PRO   A CD  1 
ATOM   834  N N   . TYR   A 1 59  ? 8.476   -8.468  0.580   1.00 30.36  ? 68  TYR   A N   1 
ATOM   835  C CA  . TYR   A 1 59  ? 7.181   -7.992  0.014   1.00 29.83  ? 68  TYR   A CA  1 
ATOM   836  C C   . TYR   A 1 59  ? 6.421   -7.148  1.045   1.00 36.15  ? 68  TYR   A C   1 
ATOM   837  O O   . TYR   A 1 59  ? 6.503   -7.454  2.287   1.00 32.00  ? 68  TYR   A O   1 
ATOM   838  C CB  . TYR   A 1 59  ? 6.269   -9.128  -0.389  1.00 31.98  ? 68  TYR   A CB  1 
ATOM   839  C CG  . TYR   A 1 59  ? 6.861   -10.167 -1.293  1.00 36.10  ? 68  TYR   A CG  1 
ATOM   840  C CD1 . TYR   A 1 59  ? 7.498   -9.831  -2.483  1.00 36.65  ? 68  TYR   A CD1 1 
ATOM   841  C CD2 . TYR   A 1 59  ? 6.738   -11.509 -0.961  1.00 39.07  ? 68  TYR   A CD2 1 
ATOM   842  C CE1 . TYR   A 1 59  ? 8.033   -10.808 -3.303  1.00 38.06  ? 68  TYR   A CE1 1 
ATOM   843  C CE2 . TYR   A 1 59  ? 7.247   -12.498 -1.790  1.00 42.52  ? 68  TYR   A CE2 1 
ATOM   844  C CZ  . TYR   A 1 59  ? 7.921   -12.143 -2.946  1.00 41.72  ? 68  TYR   A CZ  1 
ATOM   845  O OH  . TYR   A 1 59  ? 8.432   -13.115 -3.745  1.00 38.66  ? 68  TYR   A OH  1 
ATOM   846  N N   . VAL   A 1 60  ? 5.708   -6.117  0.580   1.00 28.76  ? 69  VAL   A N   1 
ATOM   847  C CA  . VAL   A 1 60  ? 4.712   -5.394  1.422   1.00 29.86  ? 69  VAL   A CA  1 
ATOM   848  C C   . VAL   A 1 60  ? 3.325   -5.686  0.868   1.00 34.14  ? 69  VAL   A C   1 
ATOM   849  O O   . VAL   A 1 60  ? 3.048   -5.311  -0.295  1.00 29.76  ? 69  VAL   A O   1 
ATOM   850  C CB  . VAL   A 1 60  ? 4.962   -3.894  1.530   1.00 33.10  ? 69  VAL   A CB  1 
ATOM   851  C CG1 . VAL   A 1 60  ? 3.816   -3.235  2.279   1.00 34.12  ? 69  VAL   A CG1 1 
ATOM   852  C CG2 . VAL   A 1 60  ? 6.296   -3.597  2.165   1.00 33.54  ? 69  VAL   A CG2 1 
ATOM   853  N N   . PHE   A 1 61  ? 2.465   -6.336  1.650   1.00 28.24  ? 70  PHE   A N   1 
ATOM   854  C CA  . PHE   A 1 61  ? 1.059   -6.598  1.234   1.00 33.97  ? 70  PHE   A CA  1 
ATOM   855  C C   . PHE   A 1 61  ? 0.141   -5.528  1.804   1.00 30.06  ? 70  PHE   A C   1 
ATOM   856  O O   . PHE   A 1 61  ? 0.410   -5.059  2.922   1.00 31.69  ? 70  PHE   A O   1 
ATOM   857  C CB  . PHE   A 1 61  ? 0.589   -7.985  1.682   1.00 30.79  ? 70  PHE   A CB  1 
ATOM   858  C CG  . PHE   A 1 61  ? 1.393   -9.090  1.068   1.00 33.55  ? 70  PHE   A CG  1 
ATOM   859  C CD1 . PHE   A 1 61  ? 1.298   -9.352  -0.286  1.00 32.41  ? 70  PHE   A CD1 1 
ATOM   860  C CD2 . PHE   A 1 61  ? 2.238   -9.879  1.838   1.00 33.89  ? 70  PHE   A CD2 1 
ATOM   861  C CE1 . PHE   A 1 61  ? 2.074   -10.350 -0.860  1.00 36.66  ? 70  PHE   A CE1 1 
ATOM   862  C CE2 . PHE   A 1 61  ? 3.012   -10.868 1.257   1.00 36.32  ? 70  PHE   A CE2 1 
ATOM   863  C CZ  . PHE   A 1 61  ? 2.927   -11.106 -0.088  1.00 32.45  ? 70  PHE   A CZ  1 
ATOM   864  N N   . ILE   A 1 62  ? -0.959  -5.239  1.104   1.00 29.88  ? 71  ILE   A N   1 
ATOM   865  C CA  . ILE   A 1 62  ? -2.149  -4.651  1.771   1.00 33.59  ? 71  ILE   A CA  1 
ATOM   866  C C   . ILE   A 1 62  ? -3.135  -5.785  1.959   1.00 34.36  ? 71  ILE   A C   1 
ATOM   867  O O   . ILE   A 1 62  ? -3.408  -6.559  1.010   1.00 37.76  ? 71  ILE   A O   1 
ATOM   868  C CB  . ILE   A 1 62  ? -2.773  -3.398  1.124   1.00 35.33  ? 71  ILE   A CB  1 
ATOM   869  C CG1 . ILE   A 1 62  ? -2.994  -3.545  -0.380  1.00 32.75  ? 71  ILE   A CG1 1 
ATOM   870  C CG2 . ILE   A 1 62  ? -1.968  -2.167  1.464   1.00 37.28  ? 71  ILE   A CG2 1 
ATOM   871  C CD1 . ILE   A 1 62  ? -4.087  -2.626  -0.891  1.00 35.26  ? 71  ILE   A CD1 1 
ATOM   872  N N   . LYS   A 1 63  ? -3.675  -5.842  3.180   1.00 31.93  ? 72  LYS   A N   1 
ATOM   873  C CA  . LYS   A 1 63  ? -4.573  -6.912  3.612   1.00 31.47  ? 72  LYS   A CA  1 
ATOM   874  C C   . LYS   A 1 63  ? -5.828  -6.292  4.243   1.00 33.52  ? 72  LYS   A C   1 
ATOM   875  O O   . LYS   A 1 63  ? -5.705  -5.272  4.853   1.00 32.13  ? 72  LYS   A O   1 
ATOM   876  C CB  . LYS   A 1 63  ? -3.780  -7.818  4.539   1.00 34.96  ? 72  LYS   A CB  1 
ATOM   877  C CG  . LYS   A 1 63  ? -2.948  -8.873  3.829   1.00 41.26  ? 72  LYS   A CG  1 
ATOM   878  C CD  . LYS   A 1 63  ? -2.067  -9.688  4.754   1.00 43.87  ? 72  LYS   A CD  1 
ATOM   879  C CE  . LYS   A 1 63  ? -1.435  -10.881 4.063   1.00 48.48  ? 72  LYS   A CE  1 
ATOM   880  N NZ  . LYS   A 1 63  ? -2.441  -11.756 3.408   1.00 48.95  ? 72  LYS   A NZ  1 
ATOM   881  N N   . ARG   A 1 64  ? -6.987  -6.853  3.963   1.00 35.72  ? 73  ARG   A N   1 
ATOM   882  C CA  . ARG   A 1 64  ? -8.305  -6.311  4.398   1.00 38.53  ? 73  ARG   A CA  1 
ATOM   883  C C   . ARG   A 1 64  ? -8.360  -6.424  5.927   1.00 37.37  ? 73  ARG   A C   1 
ATOM   884  O O   . ARG   A 1 64  ? -8.074  -7.524  6.408   1.00 37.25  ? 73  ARG   A O   1 
ATOM   885  C CB  . ARG   A 1 64  ? -9.437  -7.092  3.732   1.00 43.62  ? 73  ARG   A CB  1 
ATOM   886  C CG  . ARG   A 1 64  ? -10.804 -6.467  3.973   1.00 53.28  ? 73  ARG   A CG  1 
ATOM   887  C CD  . ARG   A 1 64  ? -11.980 -7.377  3.708   1.00 65.57  ? 73  ARG   A CD  1 
ATOM   888  N NE  . ARG   A 1 64  ? -13.110 -6.586  3.237   1.00 74.25  ? 73  ARG   A NE  1 
ATOM   889  C CZ  . ARG   A 1 64  ? -13.364 -6.328  1.959   1.00 81.30  ? 73  ARG   A CZ  1 
ATOM   890  N NH1 . ARG   A 1 64  ? -12.573 -6.804  1.009   1.00 84.32  ? 73  ARG   A NH1 1 
ATOM   891  N NH2 . ARG   A 1 64  ? -14.411 -5.588  1.636   1.00 90.54  ? 73  ARG   A NH2 1 
ATOM   892  N N   . SER   A 1 65  ? -8.627  -5.320  6.642   1.00 40.23  ? 74  SER   A N   1 
ATOM   893  C CA  . SER   A 1 65  ? -8.556  -5.234  8.123   1.00 45.06  ? 74  SER   A CA  1 
ATOM   894  C C   . SER   A 1 65  ? -9.967  -5.311  8.706   1.00 49.62  ? 74  SER   A C   1 
ATOM   895  O O   . SER   A 1 65  ? -10.058 -5.358  9.944   1.00 52.44  ? 74  SER   A O   1 
ATOM   896  C CB  . SER   A 1 65  ? -7.851  -3.989  8.605   1.00 44.20  ? 74  SER   A CB  1 
ATOM   897  O OG  . SER   A 1 65  ? -8.502  -2.815  8.146   1.00 49.05  ? 74  SER   A OG  1 
ATOM   898  N N   . ASP   A 1 66  ? -11.000 -5.266  7.859   1.00 60.72  ? 75  ASP   A N   1 
ATOM   899  C CA  . ASP   A 1 66  ? -12.418 -5.089  8.279   1.00 68.01  ? 75  ASP   A CA  1 
ATOM   900  C C   . ASP   A 1 66  ? -13.358 -5.483  7.126   1.00 71.84  ? 75  ASP   A C   1 
ATOM   901  O O   . ASP   A 1 66  ? -12.932 -5.348  5.967   1.00 72.73  ? 75  ASP   A O   1 
ATOM   902  C CB  . ASP   A 1 66  ? -12.627 -3.648  8.755   1.00 70.17  ? 75  ASP   A CB  1 
ATOM   903  C CG  . ASP   A 1 66  ? -13.928 -3.373  9.495   1.00 67.13  ? 75  ASP   A CG  1 
ATOM   904  O OD1 . ASP   A 1 66  ? -14.802 -4.248  9.507   1.00 70.17  ? 75  ASP   A OD1 1 
ATOM   905  O OD2 . ASP   A 1 66  ? -14.057 -2.267  10.033  1.00 67.99  ? 75  ASP   A OD2 1 
ATOM   906  N N   . ALA   A 1 67  ? -14.585 -5.938  7.451   1.00 77.18  ? 76  ALA   A N   1 
ATOM   907  C CA  . ALA   A 1 67  ? -15.646 -6.401  6.510   1.00 76.29  ? 76  ALA   A CA  1 
ATOM   908  C C   . ALA   A 1 67  ? -16.822 -5.412  6.456   1.00 70.53  ? 76  ALA   A C   1 
ATOM   909  O O   . ALA   A 1 67  ? -17.504 -5.258  7.483   1.00 56.07  ? 76  ALA   A O   1 
ATOM   910  C CB  . ALA   A 1 67  ? -16.134 -7.778  6.891   1.00 74.67  ? 76  ALA   A CB  1 
ATOM   911  N N   . ALA   A 1 70  ? -16.492 -0.802  4.680   1.00 66.72  ? 79  ALA   A N   1 
ATOM   912  C CA  . ALA   A 1 70  ? -15.842 -0.216  3.477   1.00 66.32  ? 79  ALA   A CA  1 
ATOM   913  C C   . ALA   A 1 70  ? -16.359 1.204   3.259   1.00 72.08  ? 79  ALA   A C   1 
ATOM   914  O O   . ALA   A 1 70  ? -17.114 1.477   2.326   1.00 75.23  ? 79  ALA   A O   1 
ATOM   915  C CB  . ALA   A 1 70  ? -16.079 -1.088  2.263   1.00 60.72  ? 79  ALA   A CB  1 
ATOM   916  N N   . PRO   A 1 71  ? -15.967 2.162   4.125   1.00 67.51  ? 80  PRO   A N   1 
ATOM   917  C CA  . PRO   A 1 71  ? -16.483 3.527   4.056   1.00 65.50  ? 80  PRO   A CA  1 
ATOM   918  C C   . PRO   A 1 71  ? -16.206 4.240   2.728   1.00 68.64  ? 80  PRO   A C   1 
ATOM   919  O O   . PRO   A 1 71  ? -15.076 4.270   2.296   1.00 63.24  ? 80  PRO   A O   1 
ATOM   920  C CB  . PRO   A 1 71  ? -15.737 4.258   5.180   1.00 69.28  ? 80  PRO   A CB  1 
ATOM   921  C CG  . PRO   A 1 71  ? -15.333 3.158   6.130   1.00 70.75  ? 80  PRO   A CG  1 
ATOM   922  C CD  . PRO   A 1 71  ? -15.044 1.962   5.250   1.00 72.81  ? 80  PRO   A CD  1 
ATOM   923  N N   . HIS   A 1 72  ? -17.245 4.828   2.133   1.00 73.79  ? 81  HIS   A N   1 
ATOM   924  C CA  . HIS   A 1 72  ? -17.170 5.659   0.900   1.00 69.18  ? 81  HIS   A CA  1 
ATOM   925  C C   . HIS   A 1 72  ? -16.625 4.834   -0.281  1.00 63.74  ? 81  HIS   A C   1 
ATOM   926  O O   . HIS   A 1 72  ? -16.081 5.450   -1.208  1.00 62.38  ? 81  HIS   A O   1 
ATOM   927  C CB  . HIS   A 1 72  ? -16.319 6.924   1.160   1.00 80.25  ? 81  HIS   A CB  1 
ATOM   928  C CG  . HIS   A 1 72  ? -16.615 7.634   2.446   1.00 95.19  ? 81  HIS   A CG  1 
ATOM   929  N ND1 . HIS   A 1 72  ? -17.534 8.668   2.537   1.00 101.46 ? 81  HIS   A ND1 1 
ATOM   930  C CD2 . HIS   A 1 72  ? -16.116 7.476   3.694   1.00 105.46 ? 81  HIS   A CD2 1 
ATOM   931  C CE1 . HIS   A 1 72  ? -17.589 9.111   3.780   1.00 106.58 ? 81  HIS   A CE1 1 
ATOM   932  N NE2 . HIS   A 1 72  ? -16.726 8.396   4.509   1.00 111.54 ? 81  HIS   A NE2 1 
ATOM   933  N N   . GLY   A 1 73  ? -16.770 3.498   -0.265  1.00 61.98  ? 82  GLY   A N   1 
ATOM   934  C CA  . GLY   A 1 73  ? -16.242 2.580   -1.299  1.00 58.13  ? 82  GLY   A CA  1 
ATOM   935  C C   . GLY   A 1 73  ? -14.818 2.095   -1.002  1.00 58.87  ? 82  GLY   A C   1 
ATOM   936  O O   . GLY   A 1 73  ? -14.336 1.195   -1.697  1.00 54.09  ? 82  GLY   A O   1 
ATOM   937  N N   . HIS   A 1 74  ? -14.159 2.654   0.018   1.00 48.79  ? 83  HIS   A N   1 
ATOM   938  C CA  . HIS   A 1 74  ? -12.762 2.341   0.392   1.00 46.12  ? 83  HIS   A CA  1 
ATOM   939  C C   . HIS   A 1 74  ? -12.698 1.132   1.334   1.00 49.91  ? 83  HIS   A C   1 
ATOM   940  O O   . HIS   A 1 74  ? -13.233 1.209   2.463   1.00 47.40  ? 83  HIS   A O   1 
ATOM   941  C CB  . HIS   A 1 74  ? -12.120 3.575   0.998   1.00 44.39  ? 83  HIS   A CB  1 
ATOM   942  C CG  . HIS   A 1 74  ? -11.966 4.671   0.006   1.00 44.71  ? 83  HIS   A CG  1 
ATOM   943  N ND1 . HIS   A 1 74  ? -10.733 5.022   -0.534  1.00 43.62  ? 83  HIS   A ND1 1 
ATOM   944  C CD2 . HIS   A 1 74  ? -12.880 5.505   -0.531  1.00 50.02  ? 83  HIS   A CD2 1 
ATOM   945  C CE1 . HIS   A 1 74  ? -10.898 6.049   -1.346  1.00 54.54  ? 83  HIS   A CE1 1 
ATOM   946  N NE2 . HIS   A 1 74  ? -12.211 6.356   -1.369  1.00 56.25  ? 83  HIS   A NE2 1 
ATOM   947  N N   . VAL   A 1 75  ? -12.023 0.068   0.907   1.00 44.28  ? 84  VAL   A N   1 
ATOM   948  C CA  . VAL   A 1 75  ? -11.807 -1.129  1.774   1.00 43.74  ? 84  VAL   A CA  1 
ATOM   949  C C   . VAL   A 1 75  ? -10.770 -0.782  2.840   1.00 38.93  ? 84  VAL   A C   1 
ATOM   950  O O   . VAL   A 1 75  ? -9.679  -0.287  2.521   1.00 35.23  ? 84  VAL   A O   1 
ATOM   951  C CB  . VAL   A 1 75  ? -11.402 -2.361  0.958   1.00 44.63  ? 84  VAL   A CB  1 
ATOM   952  C CG1 . VAL   A 1 75  ? -11.034 -3.527  1.856   1.00 46.14  ? 84  VAL   A CG1 1 
ATOM   953  C CG2 . VAL   A 1 75  ? -12.515 -2.725  -0.010  1.00 48.94  ? 84  VAL   A CG2 1 
ATOM   954  N N   . MET   A 1 76  ? -11.075 -1.073  4.105   1.00 36.57  ? 85  MET   A N   1 
ATOM   955  C CA  . MET   A 1 76  ? -10.097 -0.805  5.173   1.00 37.03  ? 85  MET   A CA  1 
ATOM   956  C C   . MET   A 1 76  ? -9.005  -1.871  5.071   1.00 36.79  ? 85  MET   A C   1 
ATOM   957  O O   . MET   A 1 76  ? -9.306  -3.076  4.979   1.00 37.19  ? 85  MET   A O   1 
ATOM   958  C CB  . MET   A 1 76  ? -10.740 -0.816  6.571   1.00 39.83  ? 85  MET   A CB  1 
ATOM   959  C CG  . MET   A 1 76  ? -11.830 0.246   6.716   1.00 48.17  ? 85  MET   A CG  1 
ATOM   960  S SD  . MET   A 1 76  ? -12.413 0.311   8.427   1.00 58.23  ? 85  MET   A SD  1 
ATOM   961  C CE  . MET   A 1 76  ? -10.870 0.748   9.205   1.00 56.08  ? 85  MET   A CE  1 
ATOM   962  N N   A VAL   A 1 77  ? -7.754  -1.407  5.093   0.32 33.31  ? 86  VAL   A N   1 
ATOM   963  N N   B VAL   A 1 77  ? -7.754  -1.407  5.093   0.32 33.32  ? 86  VAL   A N   1 
ATOM   964  N N   C VAL   A 1 77  ? -7.740  -1.458  5.085   0.21 36.03  ? 86  VAL   A N   1 
ATOM   965  N N   D VAL   A 1 77  ? -7.739  -1.459  5.079   0.15 36.14  ? 86  VAL   A N   1 
ATOM   966  C CA  A VAL   A 1 77  ? -6.543  -2.247  4.886   0.32 33.15  ? 86  VAL   A CA  1 
ATOM   967  C CA  B VAL   A 1 77  ? -6.543  -2.247  4.886   0.32 33.15  ? 86  VAL   A CA  1 
ATOM   968  C CA  C VAL   A 1 77  ? -6.608  -2.421  4.972   0.21 36.89  ? 86  VAL   A CA  1 
ATOM   969  C CA  D VAL   A 1 77  ? -6.609  -2.422  4.966   0.15 36.74  ? 86  VAL   A CA  1 
ATOM   970  C C   A VAL   A 1 77  ? -5.458  -1.843  5.885   0.32 32.18  ? 86  VAL   A C   1 
ATOM   971  C C   B VAL   A 1 77  ? -5.459  -1.844  5.886   0.32 32.19  ? 86  VAL   A C   1 
ATOM   972  C C   C VAL   A 1 77  ? -5.512  -2.062  5.971   0.21 36.11  ? 86  VAL   A C   1 
ATOM   973  C C   D VAL   A 1 77  ? -5.513  -2.065  5.967   0.15 36.17  ? 86  VAL   A C   1 
ATOM   974  O O   A VAL   A 1 77  ? -5.492  -0.708  6.439   0.32 33.08  ? 86  VAL   A O   1 
ATOM   975  O O   B VAL   A 1 77  ? -5.493  -0.709  6.439   0.32 33.07  ? 86  VAL   A O   1 
ATOM   976  O O   C VAL   A 1 77  ? -5.530  -0.944  6.540   0.21 36.43  ? 86  VAL   A O   1 
ATOM   977  O O   D VAL   A 1 77  ? -5.532  -0.948  6.534   0.15 36.07  ? 86  VAL   A O   1 
ATOM   978  C CB  A VAL   A 1 77  ? -6.023  -2.153  3.438   0.32 31.43  ? 86  VAL   A CB  1 
ATOM   979  C CB  B VAL   A 1 77  ? -6.022  -2.153  3.437   0.32 31.44  ? 86  VAL   A CB  1 
ATOM   980  C CB  C VAL   A 1 77  ? -6.049  -2.495  3.538   0.21 36.45  ? 86  VAL   A CB  1 
ATOM   981  C CB  D VAL   A 1 77  ? -6.048  -2.495  3.533   0.15 36.39  ? 86  VAL   A CB  1 
ATOM   982  C CG1 A VAL   A 1 77  ? -7.063  -2.620  2.436   0.32 29.86  ? 86  VAL   A CG1 1 
ATOM   983  C CG1 B VAL   A 1 77  ? -7.063  -2.620  2.436   0.32 29.88  ? 86  VAL   A CG1 1 
ATOM   984  C CG1 C VAL   A 1 77  ? -7.063  -3.065  2.563   0.21 35.78  ? 86  VAL   A CG1 1 
ATOM   985  C CG1 D VAL   A 1 77  ? -7.063  -3.065  2.558   0.15 35.88  ? 86  VAL   A CG1 1 
ATOM   986  C CG2 A VAL   A 1 77  ? -5.531  -0.755  3.106   0.32 32.25  ? 86  VAL   A CG2 1 
ATOM   987  C CG2 B VAL   A 1 77  ? -5.532  -0.754  3.105   0.32 32.25  ? 86  VAL   A CG2 1 
ATOM   988  C CG2 C VAL   A 1 77  ? -5.535  -1.150  3.060   0.21 35.86  ? 86  VAL   A CG2 1 
ATOM   989  C CG2 D VAL   A 1 77  ? -5.534  -1.149  3.054   0.15 35.96  ? 86  VAL   A CG2 1 
ATOM   990  N N   A GLU   A 1 78  ? -4.528  -2.768  6.103   0.32 31.89  ? 87  GLU   A N   1 
ATOM   991  N N   B GLU   A 1 78  ? -4.528  -2.768  6.103   0.32 31.91  ? 87  GLU   A N   1 
ATOM   992  N N   C GLU   A 1 78  ? -4.599  -3.014  6.155   0.21 35.91  ? 87  GLU   A N   1 
ATOM   993  N N   D GLU   A 1 78  ? -4.599  -3.016  6.153   0.15 36.15  ? 87  GLU   A N   1 
ATOM   994  C CA  A GLU   A 1 78  ? -3.252  -2.505  6.809   0.32 34.10  ? 87  GLU   A CA  1 
ATOM   995  C CA  B GLU   A 1 78  ? -3.252  -2.505  6.809   0.32 34.10  ? 87  GLU   A CA  1 
ATOM   996  C CA  C GLU   A 1 78  ? -3.375  -2.869  6.975   0.21 37.98  ? 87  GLU   A CA  1 
ATOM   997  C CA  D GLU   A 1 78  ? -3.377  -2.871  6.977   0.15 37.90  ? 87  GLU   A CA  1 
ATOM   998  C C   A GLU   A 1 78  ? -2.103  -3.215  6.078   0.32 30.94  ? 87  GLU   A C   1 
ATOM   999  C C   B GLU   A 1 78  ? -2.103  -3.215  6.079   0.32 30.96  ? 87  GLU   A C   1 
ATOM   1000 C C   C GLU   A 1 78  ? -2.178  -3.393  6.172   0.21 35.81  ? 87  GLU   A C   1 
ATOM   1001 C C   D GLU   A 1 78  ? -2.180  -3.398  6.177   0.15 35.92  ? 87  GLU   A C   1 
ATOM   1002 O O   A GLU   A 1 78  ? -2.367  -4.109  5.223   0.32 29.64  ? 87  GLU   A O   1 
ATOM   1003 O O   B GLU   A 1 78  ? -2.367  -4.108  5.224   0.32 29.63  ? 87  GLU   A O   1 
ATOM   1004 O O   C GLU   A 1 78  ? -2.375  -4.207  5.235   0.21 32.92  ? 87  GLU   A O   1 
ATOM   1005 O O   D GLU   A 1 78  ? -2.379  -4.216  5.247   0.15 33.12  ? 87  GLU   A O   1 
ATOM   1006 C CB  A GLU   A 1 78  ? -3.370  -2.925  8.273   0.32 38.25  ? 87  GLU   A CB  1 
ATOM   1007 C CB  B GLU   A 1 78  ? -3.370  -2.924  8.274   0.32 38.23  ? 87  GLU   A CB  1 
ATOM   1008 C CB  C GLU   A 1 78  ? -3.529  -3.595  8.312   0.21 40.47  ? 87  GLU   A CB  1 
ATOM   1009 C CB  D GLU   A 1 78  ? -3.534  -3.594  8.316   0.15 40.31  ? 87  GLU   A CB  1 
ATOM   1010 C CG  A GLU   A 1 78  ? -3.801  -4.360  8.483   0.32 40.89  ? 87  GLU   A CG  1 
ATOM   1011 C CG  B GLU   A 1 78  ? -3.801  -4.360  8.483   0.32 40.86  ? 87  GLU   A CG  1 
ATOM   1012 C CG  C GLU   A 1 78  ? -4.180  -4.952  8.198   0.21 43.70  ? 87  GLU   A CG  1 
ATOM   1013 C CG  D GLU   A 1 78  ? -4.188  -4.951  8.207   0.15 43.18  ? 87  GLU   A CG  1 
ATOM   1014 C CD  A GLU   A 1 78  ? -4.440  -4.584  9.845   0.32 42.12  ? 87  GLU   A CD  1 
ATOM   1015 C CD  B GLU   A 1 78  ? -4.440  -4.584  9.845   0.32 42.10  ? 87  GLU   A CD  1 
ATOM   1016 C CD  C GLU   A 1 78  ? -4.600  -5.538  9.537   0.21 45.44  ? 87  GLU   A CD  1 
ATOM   1017 C CD  D GLU   A 1 78  ? -4.608  -5.534  9.545   0.15 44.86  ? 87  GLU   A CD  1 
ATOM   1018 O OE1 A GLU   A 1 78  ? -4.227  -3.742  10.734  0.32 43.13  ? 87  GLU   A OE1 1 
ATOM   1019 O OE1 B GLU   A 1 78  ? -4.228  -3.742  10.734  0.32 43.11  ? 87  GLU   A OE1 1 
ATOM   1020 O OE1 C GLU   A 1 78  ? -3.767  -5.528  10.461  0.21 45.46  ? 87  GLU   A OE1 1 
ATOM   1021 O OE1 D GLU   A 1 78  ? -3.779  -5.516  10.474  0.15 45.12  ? 87  GLU   A OE1 1 
ATOM   1022 O OE2 A GLU   A 1 78  ? -5.130  -5.608  10.012  0.32 41.88  ? 87  GLU   A OE2 1 
ATOM   1023 O OE2 B GLU   A 1 78  ? -5.130  -5.608  10.012  0.32 41.88  ? 87  GLU   A OE2 1 
ATOM   1024 O OE2 C GLU   A 1 78  ? -5.750  -6.020  9.638   0.21 46.65  ? 87  GLU   A OE2 1 
ATOM   1025 O OE2 D GLU   A 1 78  ? -5.757  -6.020  9.645   0.15 46.21  ? 87  GLU   A OE2 1 
ATOM   1026 N N   A LEU   A 1 79  ? -0.880  -2.816  6.415   0.32 31.01  ? 88  LEU   A N   1 
ATOM   1027 N N   B LEU   A 1 79  ? -0.880  -2.816  6.415   0.32 31.03  ? 88  LEU   A N   1 
ATOM   1028 N N   C LEU   A 1 79  ? -0.991  -2.920  6.537   0.21 34.68  ? 88  LEU   A N   1 
ATOM   1029 N N   D LEU   A 1 79  ? -0.991  -2.922  6.539   0.15 35.02  ? 88  LEU   A N   1 
ATOM   1030 C CA  A LEU   A 1 79  ? 0.367   -3.333  5.794   0.32 32.56  ? 88  LEU   A CA  1 
ATOM   1031 C CA  B LEU   A 1 79  ? 0.368   -3.332  5.794   0.32 32.57  ? 88  LEU   A CA  1 
ATOM   1032 C CA  C LEU   A 1 79  ? 0.311   -3.339  5.956   0.21 36.20  ? 88  LEU   A CA  1 
ATOM   1033 C CA  D LEU   A 1 79  ? 0.310   -3.338  5.955   0.15 36.16  ? 88  LEU   A CA  1 
ATOM   1034 C C   A LEU   A 1 79  ? 0.858   -4.555  6.575   0.32 33.54  ? 88  LEU   A C   1 
ATOM   1035 C C   B LEU   A 1 79  ? 0.858   -4.554  6.575   0.32 33.54  ? 88  LEU   A C   1 
ATOM   1036 C C   C LEU   A 1 79  ? 0.775   -4.630  6.630   0.21 35.40  ? 88  LEU   A C   1 
ATOM   1037 C C   D LEU   A 1 79  ? 0.775   -4.629  6.630   0.15 35.28  ? 88  LEU   A C   1 
ATOM   1038 O O   A LEU   A 1 79  ? 0.920   -4.475  7.832   0.32 33.37  ? 88  LEU   A O   1 
ATOM   1039 O O   B LEU   A 1 79  ? 0.919   -4.475  7.832   0.32 33.36  ? 88  LEU   A O   1 
ATOM   1040 O O   C LEU   A 1 79  ? 0.721   -4.695  7.877   0.21 36.54  ? 88  LEU   A O   1 
ATOM   1041 O O   D LEU   A 1 79  ? 0.719   -4.695  7.875   0.15 36.14  ? 88  LEU   A O   1 
ATOM   1042 C CB  A LEU   A 1 79  ? 1.435   -2.239  5.785   0.32 32.61  ? 88  LEU   A CB  1 
ATOM   1043 C CB  B LEU   A 1 79  ? 1.435   -2.239  5.785   0.32 32.63  ? 88  LEU   A CB  1 
ATOM   1044 C CB  C LEU   A 1 79  ? 1.335   -2.225  6.182   0.21 36.87  ? 88  LEU   A CB  1 
ATOM   1045 C CB  D LEU   A 1 79  ? 1.333   -2.223  6.181   0.15 36.97  ? 88  LEU   A CB  1 
ATOM   1046 C CG  A LEU   A 1 79  ? 1.059   -0.918  5.109   0.32 35.59  ? 88  LEU   A CG  1 
ATOM   1047 C CG  B LEU   A 1 79  ? 1.059   -0.918  5.109   0.32 35.58  ? 88  LEU   A CG  1 
ATOM   1048 C CG  C LEU   A 1 79  ? 1.184   -0.983  5.307   0.21 39.77  ? 88  LEU   A CG  1 
ATOM   1049 C CG  D LEU   A 1 79  ? 1.182   -0.982  5.305   0.15 39.41  ? 88  LEU   A CG  1 
ATOM   1050 C CD1 A LEU   A 1 79  ? 2.289   -0.051  4.957   0.32 37.80  ? 88  LEU   A CD1 1 
ATOM   1051 C CD1 B LEU   A 1 79  ? 2.290   -0.050  4.957   0.32 37.77  ? 88  LEU   A CD1 1 
ATOM   1052 C CD1 C LEU   A 1 79  ? 2.303   -0.002  5.602   0.21 41.58  ? 88  LEU   A CD1 1 
ATOM   1053 C CD1 D LEU   A 1 79  ? 2.304   -0.001  5.599   0.15 40.92  ? 88  LEU   A CD1 1 
ATOM   1054 C CD2 A LEU   A 1 79  ? 0.402   -1.121  3.756   0.32 36.29  ? 88  LEU   A CD2 1 
ATOM   1055 C CD2 B LEU   A 1 79  ? 0.403   -1.122  3.756   0.32 36.28  ? 88  LEU   A CD2 1 
ATOM   1056 C CD2 C LEU   A 1 79  ? 1.170   -1.343  3.831   0.21 39.82  ? 88  LEU   A CD2 1 
ATOM   1057 C CD2 D LEU   A 1 79  ? 1.169   -1.343  3.829   0.15 39.53  ? 88  LEU   A CD2 1 
ATOM   1058 N N   . VAL   A 1 80  ? 1.226   -5.606  5.838   1.00 32.15  ? 89  VAL   A N   1 
ATOM   1059 C CA  . VAL   A 1 80  ? 1.943   -6.816  6.346   1.00 34.36  ? 89  VAL   A CA  1 
ATOM   1060 C C   . VAL   A 1 80  ? 3.151   -7.058  5.437   1.00 35.27  ? 89  VAL   A C   1 
ATOM   1061 O O   . VAL   A 1 80  ? 2.963   -7.144  4.190   1.00 33.29  ? 89  VAL   A O   1 
ATOM   1062 C CB  . VAL   A 1 80  ? 1.014   -8.030  6.343   1.00 37.38  ? 89  VAL   A CB  1 
ATOM   1063 C CG1 . VAL   A 1 80  ? 1.746   -9.324  6.695   1.00 36.53  ? 89  VAL   A CG1 1 
ATOM   1064 C CG2 . VAL   A 1 80  ? -0.163  -7.755  7.282   1.00 38.74  ? 89  VAL   A CG2 1 
ATOM   1065 N N   . ALA   A 1 81  ? 4.342   -7.166  5.992   1.00 36.03  ? 90  ALA   A N   1 
ATOM   1066 C CA  . ALA   A 1 81  ? 5.555   -7.506  5.199   1.00 34.10  ? 90  ALA   A CA  1 
ATOM   1067 C C   . ALA   A 1 81  ? 5.786   -9.012  5.245   1.00 35.37  ? 90  ALA   A C   1 
ATOM   1068 O O   . ALA   A 1 81  ? 5.309   -9.721  6.203   1.00 33.52  ? 90  ALA   A O   1 
ATOM   1069 C CB  . ALA   A 1 81  ? 6.745   -6.690  5.643   1.00 34.61  ? 90  ALA   A CB  1 
ATOM   1070 N N   . GLU   A 1 82  ? 6.472   -9.525  4.230   1.00 32.64  ? 91  GLU   A N   1 
ATOM   1071 C CA  . GLU   A 1 82  ? 6.862   -10.948 4.165   1.00 32.68  ? 91  GLU   A CA  1 
ATOM   1072 C C   . GLU   A 1 82  ? 8.310   -11.103 3.691   1.00 41.43  ? 91  GLU   A C   1 
ATOM   1073 O O   . GLU   A 1 82  ? 8.696   -10.450 2.685   1.00 35.79  ? 91  GLU   A O   1 
ATOM   1074 C CB  . GLU   A 1 82  ? 5.909   -11.704 3.251   1.00 34.23  ? 91  GLU   A CB  1 
ATOM   1075 C CG  . GLU   A 1 82  ? 6.249   -13.178 3.152   1.00 34.04  ? 91  GLU   A CG  1 
ATOM   1076 C CD  . GLU   A 1 82  ? 5.308   -13.926 2.224   1.00 36.60  ? 91  GLU   A CD  1 
ATOM   1077 O OE1 . GLU   A 1 82  ? 4.060   -13.816 2.408   1.00 36.08  ? 91  GLU   A OE1 1 
ATOM   1078 O OE2 . GLU   A 1 82  ? 5.837   -14.581 1.283   1.00 37.58  ? 91  GLU   A OE2 1 
ATOM   1079 N N   . LEU   A 1 83  ? 9.091   -11.965 4.355   1.00 33.05  ? 92  LEU   A N   1 
ATOM   1080 C CA  . LEU   A 1 83  ? 10.505  -12.260 3.971   1.00 35.92  ? 92  LEU   A CA  1 
ATOM   1081 C C   . LEU   A 1 83  ? 10.762  -13.738 4.270   1.00 42.30  ? 92  LEU   A C   1 
ATOM   1082 O O   . LEU   A 1 83  ? 10.490  -14.164 5.438   1.00 34.64  ? 92  LEU   A O   1 
ATOM   1083 C CB  . LEU   A 1 83  ? 11.478  -11.383 4.764   1.00 37.43  ? 92  LEU   A CB  1 
ATOM   1084 C CG  . LEU   A 1 83  ? 12.976  -11.629 4.489   1.00 37.11  ? 92  LEU   A CG  1 
ATOM   1085 C CD1 . LEU   A 1 83  ? 13.286  -11.530 2.996   1.00 39.52  ? 92  LEU   A CD1 1 
ATOM   1086 C CD2 . LEU   A 1 83  ? 13.859  -10.678 5.270   1.00 35.12  ? 92  LEU   A CD2 1 
ATOM   1087 N N   . GLU   A 1 84  ? 11.181  -14.487 3.249   1.00 35.75  ? 93  GLU   A N   1 
ATOM   1088 C CA  . GLU   A 1 84  ? 11.487  -15.949 3.338   1.00 42.19  ? 93  GLU   A CA  1 
ATOM   1089 C C   . GLU   A 1 84  ? 10.362  -16.657 4.106   1.00 48.37  ? 93  GLU   A C   1 
ATOM   1090 O O   . GLU   A 1 84  ? 10.668  -17.542 4.978   1.00 43.51  ? 93  GLU   A O   1 
ATOM   1091 C CB  . GLU   A 1 84  ? 12.892  -16.142 3.915   1.00 50.97  ? 93  GLU   A CB  1 
ATOM   1092 C CG  . GLU   A 1 84  ? 13.972  -15.650 2.960   1.00 51.94  ? 93  GLU   A CG  1 
ATOM   1093 C CD  . GLU   A 1 84  ? 15.270  -15.178 3.590   1.00 66.91  ? 93  GLU   A CD  1 
ATOM   1094 O OE1 . GLU   A 1 84  ? 15.335  -15.108 4.826   1.00 67.86  ? 93  GLU   A OE1 1 
ATOM   1095 O OE2 . GLU   A 1 84  ? 16.219  -14.872 2.832   1.00 69.20  ? 93  GLU   A OE2 1 
ATOM   1096 N N   . GLY   A 1 85  ? 9.109   -16.312 3.778   1.00 38.47  ? 94  GLY   A N   1 
ATOM   1097 C CA  . GLY   A 1 85  ? 7.923   -17.075 4.193   1.00 41.10  ? 94  GLY   A CA  1 
ATOM   1098 C C   . GLY   A 1 85  ? 7.464   -16.715 5.593   1.00 34.47  ? 94  GLY   A C   1 
ATOM   1099 O O   . GLY   A 1 85  ? 6.499   -17.357 6.085   1.00 42.33  ? 94  GLY   A O   1 
ATOM   1100 N N   . ILE   A 1 86  ? 8.039   -15.674 6.190   1.00 37.98  ? 95  ILE   A N   1 
ATOM   1101 C CA  . ILE   A 1 86  ? 7.565   -15.163 7.511   1.00 35.24  ? 95  ILE   A CA  1 
ATOM   1102 C C   . ILE   A 1 86  ? 6.926   -13.785 7.313   1.00 38.56  ? 95  ILE   A C   1 
ATOM   1103 O O   . ILE   A 1 86  ? 7.531   -12.937 6.668   1.00 35.72  ? 95  ILE   A O   1 
ATOM   1104 C CB  . ILE   A 1 86  ? 8.682   -15.159 8.553   1.00 41.12  ? 95  ILE   A CB  1 
ATOM   1105 C CG1 . ILE   A 1 86  ? 9.254   -16.570 8.705   1.00 40.13  ? 95  ILE   A CG1 1 
ATOM   1106 C CG2 . ILE   A 1 86  ? 8.182   -14.604 9.883   1.00 40.29  ? 95  ILE   A CG2 1 
ATOM   1107 C CD1 . ILE   A 1 86  ? 10.509  -16.628 9.541   1.00 42.92  ? 95  ILE   A CD1 1 
ATOM   1108 N N   . GLN   A 1 87  ? 5.753   -13.594 7.900   1.00 37.49  ? 96  GLN   A N   1 
ATOM   1109 C CA  . GLN   A 1 87  ? 4.952   -12.352 7.806   1.00 36.05  ? 96  GLN   A CA  1 
ATOM   1110 C C   . GLN   A 1 87  ? 5.072   -11.587 9.117   1.00 40.37  ? 96  GLN   A C   1 
ATOM   1111 O O   . GLN   A 1 87  ? 5.161   -12.189 10.216  1.00 41.83  ? 96  GLN   A O   1 
ATOM   1112 C CB  . GLN   A 1 87  ? 3.509   -12.646 7.446   1.00 37.11  ? 96  GLN   A CB  1 
ATOM   1113 C CG  . GLN   A 1 87  ? 3.425   -13.192 6.029   1.00 37.30  ? 96  GLN   A CG  1 
ATOM   1114 C CD  . GLN   A 1 87  ? 2.044   -13.159 5.434   1.00 42.79  ? 96  GLN   A CD  1 
ATOM   1115 O OE1 . GLN   A 1 87  ? 1.023   -13.086 6.129   1.00 40.34  ? 96  GLN   A OE1 1 
ATOM   1116 N NE2 . GLN   A 1 87  ? 2.012   -13.187 4.106   1.00 40.28  ? 96  GLN   A NE2 1 
ATOM   1117 N N   . TYR   A 1 88  ? 5.086   -10.287 8.991   1.00 36.69  ? 97  TYR   A N   1 
ATOM   1118 C CA  . TYR   A 1 88  ? 5.288   -9.331  10.104  1.00 38.86  ? 97  TYR   A CA  1 
ATOM   1119 C C   . TYR   A 1 88  ? 4.031   -8.482  10.096  1.00 44.95  ? 97  TYR   A C   1 
ATOM   1120 O O   . TYR   A 1 88  ? 3.829   -7.657  9.148   1.00 43.31  ? 97  TYR   A O   1 
ATOM   1121 C CB  . TYR   A 1 88  ? 6.602   -8.588  9.939   1.00 40.32  ? 97  TYR   A CB  1 
ATOM   1122 C CG  . TYR   A 1 88  ? 7.778   -9.524  9.921   1.00 42.43  ? 97  TYR   A CG  1 
ATOM   1123 C CD1 . TYR   A 1 88  ? 8.133   -10.201 8.771   1.00 38.28  ? 97  TYR   A CD1 1 
ATOM   1124 C CD2 . TYR   A 1 88  ? 8.471   -9.821  11.084  1.00 45.96  ? 97  TYR   A CD2 1 
ATOM   1125 C CE1 . TYR   A 1 88  ? 9.179   -11.111 8.755   1.00 41.58  ? 97  TYR   A CE1 1 
ATOM   1126 C CE2 . TYR   A 1 88  ? 9.542   -10.700 11.077  1.00 47.34  ? 97  TYR   A CE2 1 
ATOM   1127 C CZ  . TYR   A 1 88  ? 9.903   -11.349 9.910   1.00 44.40  ? 97  TYR   A CZ  1 
ATOM   1128 O OH  . TYR   A 1 88  ? 10.948  -12.234 9.889   1.00 43.95  ? 97  TYR   A OH  1 
ATOM   1129 N N   . GLY   A 1 89  ? 3.143   -8.859  11.005  1.00 40.14  ? 98  GLY   A N   1 
ATOM   1130 C CA  . GLY   A 1 89  ? 1.740   -8.451  10.958  1.00 42.16  ? 98  GLY   A CA  1 
ATOM   1131 C C   . GLY   A 1 89  ? 0.829   -9.626  10.714  1.00 39.60  ? 98  GLY   A C   1 
ATOM   1132 O O   . GLY   A 1 89  ? 1.234   -10.684 10.176  1.00 44.86  ? 98  GLY   A O   1 
ATOM   1133 N N   . ARG   A 1 90  ? -0.414  -9.406  11.064  1.00 43.72  ? 99  ARG   A N   1 
ATOM   1134 C CA  . ARG   A 1 90  ? -1.470  -10.416 10.974  1.00 43.27  ? 99  ARG   A CA  1 
ATOM   1135 C C   . ARG   A 1 90  ? -2.695  -9.656  10.503  1.00 38.18  ? 99  ARG   A C   1 
ATOM   1136 O O   . ARG   A 1 90  ? -3.077  -8.657  11.166  1.00 42.03  ? 99  ARG   A O   1 
ATOM   1137 C CB  . ARG   A 1 90  ? -1.537  -11.025 12.375  1.00 47.81  ? 99  ARG   A CB  1 
ATOM   1138 C CG  . ARG   A 1 90  ? -2.856  -11.636 12.759  1.00 44.16  ? 99  ARG   A CG  1 
ATOM   1139 C CD  . ARG   A 1 90  ? -2.774  -12.190 14.179  1.00 34.28  ? 99  ARG   A CD  1 
ATOM   1140 N NE  . ARG   A 1 90  ? -3.442  -13.451 13.980  1.00 38.63  ? 99  ARG   A NE  1 
ATOM   1141 C CZ  . ARG   A 1 90  ? -4.738  -13.681 14.147  1.00 37.58  ? 99  ARG   A CZ  1 
ATOM   1142 N NH1 . ARG   A 1 90  ? -5.543  -12.729 14.590  1.00 41.62  ? 99  ARG   A NH1 1 
ATOM   1143 N NH2 . ARG   A 1 90  ? -5.221  -14.886 13.883  1.00 40.88  ? 99  ARG   A NH2 1 
ATOM   1144 N N   . SER   A 1 91  ? -3.309  -10.081 9.419   1.00 38.47  ? 100 SER   A N   1 
ATOM   1145 C CA  . SER   A 1 91  ? -4.492  -9.370  8.894   1.00 38.40  ? 100 SER   A CA  1 
ATOM   1146 C C   . SER   A 1 91  ? -5.312  -10.289 7.998   1.00 42.98  ? 100 SER   A C   1 
ATOM   1147 O O   . SER   A 1 91  ? -5.070  -11.529 8.019   1.00 41.24  ? 100 SER   A O   1 
ATOM   1148 C CB  . SER   A 1 91  ? -4.058  -8.107  8.166   1.00 39.66  ? 100 SER   A CB  1 
ATOM   1149 O OG  . SER   A 1 91  ? -5.184  -7.288  7.857   1.00 39.72  ? 100 SER   A OG  1 
ATOM   1150 N N   . GLY   A 1 92  ? -6.202  -9.687  7.208   1.00 37.14  ? 101 GLY   A N   1 
ATOM   1151 C CA  . GLY   A 1 92  ? -7.167  -10.403 6.351   1.00 38.02  ? 101 GLY   A CA  1 
ATOM   1152 C C   . GLY   A 1 92  ? -6.608  -10.758 4.985   1.00 36.82  ? 101 GLY   A C   1 
ATOM   1153 O O   . GLY   A 1 92  ? -5.395  -10.900 4.852   1.00 38.71  ? 101 GLY   A O   1 
ATOM   1154 N N   . GLU   A 1 93  ? -7.512  -10.919 4.027   1.00 36.26  ? 102 GLU   A N   1 
ATOM   1155 C CA  . GLU   A 1 93  ? -7.229  -11.316 2.631   1.00 43.84  ? 102 GLU   A CA  1 
ATOM   1156 C C   . GLU   A 1 93  ? -6.332  -10.270 1.950   1.00 40.89  ? 102 GLU   A C   1 
ATOM   1157 O O   . GLU   A 1 93  ? -6.585  -9.061  2.088   1.00 38.58  ? 102 GLU   A O   1 
ATOM   1158 C CB  . GLU   A 1 93  ? -8.535  -11.469 1.861   1.00 46.40  ? 102 GLU   A CB  1 
ATOM   1159 C CG  . GLU   A 1 93  ? -8.385  -12.354 0.643   1.00 58.98  ? 102 GLU   A CG  1 
ATOM   1160 C CD  . GLU   A 1 93  ? -9.590  -12.289 -0.267  1.00 75.64  ? 102 GLU   A CD  1 
ATOM   1161 O OE1 . GLU   A 1 93  ? -10.675 -11.914 0.227   1.00 82.73  ? 102 GLU   A OE1 1 
ATOM   1162 O OE2 . GLU   A 1 93  ? -9.431  -12.585 -1.467  1.00 92.67  ? 102 GLU   A OE2 1 
ATOM   1163 N N   . THR   A 1 94  ? -5.351  -10.723 1.188   1.00 39.94  ? 103 THR   A N   1 
ATOM   1164 C CA  . THR   A 1 94  ? -4.459  -9.839  0.386   1.00 39.42  ? 103 THR   A CA  1 
ATOM   1165 C C   . THR   A 1 94  ? -5.279  -9.163  -0.717  1.00 40.03  ? 103 THR   A C   1 
ATOM   1166 O O   . THR   A 1 94  ? -5.965  -9.874  -1.483  1.00 42.63  ? 103 THR   A O   1 
ATOM   1167 C CB  . THR   A 1 94  ? -3.290  -10.654 -0.183  1.00 42.92  ? 103 THR   A CB  1 
ATOM   1168 O OG1 . THR   A 1 94  ? -2.485  -10.975 0.944   1.00 39.32  ? 103 THR   A OG1 1 
ATOM   1169 C CG2 . THR   A 1 94  ? -2.461  -9.928  -1.227  1.00 38.77  ? 103 THR   A CG2 1 
ATOM   1170 N N   . LEU   A 1 95  ? -5.199  -7.847  -0.823  1.00 33.13  ? 104 LEU   A N   1 
ATOM   1171 C CA  . LEU   A 1 95  ? -5.723  -7.077  -1.978  1.00 38.42  ? 104 LEU   A CA  1 
ATOM   1172 C C   . LEU   A 1 95  ? -4.626  -6.933  -3.038  1.00 37.75  ? 104 LEU   A C   1 
ATOM   1173 O O   . LEU   A 1 95  ? -4.978  -6.863  -4.239  1.00 41.08  ? 104 LEU   A O   1 
ATOM   1174 C CB  . LEU   A 1 95  ? -6.205  -5.708  -1.502  1.00 43.65  ? 104 LEU   A CB  1 
ATOM   1175 C CG  . LEU   A 1 95  ? -7.614  -5.667  -0.922  1.00 46.44  ? 104 LEU   A CG  1 
ATOM   1176 C CD1 . LEU   A 1 95  ? -7.643  -6.300  0.448   1.00 49.37  ? 104 LEU   A CD1 1 
ATOM   1177 C CD2 . LEU   A 1 95  ? -8.113  -4.229  -0.858  1.00 51.48  ? 104 LEU   A CD2 1 
ATOM   1178 N N   . GLY   A 1 96  ? -3.363  -6.984  -2.623  1.00 33.28  ? 105 GLY   A N   1 
ATOM   1179 C CA  . GLY   A 1 96  ? -2.205  -7.036  -3.545  1.00 33.67  ? 105 GLY   A CA  1 
ATOM   1180 C C   . GLY   A 1 96  ? -0.894  -6.689  -2.868  1.00 34.34  ? 105 GLY   A C   1 
ATOM   1181 O O   . GLY   A 1 96  ? -0.839  -6.530  -1.610  1.00 32.97  ? 105 GLY   A O   1 
ATOM   1182 N N   . VAL   A 1 97  ? 0.162   -6.568  -3.667  1.00 30.73  ? 106 VAL   A N   1 
ATOM   1183 C CA  . VAL   A 1 97  ? 1.518   -6.276  -3.171  1.00 28.88  ? 106 VAL   A CA  1 
ATOM   1184 C C   . VAL   A 1 97  ? 1.822   -4.854  -3.609  1.00 29.57  ? 106 VAL   A C   1 
ATOM   1185 O O   . VAL   A 1 97  ? 1.540   -4.521  -4.760  1.00 28.74  ? 106 VAL   A O   1 
ATOM   1186 C CB  . VAL   A 1 97  ? 2.552   -7.298  -3.670  1.00 30.76  ? 106 VAL   A CB  1 
ATOM   1187 C CG1 . VAL   A 1 97  ? 2.468   -7.520  -5.158  1.00 34.83  ? 106 VAL   A CG1 1 
ATOM   1188 C CG2 . VAL   A 1 97  ? 3.972   -6.901  -3.243  1.00 31.74  ? 106 VAL   A CG2 1 
ATOM   1189 N N   A LEU   A 1 98  ? 2.367   -4.043  -2.706  0.31 26.29  ? 107 LEU   A N   1 
ATOM   1190 N N   B LEU   A 1 98  ? 2.367   -4.043  -2.706  0.32 26.31  ? 107 LEU   A N   1 
ATOM   1191 N N   C LEU   A 1 98  ? 2.342   -4.034  -2.691  0.22 27.41  ? 107 LEU   A N   1 
ATOM   1192 N N   D LEU   A 1 98  ? 2.339   -4.032  -2.691  0.15 27.72  ? 107 LEU   A N   1 
ATOM   1193 C CA  A LEU   A 1 98  ? 2.704   -2.629  -2.989  0.31 27.45  ? 107 LEU   A CA  1 
ATOM   1194 C CA  B LEU   A 1 98  ? 2.703   -2.629  -2.990  0.32 27.45  ? 107 LEU   A CA  1 
ATOM   1195 C CA  C LEU   A 1 98  ? 2.712   -2.619  -2.953  0.22 28.07  ? 107 LEU   A CA  1 
ATOM   1196 C CA  D LEU   A 1 98  ? 2.710   -2.618  -2.955  0.15 28.13  ? 107 LEU   A CA  1 
ATOM   1197 C C   A LEU   A 1 98  ? 4.079   -2.564  -3.648  0.31 27.07  ? 107 LEU   A C   1 
ATOM   1198 C C   B LEU   A 1 98  ? 4.079   -2.563  -3.648  0.32 27.08  ? 107 LEU   A C   1 
ATOM   1199 C C   C LEU   A 1 98  ? 4.067   -2.579  -3.663  0.22 27.49  ? 107 LEU   A C   1 
ATOM   1200 C C   D LEU   A 1 98  ? 4.064   -2.581  -3.667  0.15 27.46  ? 107 LEU   A C   1 
ATOM   1201 O O   A LEU   A 1 98  ? 4.971   -3.352  -3.268  0.31 26.71  ? 107 LEU   A O   1 
ATOM   1202 O O   B LEU   A 1 98  ? 4.971   -3.353  -3.269  0.32 26.71  ? 107 LEU   A O   1 
ATOM   1203 O O   C LEU   A 1 98  ? 4.939   -3.413  -3.331  0.22 26.91  ? 107 LEU   A O   1 
ATOM   1204 O O   D LEU   A 1 98  ? 4.931   -3.429  -3.351  0.15 26.76  ? 107 LEU   A O   1 
ATOM   1205 C CB  A LEU   A 1 98  ? 2.662   -1.812  -1.700  0.31 27.19  ? 107 LEU   A CB  1 
ATOM   1206 C CB  B LEU   A 1 98  ? 2.662   -1.812  -1.700  0.32 27.21  ? 107 LEU   A CB  1 
ATOM   1207 C CB  C LEU   A 1 98  ? 2.782   -1.828  -1.644  0.22 28.43  ? 107 LEU   A CB  1 
ATOM   1208 C CB  D LEU   A 1 98  ? 2.782   -1.828  -1.644  0.15 28.62  ? 107 LEU   A CB  1 
ATOM   1209 C CG  A LEU   A 1 98  ? 1.311   -1.784  -0.990  0.31 29.47  ? 107 LEU   A CG  1 
ATOM   1210 C CG  B LEU   A 1 98  ? 1.311   -1.783  -0.988  0.32 29.48  ? 107 LEU   A CG  1 
ATOM   1211 C CG  C LEU   A 1 98  ? 1.484   -1.663  -0.856  0.22 30.17  ? 107 LEU   A CG  1 
ATOM   1212 C CG  D LEU   A 1 98  ? 1.483   -1.660  -0.857  0.15 30.10  ? 107 LEU   A CG  1 
ATOM   1213 C CD1 A LEU   A 1 98  ? 1.378   -0.859  0.210   0.31 31.69  ? 107 LEU   A CD1 1 
ATOM   1214 C CD1 B LEU   A 1 98  ? 1.379   -0.860  0.211   0.32 31.68  ? 107 LEU   A CD1 1 
ATOM   1215 C CD1 C LEU   A 1 98  ? 1.701   -0.689  0.291   0.22 31.56  ? 107 LEU   A CD1 1 
ATOM   1216 C CD1 D LEU   A 1 98  ? 1.697   -0.684  0.289   0.15 31.28  ? 107 LEU   A CD1 1 
ATOM   1217 C CD2 A LEU   A 1 98  ? 0.195   -1.359  -1.928  0.31 29.57  ? 107 LEU   A CD2 1 
ATOM   1218 C CD2 B LEU   A 1 98  ? 0.195   -1.359  -1.928  0.32 29.58  ? 107 LEU   A CD2 1 
ATOM   1219 C CD2 C LEU   A 1 98  ? 0.341   -1.193  -1.740  0.22 30.54  ? 107 LEU   A CD2 1 
ATOM   1220 C CD2 D LEU   A 1 98  ? 0.342   -1.192  -1.744  0.15 30.46  ? 107 LEU   A CD2 1 
ATOM   1221 N N   . VAL   A 1 99  ? 4.236   -1.614  -4.578  1.00 26.50  ? 108 VAL   A N   1 
ATOM   1222 C CA  . VAL   A 1 99  ? 5.528   -1.324  -5.219  1.00 25.43  ? 108 VAL   A CA  1 
ATOM   1223 C C   . VAL   A 1 99  ? 5.568   0.189   -5.388  1.00 26.10  ? 108 VAL   A C   1 
ATOM   1224 O O   . VAL   A 1 99  ? 4.555   0.854   -5.457  1.00 25.03  ? 108 VAL   A O   1 
ATOM   1225 C CB  . VAL   A 1 99  ? 5.639   -2.062  -6.577  1.00 27.54  ? 108 VAL   A CB  1 
ATOM   1226 C CG1 . VAL   A 1 99  ? 5.695   -3.575  -6.452  1.00 27.18  ? 108 VAL   A CG1 1 
ATOM   1227 C CG2 . VAL   A 1 99  ? 4.511   -1.686  -7.507  1.00 26.77  ? 108 VAL   A CG2 1 
ATOM   1228 N N   . PRO   A 1 100 ? 6.750   0.754   -5.544  1.00 24.95  ? 109 PRO   A N   1 
ATOM   1229 C CA  . PRO   A 1 100 ? 6.890   2.112   -6.023  1.00 27.02  ? 109 PRO   A CA  1 
ATOM   1230 C C   . PRO   A 1 100 ? 6.134   2.275   -7.348  1.00 28.25  ? 109 PRO   A C   1 
ATOM   1231 O O   . PRO   A 1 100 ? 6.160   1.354   -8.195  1.00 26.56  ? 109 PRO   A O   1 
ATOM   1232 C CB  . PRO   A 1 100 ? 8.383   2.237   -6.227  1.00 27.34  ? 109 PRO   A CB  1 
ATOM   1233 C CG  . PRO   A 1 100 ? 8.989   1.225   -5.312  1.00 25.88  ? 109 PRO   A CG  1 
ATOM   1234 C CD  . PRO   A 1 100 ? 8.033   0.079   -5.339  1.00 26.05  ? 109 PRO   A CD  1 
ATOM   1235 N N   . HIS   A 1 101 ? 5.540   3.445   -7.502  1.00 26.15  ? 110 HIS   A N   1 
ATOM   1236 C CA  . HIS   A 1 101 ? 4.973   3.943   -8.773  1.00 26.58  ? 110 HIS   A CA  1 
ATOM   1237 C C   . HIS   A 1 101 ? 5.882   5.043   -9.314  1.00 27.84  ? 110 HIS   A C   1 
ATOM   1238 O O   . HIS   A 1 101 ? 5.971   6.128   -8.687  1.00 26.25  ? 110 HIS   A O   1 
ATOM   1239 C CB  . HIS   A 1 101 ? 3.549   4.445   -8.533  1.00 27.69  ? 110 HIS   A CB  1 
ATOM   1240 C CG  . HIS   A 1 101 ? 2.860   4.761   -9.819  1.00 27.78  ? 110 HIS   A CG  1 
ATOM   1241 N ND1 . HIS   A 1 101 ? 1.901   5.754   -9.917  1.00 32.37  ? 110 HIS   A ND1 1 
ATOM   1242 C CD2 . HIS   A 1 101 ? 2.933   4.182   -11.035 1.00 26.25  ? 110 HIS   A CD2 1 
ATOM   1243 C CE1 . HIS   A 1 101 ? 1.436   5.781   -11.165 1.00 34.33  ? 110 HIS   A CE1 1 
ATOM   1244 N NE2 . HIS   A 1 101 ? 2.040   4.812   -11.879 1.00 26.13  ? 110 HIS   A NE2 1 
ATOM   1245 N N   . VAL   A 1 102 ? 6.447   4.815   -10.484 1.00 25.23  ? 111 VAL   A N   1 
ATOM   1246 C CA  . VAL   A 1 102 ? 7.359   5.786   -11.130 1.00 29.16  ? 111 VAL   A CA  1 
ATOM   1247 C C   . VAL   A 1 102 ? 6.825   6.137   -12.520 1.00 32.91  ? 111 VAL   A C   1 
ATOM   1248 O O   . VAL   A 1 102 ? 7.644   6.523   -13.371 1.00 39.43  ? 111 VAL   A O   1 
ATOM   1249 C CB  . VAL   A 1 102 ? 8.807   5.242   -11.152 1.00 29.55  ? 111 VAL   A CB  1 
ATOM   1250 C CG1 . VAL   A 1 102 ? 9.307   5.023   -9.738  1.00 32.23  ? 111 VAL   A CG1 1 
ATOM   1251 C CG2 . VAL   A 1 102 ? 8.971   3.972   -11.936 1.00 31.50  ? 111 VAL   A CG2 1 
ATOM   1252 N N   . GLY   A 1 103 ? 5.500   6.123   -12.705 1.00 30.17  ? 112 GLY   A N   1 
ATOM   1253 C CA  . GLY   A 1 103 ? 4.858   6.626   -13.938 1.00 31.96  ? 112 GLY   A CA  1 
ATOM   1254 C C   . GLY   A 1 103 ? 4.312   5.538   -14.823 1.00 31.47  ? 112 GLY   A C   1 
ATOM   1255 O O   . GLY   A 1 103 ? 3.794   5.866   -15.899 1.00 32.70  ? 112 GLY   A O   1 
ATOM   1256 N N   . GLU   A 1 104 ? 4.368   4.282   -14.396 1.00 28.45  ? 113 GLU   A N   1 
ATOM   1257 C CA  . GLU   A 1 104 ? 3.709   3.182   -15.126 1.00 28.80  ? 113 GLU   A CA  1 
ATOM   1258 C C   . GLU   A 1 104 ? 2.226   3.502   -15.333 1.00 29.74  ? 113 GLU   A C   1 
ATOM   1259 O O   . GLU   A 1 104 ? 1.582   4.125   -14.465 1.00 27.00  ? 113 GLU   A O   1 
ATOM   1260 C CB  . GLU   A 1 104 ? 3.856   1.850   -14.402 1.00 28.32  ? 113 GLU   A CB  1 
ATOM   1261 C CG  . GLU   A 1 104 ? 5.307   1.425   -14.250 1.00 25.76  ? 113 GLU   A CG  1 
ATOM   1262 C CD  . GLU   A 1 104 ? 5.969   1.833   -12.943 1.00 26.58  ? 113 GLU   A CD  1 
ATOM   1263 O OE1 . GLU   A 1 104 ? 5.505   2.804   -12.296 1.00 27.11  ? 113 GLU   A OE1 1 
ATOM   1264 O OE2 . GLU   A 1 104 ? 6.878   1.091   -12.536 1.00 25.45  ? 113 GLU   A OE2 1 
ATOM   1265 N N   . ILE   A 1 105 ? 1.673   3.133   -16.487 1.00 28.13  ? 114 ILE   A N   1 
ATOM   1266 C CA  . ILE   A 1 105 ? 0.215   3.312   -16.740 1.00 25.69  ? 114 ILE   A CA  1 
ATOM   1267 C C   . ILE   A 1 105 ? -0.577  2.216   -16.027 1.00 28.91  ? 114 ILE   A C   1 
ATOM   1268 O O   . ILE   A 1 105 ? -0.391  1.012   -16.266 1.00 30.95  ? 114 ILE   A O   1 
ATOM   1269 C CB  . ILE   A 1 105 ? -0.080  3.351   -18.260 1.00 30.97  ? 114 ILE   A CB  1 
ATOM   1270 C CG1 . ILE   A 1 105 ? 0.775   4.406   -18.972 1.00 33.27  ? 114 ILE   A CG1 1 
ATOM   1271 C CG2 . ILE   A 1 105 ? -1.568  3.552   -18.501 1.00 31.57  ? 114 ILE   A CG2 1 
ATOM   1272 C CD1 . ILE   A 1 105 ? 0.585   5.814   -18.472 1.00 33.00  ? 114 ILE   A CD1 1 
ATOM   1273 N N   . PRO   A 1 106 ? -1.551  2.574   -15.154 1.00 26.70  ? 115 PRO   A N   1 
ATOM   1274 C CA  . PRO   A 1 106 ? -2.347  1.576   -14.452 1.00 27.31  ? 115 PRO   A CA  1 
ATOM   1275 C C   . PRO   A 1 106 ? -3.426  0.965   -15.352 1.00 28.67  ? 115 PRO   A C   1 
ATOM   1276 O O   . PRO   A 1 106 ? -3.767  1.522   -16.395 1.00 29.32  ? 115 PRO   A O   1 
ATOM   1277 C CB  . PRO   A 1 106 ? -2.961  2.337   -13.277 1.00 30.67  ? 115 PRO   A CB  1 
ATOM   1278 C CG  . PRO   A 1 106 ? -3.070  3.733   -13.781 1.00 28.65  ? 115 PRO   A CG  1 
ATOM   1279 C CD  . PRO   A 1 106 ? -1.890  3.921   -14.690 1.00 27.82  ? 115 PRO   A CD  1 
ATOM   1280 N N   . VAL   A 1 107 ? -3.955  -0.160  -14.914 1.00 26.30  ? 116 VAL   A N   1 
ATOM   1281 C CA  . VAL   A 1 107 ? -5.108  -0.831  -15.566 1.00 29.23  ? 116 VAL   A CA  1 
ATOM   1282 C C   . VAL   A 1 107 ? -6.391  -0.536  -14.805 1.00 27.94  ? 116 VAL   A C   1 
ATOM   1283 O O   . VAL   A 1 107 ? -7.495  -0.808  -15.338 1.00 29.15  ? 116 VAL   A O   1 
ATOM   1284 C CB  . VAL   A 1 107 ? -4.850  -2.342  -15.668 1.00 31.67  ? 116 VAL   A CB  1 
ATOM   1285 C CG1 . VAL   A 1 107 ? -3.665  -2.609  -16.566 1.00 34.13  ? 116 VAL   A CG1 1 
ATOM   1286 C CG2 . VAL   A 1 107 ? -4.690  -2.974  -14.322 1.00 30.64  ? 116 VAL   A CG2 1 
ATOM   1287 N N   . ALA   A 1 108 ? -6.273  -0.029  -13.576 1.00 31.16  ? 117 ALA   A N   1 
ATOM   1288 C CA  . ALA   A 1 108 ? -7.422  0.214   -12.688 1.00 30.80  ? 117 ALA   A CA  1 
ATOM   1289 C C   . ALA   A 1 108 ? -6.923  0.925   -11.435 1.00 31.81  ? 117 ALA   A C   1 
ATOM   1290 O O   . ALA   A 1 108 ? -5.718  1.108   -11.284 1.00 27.59  ? 117 ALA   A O   1 
ATOM   1291 C CB  . ALA   A 1 108 ? -8.080  -1.067  -12.298 1.00 34.25  ? 117 ALA   A CB  1 
ATOM   1292 N N   . TYR   A 1 109 ? -7.880  1.293   -10.593 1.00 32.42  ? 118 TYR   A N   1 
ATOM   1293 C CA  . TYR   A 1 109 ? -7.636  1.902   -9.262  1.00 32.95  ? 118 TYR   A CA  1 
ATOM   1294 C C   . TYR   A 1 109 ? -8.315  1.062   -8.207  1.00 37.96  ? 118 TYR   A C   1 
ATOM   1295 O O   . TYR   A 1 109 ? -9.379  0.473   -8.469  1.00 40.74  ? 118 TYR   A O   1 
ATOM   1296 C CB  . TYR   A 1 109 ? -8.099  3.354   -9.291  1.00 32.34  ? 118 TYR   A CB  1 
ATOM   1297 C CG  . TYR   A 1 109 ? -7.204  4.244   -10.097 1.00 31.61  ? 118 TYR   A CG  1 
ATOM   1298 C CD1 . TYR   A 1 109 ? -6.035  4.775   -9.568  1.00 31.23  ? 118 TYR   A CD1 1 
ATOM   1299 C CD2 . TYR   A 1 109 ? -7.452  4.491   -11.425 1.00 32.20  ? 118 TYR   A CD2 1 
ATOM   1300 C CE1 . TYR   A 1 109 ? -5.163  5.541   -10.314 1.00 31.44  ? 118 TYR   A CE1 1 
ATOM   1301 C CE2 . TYR   A 1 109 ? -6.597  5.271   -12.172 1.00 32.44  ? 118 TYR   A CE2 1 
ATOM   1302 C CZ  . TYR   A 1 109 ? -5.473  5.816   -11.629 1.00 30.89  ? 118 TYR   A CZ  1 
ATOM   1303 O OH  . TYR   A 1 109 ? -4.639  6.581   -12.388 1.00 35.70  ? 118 TYR   A OH  1 
ATOM   1304 N N   . ARG   A 1 110 ? -7.659  0.937   -7.062  1.00 36.03  ? 119 ARG   A N   1 
ATOM   1305 C CA  . ARG   A 1 110 ? -8.196  0.234   -5.876  1.00 38.87  ? 119 ARG   A CA  1 
ATOM   1306 C C   . ARG   A 1 110 ? -8.334  1.273   -4.770  1.00 39.17  ? 119 ARG   A C   1 
ATOM   1307 O O   . ARG   A 1 110 ? -7.314  1.805   -4.347  1.00 32.84  ? 119 ARG   A O   1 
ATOM   1308 C CB  . ARG   A 1 110 ? -7.260  -0.912  -5.496  1.00 41.76  ? 119 ARG   A CB  1 
ATOM   1309 C CG  . ARG   A 1 110 ? -7.870  -1.975  -4.598  1.00 48.46  ? 119 ARG   A CG  1 
ATOM   1310 C CD  . ARG   A 1 110 ? -8.902  -2.784  -5.344  1.00 51.14  ? 119 ARG   A CD  1 
ATOM   1311 N NE  . ARG   A 1 110 ? -9.905  -3.171  -4.380  1.00 56.79  ? 119 ARG   A NE  1 
ATOM   1312 C CZ  . ARG   A 1 110 ? -10.055 -4.386  -3.876  1.00 60.58  ? 119 ARG   A CZ  1 
ATOM   1313 N NH1 . ARG   A 1 110 ? -9.283  -5.385  -4.264  1.00 60.08  ? 119 ARG   A NH1 1 
ATOM   1314 N NH2 . ARG   A 1 110 ? -10.994 -4.590  -2.971  1.00 66.39  ? 119 ARG   A NH2 1 
ATOM   1315 N N   . LYS   A 1 111 ? -9.570  1.524   -4.337  1.00 42.61  ? 120 LYS   A N   1 
ATOM   1316 C CA  . LYS   A 1 111 ? -9.905  2.485   -3.256  1.00 41.84  ? 120 LYS   A CA  1 
ATOM   1317 C C   . LYS   A 1 111 ? -9.732  1.748   -1.942  1.00 35.42  ? 120 LYS   A C   1 
ATOM   1318 O O   . LYS   A 1 111 ? -10.368 0.699   -1.729  1.00 38.64  ? 120 LYS   A O   1 
ATOM   1319 C CB  . LYS   A 1 111 ? -11.336 3.011   -3.413  1.00 40.23  ? 120 LYS   A CB  1 
ATOM   1320 C CG  . LYS   A 1 111 ? -11.572 3.778   -4.698  1.00 48.54  ? 120 LYS   A CG  1 
ATOM   1321 C CD  . LYS   A 1 111 ? -12.938 4.421   -4.796  1.00 52.50  ? 120 LYS   A CD  1 
ATOM   1322 C CE  . LYS   A 1 111 ? -14.036 3.408   -5.019  1.00 64.07  ? 120 LYS   A CE  1 
ATOM   1323 N NZ  . LYS   A 1 111 ? -15.372 4.000   -4.759  1.00 69.69  ? 120 LYS   A NZ  1 
ATOM   1324 N N   A VAL   A 1 112 ? -8.871  2.299   -1.090  0.32 32.42  ? 121 VAL   A N   1 
ATOM   1325 N N   B VAL   A 1 112 ? -8.871  2.299   -1.089  0.32 32.45  ? 121 VAL   A N   1 
ATOM   1326 N N   C VAL   A 1 112 ? -8.892  2.261   -1.040  0.21 36.15  ? 121 VAL   A N   1 
ATOM   1327 N N   D VAL   A 1 112 ? -8.891  2.261   -1.040  0.15 36.58  ? 121 VAL   A N   1 
ATOM   1328 C CA  A VAL   A 1 112 ? -8.539  1.720   0.241   0.32 33.81  ? 121 VAL   A CA  1 
ATOM   1329 C CA  B VAL   A 1 112 ? -8.538  1.719   0.242   0.32 33.82  ? 121 VAL   A CA  1 
ATOM   1330 C CA  C VAL   A 1 112 ? -8.703  1.638   0.305   0.21 38.04  ? 121 VAL   A CA  1 
ATOM   1331 C CA  D VAL   A 1 112 ? -8.700  1.637   0.306   0.15 38.16  ? 121 VAL   A CA  1 
ATOM   1332 C C   A VAL   A 1 112 ? -8.560  2.842   1.280   0.32 34.01  ? 121 VAL   A C   1 
ATOM   1333 C C   B VAL   A 1 112 ? -8.560  2.842   1.280   0.32 34.01  ? 121 VAL   A C   1 
ATOM   1334 C C   C VAL   A 1 112 ? -8.696  2.724   1.383   0.21 38.89  ? 121 VAL   A C   1 
ATOM   1335 C C   D VAL   A 1 112 ? -8.693  2.720   1.385   0.15 39.07  ? 121 VAL   A C   1 
ATOM   1336 O O   A VAL   A 1 112 ? -8.268  4.008   0.932   0.32 32.57  ? 121 VAL   A O   1 
ATOM   1337 O O   B VAL   A 1 112 ? -8.267  4.007   0.932   0.32 32.56  ? 121 VAL   A O   1 
ATOM   1338 O O   C VAL   A 1 112 ? -8.547  3.916   1.041   0.21 36.70  ? 121 VAL   A O   1 
ATOM   1339 O O   D VAL   A 1 112 ? -8.546  3.912   1.046   0.15 37.03  ? 121 VAL   A O   1 
ATOM   1340 C CB  A VAL   A 1 112 ? -7.179  0.999   0.210   0.32 33.30  ? 121 VAL   A CB  1 
ATOM   1341 C CB  B VAL   A 1 112 ? -7.178  0.998   0.210   0.32 33.30  ? 121 VAL   A CB  1 
ATOM   1342 C CB  C VAL   A 1 112 ? -7.420  0.789   0.384   0.21 38.02  ? 121 VAL   A CB  1 
ATOM   1343 C CB  D VAL   A 1 112 ? -7.417  0.787   0.383   0.15 38.16  ? 121 VAL   A CB  1 
ATOM   1344 C CG1 A VAL   A 1 112 ? -7.117  -0.028  -0.908  0.32 34.10  ? 121 VAL   A CG1 1 
ATOM   1345 C CG1 B VAL   A 1 112 ? -7.116  -0.028  -0.908  0.32 34.10  ? 121 VAL   A CG1 1 
ATOM   1346 C CG1 C VAL   A 1 112 ? -7.357  -0.258  -0.716  0.21 39.11  ? 121 VAL   A CG1 1 
ATOM   1347 C CG1 D VAL   A 1 112 ? -7.356  -0.260  -0.719  0.15 38.98  ? 121 VAL   A CG1 1 
ATOM   1348 C CG2 A VAL   A 1 112 ? -6.017  1.980   0.102   0.32 32.67  ? 121 VAL   A CG2 1 
ATOM   1349 C CG2 B VAL   A 1 112 ? -6.016  1.979   0.102   0.32 32.68  ? 121 VAL   A CG2 1 
ATOM   1350 C CG2 C VAL   A 1 112 ? -6.164  1.652   0.379   0.21 38.87  ? 121 VAL   A CG2 1 
ATOM   1351 C CG2 D VAL   A 1 112 ? -6.161  1.648   0.378   0.15 38.78  ? 121 VAL   A CG2 1 
ATOM   1352 N N   A LEU   A 1 113 ? -8.914  2.472   2.506   0.32 35.46  ? 122 LEU   A N   1 
ATOM   1353 N N   B LEU   A 1 113 ? -8.914  2.472   2.506   0.32 35.46  ? 122 LEU   A N   1 
ATOM   1354 N N   C LEU   A 1 113 ? -8.849  2.285   2.634   0.21 41.59  ? 122 LEU   A N   1 
ATOM   1355 N N   D LEU   A 1 113 ? -8.847  2.280   2.636   0.15 41.70  ? 122 LEU   A N   1 
ATOM   1356 C CA  A LEU   A 1 113 ? -8.785  3.298   3.727   0.32 35.90  ? 122 LEU   A CA  1 
ATOM   1357 C CA  B LEU   A 1 113 ? -8.786  3.297   3.727   0.32 35.92  ? 122 LEU   A CA  1 
ATOM   1358 C CA  C LEU   A 1 113 ? -8.695  3.088   3.873   0.21 43.51  ? 122 LEU   A CA  1 
ATOM   1359 C CA  D LEU   A 1 113 ? -8.693  3.084   3.875   0.15 43.76  ? 122 LEU   A CA  1 
ATOM   1360 C C   A LEU   A 1 113 ? -7.627  2.688   4.511   0.32 36.57  ? 122 LEU   A C   1 
ATOM   1361 C C   B LEU   A 1 113 ? -7.627  2.688   4.511   0.32 36.56  ? 122 LEU   A C   1 
ATOM   1362 C C   C LEU   A 1 113 ? -7.607  2.412   4.713   0.21 45.71  ? 122 LEU   A C   1 
ATOM   1363 C C   D LEU   A 1 113 ? -7.604  2.411   4.716   0.15 45.74  ? 122 LEU   A C   1 
ATOM   1364 O O   A LEU   A 1 113 ? -7.796  1.562   5.028   0.32 32.85  ? 122 LEU   A O   1 
ATOM   1365 O O   B LEU   A 1 113 ? -7.797  1.562   5.029   0.32 32.85  ? 122 LEU   A O   1 
ATOM   1366 O O   C LEU   A 1 113 ? -7.832  1.272   5.152   0.21 42.51  ? 122 LEU   A O   1 
ATOM   1367 O O   D LEU   A 1 113 ? -7.829  1.271   5.157   0.15 42.97  ? 122 LEU   A O   1 
ATOM   1368 C CB  A LEU   A 1 113 ? -10.128 3.231   4.470   0.32 40.58  ? 122 LEU   A CB  1 
ATOM   1369 C CB  B LEU   A 1 113 ? -10.128 3.231   4.470   0.32 40.56  ? 122 LEU   A CB  1 
ATOM   1370 C CB  C LEU   A 1 113 ? -10.047 3.116   4.599   0.21 46.36  ? 122 LEU   A CB  1 
ATOM   1371 C CB  D LEU   A 1 113 ? -10.046 3.113   4.598   0.15 46.14  ? 122 LEU   A CB  1 
ATOM   1372 C CG  A LEU   A 1 113 ? -10.398 4.276   5.554   0.32 42.56  ? 122 LEU   A CG  1 
ATOM   1373 C CG  B LEU   A 1 113 ? -10.398 4.276   5.555   0.32 42.54  ? 122 LEU   A CG  1 
ATOM   1374 C CG  C LEU   A 1 113 ? -10.299 4.272   5.570   0.21 47.29  ? 122 LEU   A CG  1 
ATOM   1375 C CG  D LEU   A 1 113 ? -10.297 4.269   5.570   0.15 47.07  ? 122 LEU   A CG  1 
ATOM   1376 C CD1 A LEU   A 1 113 ? -9.998  5.680   5.121   0.32 43.40  ? 122 LEU   A CD1 1 
ATOM   1377 C CD1 B LEU   A 1 113 ? -9.998  5.679   5.121   0.32 43.37  ? 122 LEU   A CD1 1 
ATOM   1378 C CD1 C LEU   A 1 113 ? -9.500  5.515   5.210   0.21 48.36  ? 122 LEU   A CD1 1 
ATOM   1379 C CD1 D LEU   A 1 113 ? -9.498  5.513   5.207   0.15 47.97  ? 122 LEU   A CD1 1 
ATOM   1380 C CD2 A LEU   A 1 113 ? -11.874 4.250   5.941   0.32 44.94  ? 122 LEU   A CD2 1 
ATOM   1381 C CD2 B LEU   A 1 113 ? -11.874 4.251   5.941   0.32 44.89  ? 122 LEU   A CD2 1 
ATOM   1382 C CD2 C LEU   A 1 113 ? -11.785 4.602   5.627   0.21 48.48  ? 122 LEU   A CD2 1 
ATOM   1383 C CD2 D LEU   A 1 113 ? -11.783 4.600   5.627   0.15 48.06  ? 122 LEU   A CD2 1 
ATOM   1384 N N   A LEU   A 1 114 ? -6.464  3.338   4.493   0.32 33.91  ? 123 LEU   A N   1 
ATOM   1385 N N   B LEU   A 1 114 ? -6.464  3.338   4.493   0.32 33.94  ? 123 LEU   A N   1 
ATOM   1386 N N   C LEU   A 1 114 ? -6.457  3.063   4.889   0.21 46.80  ? 123 LEU   A N   1 
ATOM   1387 N N   D LEU   A 1 114 ? -6.454  3.063   4.893   0.15 47.31  ? 123 LEU   A N   1 
ATOM   1388 C CA  A LEU   A 1 114 ? -5.215  2.761   5.049   0.32 37.11  ? 123 LEU   A CA  1 
ATOM   1389 C CA  B LEU   A 1 114 ? -5.214  2.761   5.049   0.32 37.13  ? 123 LEU   A CA  1 
ATOM   1390 C CA  C LEU   A 1 114 ? -5.262  2.431   5.508   0.21 51.13  ? 123 LEU   A CA  1 
ATOM   1391 C CA  D LEU   A 1 114 ? -5.257  2.432   5.510   0.15 51.26  ? 123 LEU   A CA  1 
ATOM   1392 C C   A LEU   A 1 114 ? -5.111  3.132   6.529   0.32 38.26  ? 123 LEU   A C   1 
ATOM   1393 C C   B LEU   A 1 114 ? -5.111  3.132   6.529   0.32 38.29  ? 123 LEU   A C   1 
ATOM   1394 C C   C LEU   A 1 114 ? -5.050  2.969   6.928   0.21 53.07  ? 123 LEU   A C   1 
ATOM   1395 C C   D LEU   A 1 114 ? -5.046  2.970   6.930   0.15 53.42  ? 123 LEU   A C   1 
ATOM   1396 O O   A LEU   A 1 114 ? -5.029  4.333   6.829   0.32 38.24  ? 123 LEU   A O   1 
ATOM   1397 O O   B LEU   A 1 114 ? -5.029  4.333   6.829   0.32 38.24  ? 123 LEU   A O   1 
ATOM   1398 O O   C LEU   A 1 114 ? -4.829  4.189   7.060   0.21 51.19  ? 123 LEU   A O   1 
ATOM   1399 O O   D LEU   A 1 114 ? -4.827  4.189   7.063   0.15 51.72  ? 123 LEU   A O   1 
ATOM   1400 C CB  A LEU   A 1 114 ? -4.003  3.281   4.270   0.32 37.95  ? 123 LEU   A CB  1 
ATOM   1401 C CB  B LEU   A 1 114 ? -4.003  3.281   4.270   0.32 37.95  ? 123 LEU   A CB  1 
ATOM   1402 C CB  C LEU   A 1 114 ? -4.045  2.708   4.619   0.21 51.77  ? 123 LEU   A CB  1 
ATOM   1403 C CB  D LEU   A 1 114 ? -4.042  2.709   4.620   0.15 51.84  ? 123 LEU   A CB  1 
ATOM   1404 C CG  A LEU   A 1 114 ? -2.635  3.013   4.904   0.32 39.96  ? 123 LEU   A CG  1 
ATOM   1405 C CG  B LEU   A 1 114 ? -2.635  3.013   4.904   0.32 39.94  ? 123 LEU   A CG  1 
ATOM   1406 C CG  C LEU   A 1 114 ? -2.725  2.116   5.113   0.21 53.02  ? 123 LEU   A CG  1 
ATOM   1407 C CG  D LEU   A 1 114 ? -2.722  2.116   5.113   0.15 52.86  ? 123 LEU   A CG  1 
ATOM   1408 C CD1 A LEU   A 1 114 ? -2.308  1.525   4.905   0.32 39.51  ? 123 LEU   A CD1 1 
ATOM   1409 C CD1 B LEU   A 1 114 ? -2.309  1.524   4.905   0.32 39.51  ? 123 LEU   A CD1 1 
ATOM   1410 C CD1 C LEU   A 1 114 ? -2.761  0.597   5.073   0.21 52.99  ? 123 LEU   A CD1 1 
ATOM   1411 C CD1 D LEU   A 1 114 ? -2.758  0.597   5.071   0.15 52.88  ? 123 LEU   A CD1 1 
ATOM   1412 C CD2 A LEU   A 1 114 ? -1.547  3.804   4.190   0.32 40.29  ? 123 LEU   A CD2 1 
ATOM   1413 C CD2 B LEU   A 1 114 ? -1.547  3.804   4.190   0.32 40.27  ? 123 LEU   A CD2 1 
ATOM   1414 C CD2 C LEU   A 1 114 ? -1.559  2.637   4.293   0.21 54.24  ? 123 LEU   A CD2 1 
ATOM   1415 C CD2 D LEU   A 1 114 ? -1.557  2.639   4.292   0.15 53.85  ? 123 LEU   A CD2 1 
ATOM   1416 N N   A ARG   A 1 115 ? -5.080  2.132   7.411   0.32 41.58  ? 124 ARG   A N   1 
ATOM   1417 N N   B ARG   A 1 115 ? -5.080  2.132   7.411   0.32 41.63  ? 124 ARG   A N   1 
ATOM   1418 N N   C ARG   A 1 115 ? -5.088  2.087   7.937   0.21 57.54  ? 124 ARG   A N   1 
ATOM   1419 N N   D ARG   A 1 115 ? -5.089  2.088   7.940   0.15 58.02  ? 124 ARG   A N   1 
ATOM   1420 C CA  A ARG   A 1 115 ? -4.687  2.321   8.831   0.32 48.77  ? 124 ARG   A CA  1 
ATOM   1421 C CA  B ARG   A 1 115 ? -4.687  2.321   8.831   0.32 48.81  ? 124 ARG   A CA  1 
ATOM   1422 C CA  C ARG   A 1 115 ? -4.744  2.421   9.349   0.21 63.88  ? 124 ARG   A CA  1 
ATOM   1423 C CA  D ARG   A 1 115 ? -4.745  2.420   9.352   0.15 63.93  ? 124 ARG   A CA  1 
ATOM   1424 C C   A ARG   A 1 115 ? -3.239  2.829   8.848   0.32 53.99  ? 124 ARG   A C   1 
ATOM   1425 C C   B ARG   A 1 115 ? -3.239  2.829   8.849   0.32 54.00  ? 124 ARG   A C   1 
ATOM   1426 C C   C ARG   A 1 115 ? -3.287  2.896   9.392   0.21 66.28  ? 124 ARG   A C   1 
ATOM   1427 C C   D ARG   A 1 115 ? -3.287  2.896   9.393   0.15 66.24  ? 124 ARG   A C   1 
ATOM   1428 O O   A ARG   A 1 115 ? -2.337  2.072   8.412   0.32 55.98  ? 124 ARG   A O   1 
ATOM   1429 O O   B ARG   A 1 115 ? -2.337  2.073   8.413   0.32 55.98  ? 124 ARG   A O   1 
ATOM   1430 O O   C ARG   A 1 115 ? -2.412  2.167   8.875   0.21 68.18  ? 124 ARG   A O   1 
ATOM   1431 O O   D ARG   A 1 115 ? -2.414  2.168   8.874   0.15 67.88  ? 124 ARG   A O   1 
ATOM   1432 C CB  A ARG   A 1 115 ? -4.876  1.023   9.622   0.32 53.35  ? 124 ARG   A CB  1 
ATOM   1433 C CB  B ARG   A 1 115 ? -4.876  1.023   9.622   0.32 53.37  ? 124 ARG   A CB  1 
ATOM   1434 C CB  C ARG   A 1 115 ? -4.953  1.237   10.307  0.21 66.50  ? 124 ARG   A CB  1 
ATOM   1435 C CB  D ARG   A 1 115 ? -4.953  1.237   10.307  0.15 66.57  ? 124 ARG   A CB  1 
ATOM   1436 C CG  A ARG   A 1 115 ? -4.726  1.182   11.129  0.32 58.70  ? 124 ARG   A CG  1 
ATOM   1437 C CG  B ARG   A 1 115 ? -4.726  1.182   11.129  0.32 58.70  ? 124 ARG   A CG  1 
ATOM   1438 C CG  C ARG   A 1 115 ? -4.285  1.436   11.665  0.21 70.43  ? 124 ARG   A CG  1 
ATOM   1439 C CG  D ARG   A 1 115 ? -4.287  1.435   11.666  0.15 70.17  ? 124 ARG   A CG  1 
ATOM   1440 C CD  A ARG   A 1 115 ? -5.055  -0.112  11.851  0.32 65.80  ? 124 ARG   A CD  1 
ATOM   1441 C CD  B ARG   A 1 115 ? -5.055  -0.111  11.851  0.32 65.77  ? 124 ARG   A CD  1 
ATOM   1442 C CD  C ARG   A 1 115 ? -4.684  0.502   12.802  0.21 73.36  ? 124 ARG   A CD  1 
ATOM   1443 C CD  D ARG   A 1 115 ? -4.687  0.502   12.803  0.15 73.05  ? 124 ARG   A CD  1 
ATOM   1444 N NE  A ARG   A 1 115 ? -6.457  -0.475  11.660  0.32 72.66  ? 124 ARG   A NE  1 
ATOM   1445 N NE  B ARG   A 1 115 ? -6.457  -0.475  11.660  0.32 72.59  ? 124 ARG   A NE  1 
ATOM   1446 N NE  C ARG   A 1 115 ? -6.074  0.061   12.790  0.21 77.21  ? 124 ARG   A NE  1 
ATOM   1447 N NE  D ARG   A 1 115 ? -6.077  0.060   12.790  0.15 76.51  ? 124 ARG   A NE  1 
ATOM   1448 C CZ  A ARG   A 1 115 ? -7.001  -1.654  11.958  0.32 76.03  ? 124 ARG   A CZ  1 
ATOM   1449 C CZ  B ARG   A 1 115 ? -7.001  -1.654  11.958  0.32 75.95  ? 124 ARG   A CZ  1 
ATOM   1450 C CZ  C ARG   A 1 115 ? -6.513  -1.102  12.300  0.21 80.28  ? 124 ARG   A CZ  1 
ATOM   1451 C CZ  D ARG   A 1 115 ? -6.514  -1.103  12.303  0.15 79.29  ? 124 ARG   A CZ  1 
ATOM   1452 N NH1 A ARG   A 1 115 ? -6.264  -2.631  12.468  0.32 75.21  ? 124 ARG   A NH1 1 
ATOM   1453 N NH1 B ARG   A 1 115 ? -6.264  -2.631  12.468  0.32 75.16  ? 124 ARG   A NH1 1 
ATOM   1454 N NH1 C ARG   A 1 115 ? -5.673  -1.971  11.761  0.21 79.40  ? 124 ARG   A NH1 1 
ATOM   1455 N NH1 D ARG   A 1 115 ? -5.674  -1.974  11.764  0.15 78.82  ? 124 ARG   A NH1 1 
ATOM   1456 N NH2 A ARG   A 1 115 ? -8.293  -1.848  11.743  0.32 73.17  ? 124 ARG   A NH2 1 
ATOM   1457 N NH2 B ARG   A 1 115 ? -8.293  -1.848  11.743  0.32 73.15  ? 124 ARG   A NH2 1 
ATOM   1458 N NH2 C ARG   A 1 115 ? -7.804  -1.392  12.350  0.21 79.57  ? 124 ARG   A NH2 1 
ATOM   1459 N NH2 D ARG   A 1 115 ? -7.805  -1.393  12.353  0.15 78.98  ? 124 ARG   A NH2 1 
ATOM   1460 N N   A LYS   A 1 116 ? -3.050  4.078   9.292   0.32 61.06  ? 125 LYS   A N   1 
ATOM   1461 N N   B LYS   A 1 116 ? -3.050  4.078   9.292   0.32 61.03  ? 125 LYS   A N   1 
ATOM   1462 N N   C LYS   A 1 116 ? -3.052  4.071   9.989   0.21 69.24  ? 125 LYS   A N   1 
ATOM   1463 N N   D LYS   A 1 116 ? -3.052  4.071   9.990   0.15 69.02  ? 125 LYS   A N   1 
ATOM   1464 C CA  A LYS   A 1 116 ? -1.774  4.836   9.274   0.32 64.42  ? 125 LYS   A CA  1 
ATOM   1465 C CA  B LYS   A 1 116 ? -1.774  4.836   9.275   0.32 64.39  ? 125 LYS   A CA  1 
ATOM   1466 C CA  C LYS   A 1 116 ? -1.736  4.750   10.078  0.21 72.04  ? 125 LYS   A CA  1 
ATOM   1467 C CA  D LYS   A 1 116 ? -1.736  4.749   10.079  0.15 71.46  ? 125 LYS   A CA  1 
ATOM   1468 C C   A LYS   A 1 116 ? -1.330  5.132   10.714  0.32 70.54  ? 125 LYS   A C   1 
ATOM   1469 C C   B LYS   A 1 116 ? -1.330  5.132   10.714  0.32 70.47  ? 125 LYS   A C   1 
ATOM   1470 C C   C LYS   A 1 116 ? -1.277  4.797   11.542  0.21 73.50  ? 125 LYS   A C   1 
ATOM   1471 C C   D LYS   A 1 116 ? -1.276  4.798   11.542  0.15 72.94  ? 125 LYS   A C   1 
ATOM   1472 O O   A LYS   A 1 116 ? -2.079  4.976   11.689  0.32 71.22  ? 125 LYS   A O   1 
ATOM   1473 O O   B LYS   A 1 116 ? -2.079  4.974   11.689  0.32 71.18  ? 125 LYS   A O   1 
ATOM   1474 O O   C LYS   A 1 116 ? -0.742  3.822   12.094  0.21 74.45  ? 125 LYS   A O   1 
ATOM   1475 O O   D LYS   A 1 116 ? -0.744  3.816   12.090  0.15 74.01  ? 125 LYS   A O   1 
ATOM   1476 C CB  A LYS   A 1 116 ? -1.949  6.107   8.474   0.32 63.56  ? 125 LYS   A CB  1 
ATOM   1477 C CB  B LYS   A 1 116 ? -1.950  6.106   8.475   0.32 63.55  ? 125 LYS   A CB  1 
ATOM   1478 C CB  C LYS   A 1 116 ? -1.828  6.134   9.479   0.21 70.32  ? 125 LYS   A CB  1 
ATOM   1479 C CB  D LYS   A 1 116 ? -1.828  6.133   9.480   0.15 70.27  ? 125 LYS   A CB  1 
HETATM 1480 C C01 C A1CRB B 2 .   ? 1.606   9.611   8.484   0.22 46.95  ? 201 A1CRB A C01 1 
HETATM 1481 C C01 D A1CRB B 2 .   ? 1.601   9.606   8.483   0.15 47.13  ? 201 A1CRB A C01 1 
HETATM 1482 N N02 C A1CRB B 2 .   ? 0.711   9.591   7.309   0.22 48.19  ? 201 A1CRB A N02 1 
HETATM 1483 N N02 D A1CRB B 2 .   ? 0.704   9.589   7.307   0.15 48.02  ? 201 A1CRB A N02 1 
HETATM 1484 C C03 C A1CRB B 2 .   ? 0.011   10.714  6.802   0.22 46.46  ? 201 A1CRB A C03 1 
HETATM 1485 C C03 D A1CRB B 2 .   ? 0.005   10.706  6.808   0.15 46.70  ? 201 A1CRB A C03 1 
HETATM 1486 C C04 C A1CRB B 2 .   ? -0.733  10.272  5.681   0.22 45.76  ? 201 A1CRB A C04 1 
HETATM 1487 C C04 D A1CRB B 2 .   ? -0.737  10.266  5.688   0.15 46.15  ? 201 A1CRB A C04 1 
HETATM 1488 N N05 C A1CRB B 2 .   ? -0.505  8.903   5.493   0.22 46.22  ? 201 A1CRB A N05 1 
HETATM 1489 N N05 D A1CRB B 2 .   ? -0.507  8.902   5.495   0.15 46.53  ? 201 A1CRB A N05 1 
HETATM 1490 C C06 C A1CRB B 2 .   ? 0.381   8.462   6.490   0.22 45.72  ? 201 A1CRB A C06 1 
HETATM 1491 C C06 D A1CRB B 2 .   ? 0.374   8.464   6.486   0.15 46.14  ? 201 A1CRB A C06 1 
HETATM 1492 C C07 C A1CRB B 2 .   ? 0.896   7.020   6.660   0.22 46.48  ? 201 A1CRB A C07 1 
HETATM 1493 C C07 D A1CRB B 2 .   ? 0.898   7.036   6.653   0.15 46.73  ? 201 A1CRB A C07 1 
HETATM 1494 O O08 C A1CRB B 2 .   ? 1.741   6.582   7.436   0.22 41.41  ? 201 A1CRB A O08 1 
HETATM 1495 O O08 D A1CRB B 2 .   ? 1.759   6.623   7.419   0.15 42.96  ? 201 A1CRB A O08 1 
HETATM 1496 C C09 C A1CRB B 2 .   ? 0.336   5.903   5.762   0.22 45.68  ? 201 A1CRB A C09 1 
HETATM 1497 C C09 D A1CRB B 2 .   ? 0.336   5.902   5.760   0.15 46.28  ? 201 A1CRB A C09 1 
HETATM 1498 F F10 C A1CRB B 2 .   ? 1.256   5.384   4.909   0.22 43.85  ? 201 A1CRB A F10 1 
HETATM 1499 F F10 D A1CRB B 2 .   ? 1.251   5.376   4.906   0.15 44.90  ? 201 A1CRB A F10 1 
HETATM 1500 F F11 C A1CRB B 2 .   ? -0.095  4.841   6.478   0.22 55.13  ? 201 A1CRB A F11 1 
HETATM 1501 F F11 D A1CRB B 2 .   ? -0.099  4.844   6.483   0.15 53.83  ? 201 A1CRB A F11 1 
HETATM 1502 F F12 C A1CRB B 2 .   ? -0.698  6.315   5.006   0.22 43.98  ? 201 A1CRB A F12 1 
HETATM 1503 F F12 D A1CRB B 2 .   ? -0.692  6.311   4.993   0.15 44.90  ? 201 A1CRB A F12 1 
HETATM 1504 O O   . HOH   C 3 .   ? -2.683  7.394   -11.361 0.50 41.24  ? 301 HOH   A O   1 
HETATM 1505 O O   . HOH   C 3 .   ? 5.530   -16.154 -0.487  1.00 60.97  ? 302 HOH   A O   1 
HETATM 1506 O O   . HOH   C 3 .   ? -4.149  7.569   -7.256  1.00 62.82  ? 303 HOH   A O   1 
HETATM 1507 O O   . HOH   C 3 .   ? 8.922   -9.739  -15.004 1.00 50.34  ? 304 HOH   A O   1 
HETATM 1508 O O   . HOH   C 3 .   ? 8.198   11.089  7.153   1.00 58.90  ? 305 HOH   A O   1 
HETATM 1509 O O   . HOH   C 3 .   ? 0.014   -8.289  -13.029 1.00 40.18  ? 306 HOH   A O   1 
HETATM 1510 O O   . HOH   C 3 .   ? -13.740 -7.979  8.560   0.50 81.81  ? 307 HOH   A O   1 
HETATM 1511 O O   A HOH   C 3 .   ? 0.706   2.676   8.120   0.32 50.78  ? 308 HOH   A O   1 
HETATM 1512 O O   B HOH   C 3 .   ? 0.706   2.673   8.116   0.32 50.80  ? 308 HOH   A O   1 
HETATM 1513 O O   . HOH   C 3 .   ? 11.646  -13.371 7.771   1.00 44.87  ? 309 HOH   A O   1 
HETATM 1514 O O   . HOH   C 3 .   ? 2.591   -14.864 0.615   1.00 51.10  ? 310 HOH   A O   1 
HETATM 1515 O O   . HOH   C 3 .   ? 10.503  -12.883 -5.341  1.00 40.49  ? 311 HOH   A O   1 
HETATM 1516 O O   . HOH   C 3 .   ? -1.383  -9.002  -11.353 1.00 49.47  ? 312 HOH   A O   1 
HETATM 1517 O O   . HOH   C 3 .   ? -7.046  -5.472  -5.578  1.00 45.60  ? 313 HOH   A O   1 
HETATM 1518 O O   . HOH   C 3 .   ? 13.659  -3.990  -3.718  1.00 42.37  ? 314 HOH   A O   1 
HETATM 1519 O O   . HOH   C 3 .   ? 0.293   -13.165 8.647   1.00 42.45  ? 315 HOH   A O   1 
HETATM 1520 O O   . HOH   C 3 .   ? 12.442  -14.585 -8.067  1.00 47.55  ? 316 HOH   A O   1 
HETATM 1521 O O   . HOH   C 3 .   ? 8.086   0.931   -10.189 1.00 26.24  ? 317 HOH   A O   1 
HETATM 1522 O O   . HOH   C 3 .   ? 4.616   13.043  -5.311  1.00 55.09  ? 318 HOH   A O   1 
HETATM 1523 O O   . HOH   C 3 .   ? -10.378 6.020   -8.013  1.00 55.24  ? 319 HOH   A O   1 
HETATM 1524 O O   . HOH   C 3 .   ? 9.225   0.303   9.616   1.00 41.56  ? 320 HOH   A O   1 
HETATM 1525 O O   . HOH   C 3 .   ? -11.830 -1.099  -3.044  1.00 51.71  ? 321 HOH   A O   1 
HETATM 1526 O O   . HOH   C 3 .   ? 6.569   -5.129  -2.075  1.00 27.34  ? 322 HOH   A O   1 
HETATM 1527 O O   . HOH   C 3 .   ? 0.464   6.966   -7.704  1.00 45.24  ? 323 HOH   A O   1 
HETATM 1528 O O   . HOH   C 3 .   ? -17.635 8.755   7.006   1.00 56.24  ? 324 HOH   A O   1 
HETATM 1529 O O   A HOH   C 3 .   ? -1.119  6.874   -2.080  0.32 33.07  ? 325 HOH   A O   1 
HETATM 1530 O O   B HOH   C 3 .   ? -1.114  6.870   -2.077  0.32 32.98  ? 325 HOH   A O   1 
HETATM 1531 O O   C HOH   C 3 .   ? -0.903  6.941   -2.253  0.21 30.28  ? 325 HOH   A O   1 
HETATM 1532 O O   D HOH   C 3 .   ? -0.979  6.857   -2.346  0.15 31.03  ? 325 HOH   A O   1 
HETATM 1533 O O   . HOH   C 3 .   ? 15.113  2.468   0.130   1.00 44.73  ? 326 HOH   A O   1 
HETATM 1534 O O   . HOH   C 3 .   ? -0.482  -4.623  10.295  1.00 58.00  ? 327 HOH   A O   1 
HETATM 1535 O O   . HOH   C 3 .   ? -1.878  -6.194  -11.199 1.00 31.43  ? 328 HOH   A O   1 
HETATM 1536 O O   . HOH   C 3 .   ? 13.811  -10.946 -3.751  1.00 47.23  ? 329 HOH   A O   1 
HETATM 1537 O O   A HOH   C 3 .   ? -0.974  -0.272  8.362   0.32 35.76  ? 330 HOH   A O   1 
HETATM 1538 O O   B HOH   C 3 .   ? -0.973  -0.271  8.363   0.32 35.78  ? 330 HOH   A O   1 
HETATM 1539 O O   C HOH   C 3 .   ? -1.458  -1.410  8.907   0.21 36.12  ? 330 HOH   A O   1 
HETATM 1540 O O   D HOH   C 3 .   ? -1.462  -1.391  8.899   0.15 36.54  ? 330 HOH   A O   1 
HETATM 1541 O O   . HOH   C 3 .   ? -0.048  6.141   -4.503  1.00 30.25  ? 331 HOH   A O   1 
HETATM 1542 O O   . HOH   C 3 .   ? -13.264 -2.901  4.812   1.00 49.55  ? 332 HOH   A O   1 
HETATM 1543 O O   . HOH   C 3 .   ? 2.495   -14.967 -6.945  1.00 44.66  ? 333 HOH   A O   1 
HETATM 1544 O O   . HOH   C 3 .   ? 13.668  -5.583  9.364   1.00 40.81  ? 334 HOH   A O   1 
HETATM 1545 O O   . HOH   C 3 .   ? -4.759  -6.416  -12.300 1.00 37.75  ? 335 HOH   A O   1 
HETATM 1546 O O   . HOH   C 3 .   ? 6.806   0.306   -17.567 1.00 45.28  ? 336 HOH   A O   1 
HETATM 1547 O O   . HOH   C 3 .   ? 0.829   -1.348  -15.526 1.00 29.90  ? 337 HOH   A O   1 
HETATM 1548 O O   . HOH   C 3 .   ? -0.678  -12.777 -0.136  1.00 51.34  ? 338 HOH   A O   1 
HETATM 1549 O O   . HOH   C 3 .   ? 17.101  -2.050  5.153   1.00 39.66  ? 339 HOH   A O   1 
HETATM 1550 O O   . HOH   C 3 .   ? 4.051   8.086   -17.540 1.00 55.49  ? 340 HOH   A O   1 
HETATM 1551 O O   . HOH   C 3 .   ? -4.881  -13.457 1.268   1.00 42.19  ? 341 HOH   A O   1 
HETATM 1552 O O   . HOH   C 3 .   ? -8.608  10.446  4.036   1.00 49.20  ? 342 HOH   A O   1 
HETATM 1553 O O   . HOH   C 3 .   ? 15.154  3.598   3.510   1.00 46.30  ? 343 HOH   A O   1 
HETATM 1554 O O   . HOH   C 3 .   ? 8.145   -6.396  -3.816  1.00 27.75  ? 344 HOH   A O   1 
HETATM 1555 O O   . HOH   C 3 .   ? 20.917  -1.447  -0.817  1.00 43.12  ? 345 HOH   A O   1 
HETATM 1556 O O   . HOH   C 3 .   ? 9.007   -4.193  -0.954  1.00 28.65  ? 346 HOH   A O   1 
HETATM 1557 O O   . HOH   C 3 .   ? -4.165  -9.501  -4.893  1.00 42.96  ? 347 HOH   A O   1 
HETATM 1558 O O   . HOH   C 3 .   ? 12.026  -5.320  -1.905  1.00 31.98  ? 348 HOH   A O   1 
HETATM 1559 O O   . HOH   C 3 .   ? 9.977   -3.863  -15.866 1.00 45.65  ? 349 HOH   A O   1 
HETATM 1560 O O   . HOH   C 3 .   ? 8.623   -15.160 1.165   1.00 39.33  ? 350 HOH   A O   1 
HETATM 1561 O O   . HOH   C 3 .   ? 14.323  -7.932  7.560   1.00 39.64  ? 351 HOH   A O   1 
HETATM 1562 O O   . HOH   C 3 .   ? -3.629  -12.907 5.982   1.00 55.78  ? 352 HOH   A O   1 
HETATM 1563 O O   . HOH   C 3 .   ? -11.836 0.239   -5.501  1.00 43.52  ? 353 HOH   A O   1 
HETATM 1564 O O   . HOH   C 3 .   ? -1.250  -0.437  -18.573 1.00 47.45  ? 354 HOH   A O   1 
HETATM 1565 O O   . HOH   C 3 .   ? -4.172  0.350   -18.967 1.00 45.44  ? 355 HOH   A O   1 
HETATM 1566 O O   . HOH   C 3 .   ? 8.007   6.232   -6.674  1.00 53.88  ? 356 HOH   A O   1 
HETATM 1567 O O   . HOH   C 3 .   ? 10.589  7.476   0.199   1.00 50.53  ? 357 HOH   A O   1 
HETATM 1568 O O   . HOH   C 3 .   ? -5.671  8.871   -3.642  1.00 54.08  ? 358 HOH   A O   1 
HETATM 1569 O O   . HOH   C 3 .   ? -5.194  -8.315  13.143  1.00 53.07  ? 359 HOH   A O   1 
HETATM 1570 O O   . HOH   C 3 .   ? 3.104   1.185   -18.124 1.00 39.41  ? 360 HOH   A O   1 
HETATM 1571 O O   A HOH   C 3 .   ? 1.025   6.396   4.929   0.32 51.24  ? 361 HOH   A O   1 
HETATM 1572 O O   B HOH   C 3 .   ? 1.024   6.395   4.927   0.32 51.29  ? 361 HOH   A O   1 
HETATM 1573 O O   . HOH   C 3 .   ? -10.659 1.047   -11.597 1.00 51.38  ? 362 HOH   A O   1 
HETATM 1574 O O   . HOH   C 3 .   ? 13.549  -3.298  -9.554  1.00 41.99  ? 363 HOH   A O   1 
HETATM 1575 O O   . HOH   C 3 .   ? 2.071   -8.180  -16.508 1.00 30.31  ? 364 HOH   A O   1 
HETATM 1576 O O   A HOH   C 3 .   ? 12.717  -18.524 6.908   0.50 54.58  ? 365 HOH   A O   1 
HETATM 1577 O O   B HOH   C 3 .   ? 12.717  -18.524 6.908   0.50 54.58  ? 365 HOH   A O   1 
HETATM 1578 O O   . HOH   C 3 .   ? 11.630  2.668   -1.746  1.00 40.95  ? 366 HOH   A O   1 
HETATM 1579 O O   . HOH   C 3 .   ? 16.492  -5.024  9.836   1.00 55.53  ? 367 HOH   A O   1 
HETATM 1580 O O   . HOH   C 3 .   ? -2.269  -12.712 8.242   1.00 44.67  ? 368 HOH   A O   1 
HETATM 1581 O O   . HOH   C 3 .   ? -9.464  8.321   -3.065  1.00 50.90  ? 369 HOH   A O   1 
HETATM 1582 O O   . HOH   C 3 .   ? 2.020   -12.016 12.826  1.00 69.33  ? 370 HOH   A O   1 
HETATM 1583 O O   . HOH   C 3 .   ? 9.494   -12.953 -16.211 1.00 56.29  ? 371 HOH   A O   1 
HETATM 1584 O O   . HOH   C 3 .   ? -13.475 -6.834  10.701  0.50 53.01  ? 372 HOH   A O   1 
HETATM 1585 O O   . HOH   C 3 .   ? 3.448   -16.944 2.721   1.00 47.79  ? 373 HOH   A O   1 
HETATM 1586 O O   . HOH   C 3 .   ? 14.600  -2.468  -8.060  1.00 51.98  ? 374 HOH   A O   1 
HETATM 1587 O O   . HOH   C 3 .   ? 9.155   -7.636  -17.196 1.00 52.29  ? 375 HOH   A O   1 
HETATM 1588 O O   . HOH   C 3 .   ? 4.070   8.285   -10.430 1.00 47.77  ? 376 HOH   A O   1 
HETATM 1589 O O   . HOH   C 3 .   ? -1.759  7.615   -5.875  1.00 47.08  ? 377 HOH   A O   1 
HETATM 1590 O O   . HOH   C 3 .   ? 16.720  -8.109  6.292   1.00 48.83  ? 378 HOH   A O   1 
HETATM 1591 O O   . HOH   C 3 .   ? 3.843   -17.875 -7.374  1.00 57.55  ? 379 HOH   A O   1 
HETATM 1592 O O   . HOH   C 3 .   ? 13.456  -9.758  9.705   1.00 55.93  ? 380 HOH   A O   1 
HETATM 1593 O O   . HOH   C 3 .   ? 12.644  -4.262  -15.147 1.00 61.25  ? 381 HOH   A O   1 
# 
